data_1G43
# 
_entry.id   1G43 
# 
_audit_conform.dict_name       mmcif_pdbx.dic 
_audit_conform.dict_version    5.376 
_audit_conform.dict_location   http://mmcif.pdb.org/dictionaries/ascii/mmcif_pdbx.dic 
# 
loop_
_database_2.database_id 
_database_2.database_code 
_database_2.pdbx_database_accession 
_database_2.pdbx_DOI 
PDB   1G43         pdb_00001g43 10.2210/pdb1g43/pdb 
RCSB  RCSB012207   ?            ?                   
WWPDB D_1000012207 ?            ?                   
# 
_pdbx_database_status.status_code                     REL 
_pdbx_database_status.entry_id                        1G43 
_pdbx_database_status.recvd_initial_deposition_date   2000-10-26 
_pdbx_database_status.deposit_site                    RCSB 
_pdbx_database_status.process_site                    RCSB 
_pdbx_database_status.status_code_sf                  REL 
_pdbx_database_status.SG_entry                        . 
_pdbx_database_status.status_code_mr                  ? 
_pdbx_database_status.status_code_cs                  ? 
_pdbx_database_status.pdb_format_compatible           Y 
_pdbx_database_status.status_code_nmr_data            ? 
_pdbx_database_status.methods_development_category    ? 
# 
loop_
_audit_author.name 
_audit_author.pdbx_ordinal 
'Shimon, L.J.W.' 1 
'Pages, S.'      2 
'Belaich, A.'    3 
'Belaich, J.-P.' 4 
'Bayer, E.A.'    5 
'Lamed, R.'      6 
'Shoham, Y.'     7 
'Frolow, F.'     8 
# 
_citation.id                        primary 
_citation.title                     
'Structure of a family IIIa scaffoldin CBD from the cellulosome of Clostridium cellulolyticum at 2.2 A resolution.' 
_citation.journal_abbrev            'Acta Crystallogr.,Sect.D' 
_citation.journal_volume            56 
_citation.page_first                1560 
_citation.page_last                 1568 
_citation.year                      2000 
_citation.journal_id_ASTM           ABCRE6 
_citation.country                   DK 
_citation.journal_id_ISSN           0907-4449 
_citation.journal_id_CSD            0766 
_citation.book_publisher            ? 
_citation.pdbx_database_id_PubMed   11092922 
_citation.pdbx_database_id_DOI      10.1107/S0907444900012889 
# 
loop_
_citation_author.citation_id 
_citation_author.name 
_citation_author.ordinal 
_citation_author.identifier_ORCID 
primary 'Shimon, L.J.'  1 ? 
primary 'Pages, S.'     2 ? 
primary 'Belaich, A.'   3 ? 
primary 'Belaich, J.P.' 4 ? 
primary 'Bayer, E.A.'   5 ? 
primary 'Lamed, R.'     6 ? 
primary 'Shoham, Y.'    7 ? 
primary 'Frolow, F.'    8 ? 
# 
_cell.entry_id           1G43 
_cell.length_a           46.860 
_cell.length_b           46.860 
_cell.length_c           244.121 
_cell.angle_alpha        90.00 
_cell.angle_beta         90.00 
_cell.angle_gamma        120.00 
_cell.Z_PDB              12 
_cell.pdbx_unique_axis   ? 
_cell.length_a_esd       ? 
_cell.length_b_esd       ? 
_cell.length_c_esd       ? 
_cell.angle_alpha_esd    ? 
_cell.angle_beta_esd     ? 
_cell.angle_gamma_esd    ? 
# 
_symmetry.entry_id                         1G43 
_symmetry.space_group_name_H-M             'P 65 2 2' 
_symmetry.pdbx_full_space_group_name_H-M   ? 
_symmetry.cell_setting                     ? 
_symmetry.Int_Tables_number                179 
_symmetry.space_group_name_Hall            ? 
# 
loop_
_entity.id 
_entity.type 
_entity.src_method 
_entity.pdbx_description 
_entity.formula_weight 
_entity.pdbx_number_of_molecules 
_entity.pdbx_ec 
_entity.pdbx_mutation 
_entity.pdbx_fragment 
_entity.details 
1 polymer     man 'SCAFFOLDING PROTEIN' 17156.625 1  ? ? 'RESIDUE 28-187' ? 
2 non-polymer syn 'CALCIUM ION'         40.078    1  ? ? ?                ? 
3 non-polymer syn 'ZINC ION'            65.409    2  ? ? ?                ? 
4 water       nat water                 18.015    97 ? ? ?                ? 
# 
_entity_poly.entity_id                      1 
_entity_poly.type                           'polypeptide(L)' 
_entity_poly.nstd_linkage                   no 
_entity_poly.nstd_monomer                   no 
_entity_poly.pdbx_seq_one_letter_code       
;AGTGVVSVQFNNGSSPASSNSIYARFKVTNTSGSPINLADLKLRYYYTQDADKPLTFWCDHAGYMSGSNYIDATSKVTGS
FKAVSPAVTNADHYLEVALNSDAGSLPAGGSIEIQTRFARNDWSNFDQSNDWSYTAAGSYMDWQKISAFVGGTLAYGSTP
;
_entity_poly.pdbx_seq_one_letter_code_can   
;AGTGVVSVQFNNGSSPASSNSIYARFKVTNTSGSPINLADLKLRYYYTQDADKPLTFWCDHAGYMSGSNYIDATSKVTGS
FKAVSPAVTNADHYLEVALNSDAGSLPAGGSIEIQTRFARNDWSNFDQSNDWSYTAAGSYMDWQKISAFVGGTLAYGSTP
;
_entity_poly.pdbx_strand_id                 A 
_entity_poly.pdbx_target_identifier         ? 
# 
loop_
_entity_poly_seq.entity_id 
_entity_poly_seq.num 
_entity_poly_seq.mon_id 
_entity_poly_seq.hetero 
1 1   ALA n 
1 2   GLY n 
1 3   THR n 
1 4   GLY n 
1 5   VAL n 
1 6   VAL n 
1 7   SER n 
1 8   VAL n 
1 9   GLN n 
1 10  PHE n 
1 11  ASN n 
1 12  ASN n 
1 13  GLY n 
1 14  SER n 
1 15  SER n 
1 16  PRO n 
1 17  ALA n 
1 18  SER n 
1 19  SER n 
1 20  ASN n 
1 21  SER n 
1 22  ILE n 
1 23  TYR n 
1 24  ALA n 
1 25  ARG n 
1 26  PHE n 
1 27  LYS n 
1 28  VAL n 
1 29  THR n 
1 30  ASN n 
1 31  THR n 
1 32  SER n 
1 33  GLY n 
1 34  SER n 
1 35  PRO n 
1 36  ILE n 
1 37  ASN n 
1 38  LEU n 
1 39  ALA n 
1 40  ASP n 
1 41  LEU n 
1 42  LYS n 
1 43  LEU n 
1 44  ARG n 
1 45  TYR n 
1 46  TYR n 
1 47  TYR n 
1 48  THR n 
1 49  GLN n 
1 50  ASP n 
1 51  ALA n 
1 52  ASP n 
1 53  LYS n 
1 54  PRO n 
1 55  LEU n 
1 56  THR n 
1 57  PHE n 
1 58  TRP n 
1 59  CYS n 
1 60  ASP n 
1 61  HIS n 
1 62  ALA n 
1 63  GLY n 
1 64  TYR n 
1 65  MET n 
1 66  SER n 
1 67  GLY n 
1 68  SER n 
1 69  ASN n 
1 70  TYR n 
1 71  ILE n 
1 72  ASP n 
1 73  ALA n 
1 74  THR n 
1 75  SER n 
1 76  LYS n 
1 77  VAL n 
1 78  THR n 
1 79  GLY n 
1 80  SER n 
1 81  PHE n 
1 82  LYS n 
1 83  ALA n 
1 84  VAL n 
1 85  SER n 
1 86  PRO n 
1 87  ALA n 
1 88  VAL n 
1 89  THR n 
1 90  ASN n 
1 91  ALA n 
1 92  ASP n 
1 93  HIS n 
1 94  TYR n 
1 95  LEU n 
1 96  GLU n 
1 97  VAL n 
1 98  ALA n 
1 99  LEU n 
1 100 ASN n 
1 101 SER n 
1 102 ASP n 
1 103 ALA n 
1 104 GLY n 
1 105 SER n 
1 106 LEU n 
1 107 PRO n 
1 108 ALA n 
1 109 GLY n 
1 110 GLY n 
1 111 SER n 
1 112 ILE n 
1 113 GLU n 
1 114 ILE n 
1 115 GLN n 
1 116 THR n 
1 117 ARG n 
1 118 PHE n 
1 119 ALA n 
1 120 ARG n 
1 121 ASN n 
1 122 ASP n 
1 123 TRP n 
1 124 SER n 
1 125 ASN n 
1 126 PHE n 
1 127 ASP n 
1 128 GLN n 
1 129 SER n 
1 130 ASN n 
1 131 ASP n 
1 132 TRP n 
1 133 SER n 
1 134 TYR n 
1 135 THR n 
1 136 ALA n 
1 137 ALA n 
1 138 GLY n 
1 139 SER n 
1 140 TYR n 
1 141 MET n 
1 142 ASP n 
1 143 TRP n 
1 144 GLN n 
1 145 LYS n 
1 146 ILE n 
1 147 SER n 
1 148 ALA n 
1 149 PHE n 
1 150 VAL n 
1 151 GLY n 
1 152 GLY n 
1 153 THR n 
1 154 LEU n 
1 155 ALA n 
1 156 TYR n 
1 157 GLY n 
1 158 SER n 
1 159 THR n 
1 160 PRO n 
# 
_entity_src_gen.entity_id                          1 
_entity_src_gen.pdbx_src_id                        1 
_entity_src_gen.pdbx_alt_source_flag               sample 
_entity_src_gen.pdbx_seq_type                      ? 
_entity_src_gen.pdbx_beg_seq_num                   ? 
_entity_src_gen.pdbx_end_seq_num                   ? 
_entity_src_gen.gene_src_common_name               ? 
_entity_src_gen.gene_src_genus                     Clostridium 
_entity_src_gen.pdbx_gene_src_gene                 ? 
_entity_src_gen.gene_src_species                   ? 
_entity_src_gen.gene_src_strain                    ? 
_entity_src_gen.gene_src_tissue                    ? 
_entity_src_gen.gene_src_tissue_fraction           ? 
_entity_src_gen.gene_src_details                   ? 
_entity_src_gen.pdbx_gene_src_fragment             ? 
_entity_src_gen.pdbx_gene_src_scientific_name      'Clostridium cellulolyticum' 
_entity_src_gen.pdbx_gene_src_ncbi_taxonomy_id     1521 
_entity_src_gen.pdbx_gene_src_variant              ? 
_entity_src_gen.pdbx_gene_src_cell_line            ? 
_entity_src_gen.pdbx_gene_src_atcc                 ? 
_entity_src_gen.pdbx_gene_src_organ                ? 
_entity_src_gen.pdbx_gene_src_organelle            ? 
_entity_src_gen.pdbx_gene_src_cell                 ? 
_entity_src_gen.pdbx_gene_src_cellular_location    ? 
_entity_src_gen.host_org_common_name               ? 
_entity_src_gen.pdbx_host_org_scientific_name      'Escherichia coli' 
_entity_src_gen.pdbx_host_org_ncbi_taxonomy_id     562 
_entity_src_gen.host_org_genus                     Escherichia 
_entity_src_gen.pdbx_host_org_gene                 ? 
_entity_src_gen.pdbx_host_org_organ                ? 
_entity_src_gen.host_org_species                   ? 
_entity_src_gen.pdbx_host_org_tissue               ? 
_entity_src_gen.pdbx_host_org_tissue_fraction      ? 
_entity_src_gen.pdbx_host_org_strain               ? 
_entity_src_gen.pdbx_host_org_variant              ? 
_entity_src_gen.pdbx_host_org_cell_line            ? 
_entity_src_gen.pdbx_host_org_atcc                 ? 
_entity_src_gen.pdbx_host_org_culture_collection   ? 
_entity_src_gen.pdbx_host_org_cell                 ? 
_entity_src_gen.pdbx_host_org_organelle            ? 
_entity_src_gen.pdbx_host_org_cellular_location    ? 
_entity_src_gen.pdbx_host_org_vector_type          ? 
_entity_src_gen.pdbx_host_org_vector               ? 
_entity_src_gen.host_org_details                   ? 
_entity_src_gen.expression_system_id               ? 
_entity_src_gen.plasmid_name                       ? 
_entity_src_gen.plasmid_details                    ? 
_entity_src_gen.pdbx_description                   ? 
# 
_struct_ref.id                         1 
_struct_ref.db_name                    UNP 
_struct_ref.db_code                    Q45996_CLOCE 
_struct_ref.entity_id                  1 
_struct_ref.pdbx_db_accession          Q45996 
_struct_ref.pdbx_align_begin           28 
_struct_ref.pdbx_seq_one_letter_code   
;AGTGVVSVQFNNGSSPASSNSIYARFKVTNTSGSPINLADLKLRYYYTQDADKPLTFLGDHAGYMSGSNYIDATSKVTGS
FKAVSPAVTNADHYLEVALNSDAGSLPAGGSIEIQTRFARNDWSNFDQSNDWSYTAAGSYMDWQKISAFVGGTLAYGSTP

;
_struct_ref.pdbx_db_isoform            ? 
# 
_struct_ref_seq.align_id                      1 
_struct_ref_seq.ref_id                        1 
_struct_ref_seq.pdbx_PDB_id_code              1G43 
_struct_ref_seq.pdbx_strand_id                A 
_struct_ref_seq.seq_align_beg                 1 
_struct_ref_seq.pdbx_seq_align_beg_ins_code   ? 
_struct_ref_seq.seq_align_end                 160 
_struct_ref_seq.pdbx_seq_align_end_ins_code   ? 
_struct_ref_seq.pdbx_db_accession             Q45996 
_struct_ref_seq.db_align_beg                  28 
_struct_ref_seq.pdbx_db_align_beg_ins_code    ? 
_struct_ref_seq.db_align_end                  187 
_struct_ref_seq.pdbx_db_align_end_ins_code    ? 
_struct_ref_seq.pdbx_auth_seq_align_beg       1 
_struct_ref_seq.pdbx_auth_seq_align_end       160 
# 
loop_
_struct_ref_seq_dif.align_id 
_struct_ref_seq_dif.pdbx_pdb_id_code 
_struct_ref_seq_dif.mon_id 
_struct_ref_seq_dif.pdbx_pdb_strand_id 
_struct_ref_seq_dif.seq_num 
_struct_ref_seq_dif.pdbx_pdb_ins_code 
_struct_ref_seq_dif.pdbx_seq_db_name 
_struct_ref_seq_dif.pdbx_seq_db_accession_code 
_struct_ref_seq_dif.db_mon_id 
_struct_ref_seq_dif.pdbx_seq_db_seq_num 
_struct_ref_seq_dif.details 
_struct_ref_seq_dif.pdbx_auth_seq_num 
_struct_ref_seq_dif.pdbx_ordinal 
1 1G43 TRP A 58 ? UNP Q45996 LEU 85 'SEE REMARK 999' 58 1 
1 1G43 CYS A 59 ? UNP Q45996 GLY 86 'SEE REMARK 999' 59 2 
# 
loop_
_chem_comp.id 
_chem_comp.type 
_chem_comp.mon_nstd_flag 
_chem_comp.name 
_chem_comp.pdbx_synonyms 
_chem_comp.formula 
_chem_comp.formula_weight 
ALA 'L-peptide linking' y ALANINE         ? 'C3 H7 N O2'     89.093  
ARG 'L-peptide linking' y ARGININE        ? 'C6 H15 N4 O2 1' 175.209 
ASN 'L-peptide linking' y ASPARAGINE      ? 'C4 H8 N2 O3'    132.118 
ASP 'L-peptide linking' y 'ASPARTIC ACID' ? 'C4 H7 N O4'     133.103 
CA  non-polymer         . 'CALCIUM ION'   ? 'Ca 2'           40.078  
CYS 'L-peptide linking' y CYSTEINE        ? 'C3 H7 N O2 S'   121.158 
GLN 'L-peptide linking' y GLUTAMINE       ? 'C5 H10 N2 O3'   146.144 
GLU 'L-peptide linking' y 'GLUTAMIC ACID' ? 'C5 H9 N O4'     147.129 
GLY 'peptide linking'   y GLYCINE         ? 'C2 H5 N O2'     75.067  
HIS 'L-peptide linking' y HISTIDINE       ? 'C6 H10 N3 O2 1' 156.162 
HOH non-polymer         . WATER           ? 'H2 O'           18.015  
ILE 'L-peptide linking' y ISOLEUCINE      ? 'C6 H13 N O2'    131.173 
LEU 'L-peptide linking' y LEUCINE         ? 'C6 H13 N O2'    131.173 
LYS 'L-peptide linking' y LYSINE          ? 'C6 H15 N2 O2 1' 147.195 
MET 'L-peptide linking' y METHIONINE      ? 'C5 H11 N O2 S'  149.211 
PHE 'L-peptide linking' y PHENYLALANINE   ? 'C9 H11 N O2'    165.189 
PRO 'L-peptide linking' y PROLINE         ? 'C5 H9 N O2'     115.130 
SER 'L-peptide linking' y SERINE          ? 'C3 H7 N O3'     105.093 
THR 'L-peptide linking' y THREONINE       ? 'C4 H9 N O3'     119.119 
TRP 'L-peptide linking' y TRYPTOPHAN      ? 'C11 H12 N2 O2'  204.225 
TYR 'L-peptide linking' y TYROSINE        ? 'C9 H11 N O3'    181.189 
VAL 'L-peptide linking' y VALINE          ? 'C5 H11 N O2'    117.146 
ZN  non-polymer         . 'ZINC ION'      ? 'Zn 2'           65.409  
# 
_exptl.entry_id          1G43 
_exptl.method            'X-RAY DIFFRACTION' 
_exptl.crystals_number   1 
# 
_exptl_crystal.id                    1 
_exptl_crystal.density_meas          ? 
_exptl_crystal.density_Matthews      2.25 
_exptl_crystal.density_percent_sol   45.43 
_exptl_crystal.description           ? 
_exptl_crystal.F_000                 ? 
_exptl_crystal.preparation           ? 
# 
_exptl_crystal_grow.crystal_id      1 
_exptl_crystal_grow.method          'VAPOR DIFFUSION, HANGING DROP' 
_exptl_crystal_grow.temp            295.0 
_exptl_crystal_grow.temp_details    ? 
_exptl_crystal_grow.pH              6.5 
_exptl_crystal_grow.pdbx_details    'PEG 8000, zinc acetate, cacodylate, pH 6.5, VAPOR DIFFUSION, HANGING DROP, temperature 295.0K' 
_exptl_crystal_grow.pdbx_pH_range   . 
# 
_diffrn.id                     1 
_diffrn.ambient_temp           298.0 
_diffrn.ambient_temp_details   ? 
_diffrn.crystal_id             1 
# 
_diffrn_detector.diffrn_id              1 
_diffrn_detector.detector               'IMAGE PLATE' 
_diffrn_detector.type                   'RIGAKU RAXIS IIC' 
_diffrn_detector.pdbx_collection_date   1998-05-04 
_diffrn_detector.details                mirrors 
# 
_diffrn_radiation.diffrn_id                        1 
_diffrn_radiation.wavelength_id                    1 
_diffrn_radiation.pdbx_monochromatic_or_laue_m_l   M 
_diffrn_radiation.monochromator                    'Yale mirrors' 
_diffrn_radiation.pdbx_diffrn_protocol             'SINGLE WAVELENGTH' 
_diffrn_radiation.pdbx_scattering_type             x-ray 
# 
_diffrn_radiation_wavelength.id           1 
_diffrn_radiation_wavelength.wavelength   1.5418 
_diffrn_radiation_wavelength.wt           1.0 
# 
_diffrn_source.diffrn_id                   1 
_diffrn_source.source                      'ROTATING ANODE' 
_diffrn_source.type                        'RIGAKU FR-C' 
_diffrn_source.pdbx_synchrotron_site       ? 
_diffrn_source.pdbx_synchrotron_beamline   ? 
_diffrn_source.pdbx_wavelength             ? 
_diffrn_source.pdbx_wavelength_list        1.5418 
# 
_reflns.entry_id                     1G43 
_reflns.observed_criterion_sigma_I   0.0 
_reflns.observed_criterion_sigma_F   0.0 
_reflns.d_resolution_low             19.69 
_reflns.d_resolution_high            2.20 
_reflns.number_obs                   8466 
_reflns.number_all                   8466 
_reflns.percent_possible_obs         94.3 
_reflns.pdbx_Rmerge_I_obs            0.0730000 
_reflns.pdbx_Rsym_value              ? 
_reflns.pdbx_netI_over_sigmaI        25.9 
_reflns.B_iso_Wilson_estimate        15.0 
_reflns.pdbx_redundancy              4.8 
_reflns.R_free_details               ? 
_reflns.limit_h_max                  ? 
_reflns.limit_h_min                  ? 
_reflns.limit_k_max                  ? 
_reflns.limit_k_min                  ? 
_reflns.limit_l_max                  ? 
_reflns.limit_l_min                  ? 
_reflns.observed_criterion_F_max     ? 
_reflns.observed_criterion_F_min     ? 
_reflns.pdbx_chi_squared             ? 
_reflns.pdbx_scaling_rejects         ? 
_reflns.pdbx_ordinal                 1 
_reflns.pdbx_diffrn_id               1 
# 
_reflns_shell.d_res_high             2.20 
_reflns_shell.d_res_low              2.34 
_reflns_shell.percent_possible_all   78.7 
_reflns_shell.Rmerge_I_obs           0.3370000 
_reflns_shell.pdbx_Rsym_value        ? 
_reflns_shell.meanI_over_sigI_obs    ? 
_reflns_shell.pdbx_redundancy        4.8 
_reflns_shell.percent_possible_obs   ? 
_reflns_shell.number_unique_all      ? 
_reflns_shell.number_measured_all    ? 
_reflns_shell.number_measured_obs    ? 
_reflns_shell.number_unique_obs      ? 
_reflns_shell.pdbx_chi_squared       ? 
_reflns_shell.pdbx_ordinal           1 
_reflns_shell.pdbx_diffrn_id         1 
# 
_refine.entry_id                                 1G43 
_refine.ls_number_reflns_obs                     8250 
_refine.ls_number_reflns_all                     8250 
_refine.pdbx_ls_sigma_I                          0.0 
_refine.pdbx_ls_sigma_F                          0.0 
_refine.pdbx_data_cutoff_high_absF               ? 
_refine.pdbx_data_cutoff_low_absF                ? 
_refine.ls_d_res_low                             19.69 
_refine.ls_d_res_high                            2.20 
_refine.ls_percent_reflns_obs                    ? 
_refine.ls_R_factor_obs                          0.1900000 
_refine.ls_R_factor_all                          0.1900000 
_refine.ls_R_factor_R_work                       0.1900000 
_refine.ls_R_factor_R_free                       0.2640000 
_refine.ls_R_factor_R_free_error                 ? 
_refine.ls_R_factor_R_free_error_details         ? 
_refine.ls_percent_reflns_R_free                 ? 
_refine.ls_number_reflns_R_free                  865 
_refine.ls_number_parameters                     ? 
_refine.ls_number_restraints                     ? 
_refine.occupancy_min                            ? 
_refine.occupancy_max                            ? 
_refine.B_iso_mean                               29.4 
_refine.aniso_B[1][1]                            1.65 
_refine.aniso_B[2][2]                            1.65 
_refine.aniso_B[3][3]                            -3.31 
_refine.aniso_B[1][2]                            -4.54 
_refine.aniso_B[1][3]                            0.0 
_refine.aniso_B[2][3]                            0.0 
_refine.solvent_model_details                    ? 
_refine.solvent_model_param_ksol                 ? 
_refine.solvent_model_param_bsol                 ? 
_refine.pdbx_ls_cross_valid_method               THROUGHOUT 
_refine.details                                  ? 
_refine.pdbx_starting_model                      'PDB Entry 1nbc' 
_refine.pdbx_method_to_determine_struct          'MOLECULAR REPLACEMENT' 
_refine.pdbx_isotropic_thermal_model             ? 
_refine.pdbx_stereochemistry_target_values       'Engh & Huber' 
_refine.pdbx_stereochem_target_val_spec_case     ? 
_refine.pdbx_R_Free_selection_details            random 
_refine.pdbx_overall_ESU_R_Free                  ? 
_refine.overall_SU_B                             ? 
_refine.ls_redundancy_reflns_obs                 ? 
_refine.B_iso_min                                ? 
_refine.B_iso_max                                ? 
_refine.overall_SU_ML                            ? 
_refine.pdbx_overall_ESU_R                       ? 
_refine.pdbx_data_cutoff_high_rms_absF           ? 
_refine.pdbx_refine_id                           'X-RAY DIFFRACTION' 
_refine.pdbx_overall_phase_error                 ? 
_refine.correlation_coeff_Fo_to_Fc               ? 
_refine.correlation_coeff_Fo_to_Fc_free          ? 
_refine.pdbx_solvent_vdw_probe_radii             ? 
_refine.pdbx_solvent_ion_probe_radii             ? 
_refine.pdbx_solvent_shrinkage_radii             ? 
_refine.overall_SU_R_Cruickshank_DPI             ? 
_refine.overall_SU_R_free                        ? 
_refine.ls_wR_factor_R_free                      ? 
_refine.ls_wR_factor_R_work                      ? 
_refine.overall_FOM_free_R_set                   ? 
_refine.overall_FOM_work_R_set                   ? 
_refine.pdbx_diffrn_id                           1 
_refine.pdbx_TLS_residual_ADP_flag               ? 
_refine.pdbx_overall_SU_R_free_Cruickshank_DPI   ? 
_refine.pdbx_overall_SU_R_Blow_DPI               ? 
_refine.pdbx_overall_SU_R_free_Blow_DPI          ? 
# 
_refine_analyze.entry_id                        1G43 
_refine_analyze.Luzzati_coordinate_error_obs    0.25 
_refine_analyze.Luzzati_sigma_a_obs             0.23 
_refine_analyze.Luzzati_d_res_low_obs           5.00 
_refine_analyze.Luzzati_coordinate_error_free   0.35 
_refine_analyze.Luzzati_sigma_a_free            0.25 
_refine_analyze.Luzzati_d_res_low_free          ? 
_refine_analyze.number_disordered_residues      ? 
_refine_analyze.occupancy_sum_hydrogen          ? 
_refine_analyze.occupancy_sum_non_hydrogen      ? 
_refine_analyze.pdbx_Luzzati_d_res_high_obs     ? 
_refine_analyze.pdbx_refine_id                  'X-RAY DIFFRACTION' 
# 
_refine_hist.pdbx_refine_id                   'X-RAY DIFFRACTION' 
_refine_hist.cycle_id                         LAST 
_refine_hist.pdbx_number_atoms_protein        1212 
_refine_hist.pdbx_number_atoms_nucleic_acid   0 
_refine_hist.pdbx_number_atoms_ligand         3 
_refine_hist.number_atoms_solvent             97 
_refine_hist.number_atoms_total               1312 
_refine_hist.d_res_high                       2.20 
_refine_hist.d_res_low                        19.69 
# 
loop_
_refine_ls_restr.type 
_refine_ls_restr.dev_ideal 
_refine_ls_restr.dev_ideal_target 
_refine_ls_restr.weight 
_refine_ls_restr.number 
_refine_ls_restr.pdbx_refine_id 
_refine_ls_restr.pdbx_restraint_function 
c_bond_d           0.012 ? ? ? 'X-RAY DIFFRACTION' ? 
c_angle_d          1.7   ? ? ? 'X-RAY DIFFRACTION' ? 
c_dihedral_angle_d 27.9  ? ? ? 'X-RAY DIFFRACTION' ? 
c_improper_angle_d 0.99  ? ? ? 'X-RAY DIFFRACTION' ? 
# 
_refine_ls_shell.pdbx_total_number_of_bins_used   ? 
_refine_ls_shell.d_res_high                       2.20 
_refine_ls_shell.d_res_low                        2.34 
_refine_ls_shell.number_reflns_R_work             ? 
_refine_ls_shell.R_factor_R_work                  0.2300000 
_refine_ls_shell.percent_reflns_obs               78 
_refine_ls_shell.R_factor_R_free                  0.2810000 
_refine_ls_shell.R_factor_R_free_error            0.026 
_refine_ls_shell.percent_reflns_R_free            ? 
_refine_ls_shell.number_reflns_R_free             118 
_refine_ls_shell.number_reflns_obs                1006 
_refine_ls_shell.redundancy_reflns_obs            ? 
_refine_ls_shell.number_reflns_all                ? 
_refine_ls_shell.pdbx_refine_id                   'X-RAY DIFFRACTION' 
_refine_ls_shell.R_factor_all                     ? 
# 
_struct.entry_id                  1G43 
_struct.title                     'CRYSTAL STRUCTURE OF A FAMILY IIIA CBD FROM CLOSTRIDIUM CELLULOLYTICUM' 
_struct.pdbx_model_details        ? 
_struct.pdbx_CASP_flag            ? 
_struct.pdbx_model_type_details   ? 
# 
_struct_keywords.entry_id        1G43 
_struct_keywords.pdbx_keywords   'STRUCTURAL PROTEIN' 
_struct_keywords.text            'beta-sandwich, STRUCTURAL PROTEIN' 
# 
loop_
_struct_asym.id 
_struct_asym.pdbx_blank_PDB_chainid_flag 
_struct_asym.pdbx_modified 
_struct_asym.entity_id 
_struct_asym.details 
A N N 1 ? 
B N N 2 ? 
C N N 3 ? 
D N N 3 ? 
E N N 4 ? 
# 
_struct_biol.id                    1 
_struct_biol.pdbx_parent_biol_id   ? 
_struct_biol.details               ? 
# 
_struct_conf.conf_type_id            HELX_P 
_struct_conf.id                      HELX_P1 
_struct_conf.pdbx_PDB_helix_id       1 
_struct_conf.beg_label_comp_id       SER 
_struct_conf.beg_label_asym_id       A 
_struct_conf.beg_label_seq_id        129 
_struct_conf.pdbx_beg_PDB_ins_code   ? 
_struct_conf.end_label_comp_id       ASP 
_struct_conf.end_label_asym_id       A 
_struct_conf.end_label_seq_id        131 
_struct_conf.pdbx_end_PDB_ins_code   ? 
_struct_conf.beg_auth_comp_id        SER 
_struct_conf.beg_auth_asym_id        A 
_struct_conf.beg_auth_seq_id         129 
_struct_conf.end_auth_comp_id        ASP 
_struct_conf.end_auth_asym_id        A 
_struct_conf.end_auth_seq_id         131 
_struct_conf.pdbx_PDB_helix_class    5 
_struct_conf.details                 ? 
_struct_conf.pdbx_PDB_helix_length   3 
# 
_struct_conf_type.id          HELX_P 
_struct_conf_type.criteria    ? 
_struct_conf_type.reference   ? 
# 
loop_
_struct_conn.id 
_struct_conn.conn_type_id 
_struct_conn.pdbx_leaving_atom_flag 
_struct_conn.pdbx_PDB_id 
_struct_conn.ptnr1_label_asym_id 
_struct_conn.ptnr1_label_comp_id 
_struct_conn.ptnr1_label_seq_id 
_struct_conn.ptnr1_label_atom_id 
_struct_conn.pdbx_ptnr1_label_alt_id 
_struct_conn.pdbx_ptnr1_PDB_ins_code 
_struct_conn.pdbx_ptnr1_standard_comp_id 
_struct_conn.ptnr1_symmetry 
_struct_conn.ptnr2_label_asym_id 
_struct_conn.ptnr2_label_comp_id 
_struct_conn.ptnr2_label_seq_id 
_struct_conn.ptnr2_label_atom_id 
_struct_conn.pdbx_ptnr2_label_alt_id 
_struct_conn.pdbx_ptnr2_PDB_ins_code 
_struct_conn.ptnr1_auth_asym_id 
_struct_conn.ptnr1_auth_comp_id 
_struct_conn.ptnr1_auth_seq_id 
_struct_conn.ptnr2_auth_asym_id 
_struct_conn.ptnr2_auth_comp_id 
_struct_conn.ptnr2_auth_seq_id 
_struct_conn.ptnr2_symmetry 
_struct_conn.pdbx_ptnr3_label_atom_id 
_struct_conn.pdbx_ptnr3_label_seq_id 
_struct_conn.pdbx_ptnr3_label_comp_id 
_struct_conn.pdbx_ptnr3_label_asym_id 
_struct_conn.pdbx_ptnr3_label_alt_id 
_struct_conn.pdbx_ptnr3_PDB_ins_code 
_struct_conn.details 
_struct_conn.pdbx_dist_value 
_struct_conn.pdbx_value_order 
_struct_conn.pdbx_role 
metalc1  metalc ? ? A THR 48  OG1 ? ? ? 1_555 B CA  . CA ? ? A THR 48  A CA  200 1_555 ? ? ? ? ? ? ? 2.421 ? ? 
metalc2  metalc ? ? A THR 48  O   ? ? ? 1_555 B CA  . CA ? ? A THR 48  A CA  200 1_555 ? ? ? ? ? ? ? 2.424 ? ? 
metalc3  metalc ? ? A ASP 50  OD1 ? ? ? 1_555 B CA  . CA ? ? A ASP 50  A CA  200 1_555 ? ? ? ? ? ? ? 2.560 ? ? 
metalc4  metalc ? ? A ASP 50  OD2 ? ? ? 1_555 B CA  . CA ? ? A ASP 50  A CA  200 1_555 ? ? ? ? ? ? ? 2.524 ? ? 
metalc5  metalc ? ? A ASP 52  OD1 ? ? ? 7_645 C ZN  . ZN ? ? A ASP 52  A ZN  201 1_555 ? ? ? ? ? ? ? 2.228 ? ? 
metalc6  metalc ? ? A HIS 93  NE2 ? ? ? 1_555 C ZN  . ZN ? ? A HIS 93  A ZN  201 1_555 ? ? ? ? ? ? ? 1.981 ? ? 
metalc7  metalc ? ? A ASP 127 O   ? ? ? 1_555 B CA  . CA ? ? A ASP 127 A CA  200 1_555 ? ? ? ? ? ? ? 2.491 ? ? 
metalc8  metalc ? ? A ASN 130 OD1 ? ? ? 1_555 B CA  . CA ? ? A ASN 130 A CA  200 1_555 ? ? ? ? ? ? ? 2.487 ? ? 
metalc9  metalc ? ? A ASP 131 OD1 ? ? ? 1_555 B CA  . CA ? ? A ASP 131 A CA  200 1_555 ? ? ? ? ? ? ? 2.493 ? ? 
metalc10 metalc ? ? B CA  .   CA  ? ? ? 1_555 E HOH . O  ? ? A CA  200 A HOH 300 1_555 ? ? ? ? ? ? ? 2.766 ? ? 
metalc11 metalc ? ? C ZN  .   ZN  ? ? ? 1_555 E HOH . O  ? ? A ZN  201 A HOH 304 1_555 ? ? ? ? ? ? ? 1.478 ? ? 
metalc12 metalc ? ? C ZN  .   ZN  ? ? ? 1_555 E HOH . O  ? ? A ZN  201 A HOH 304 7_645 ? ? ? ? ? ? ? 2.722 ? ? 
metalc13 metalc ? ? C ZN  .   ZN  ? ? ? 1_555 E HOH . O  ? ? A ZN  201 A HOH 330 7_645 ? ? ? ? ? ? ? 1.938 ? ? 
metalc14 metalc ? ? D ZN  .   ZN  ? ? ? 1_555 E HOH . O  ? ? A ZN  202 A HOH 310 1_555 ? ? ? ? ? ? ? 2.259 ? ? 
metalc15 metalc ? ? D ZN  .   ZN  ? ? ? 1_555 E HOH . O  ? ? A ZN  202 A HOH 310 7_645 ? ? ? ? ? ? ? 2.257 ? ? 
metalc16 metalc ? ? D ZN  .   ZN  ? ? ? 1_555 E HOH . O  ? ? A ZN  202 A HOH 330 1_555 ? ? ? ? ? ? ? 1.513 ? ? 
metalc17 metalc ? ? D ZN  .   ZN  ? ? ? 1_555 E HOH . O  ? ? A ZN  202 A HOH 330 7_645 ? ? ? ? ? ? ? 1.514 ? ? 
# 
_struct_conn_type.id          metalc 
_struct_conn_type.criteria    ? 
_struct_conn_type.reference   ? 
# 
_struct_mon_prot_cis.pdbx_id                1 
_struct_mon_prot_cis.label_comp_id          SER 
_struct_mon_prot_cis.label_seq_id           85 
_struct_mon_prot_cis.label_asym_id          A 
_struct_mon_prot_cis.label_alt_id           . 
_struct_mon_prot_cis.pdbx_PDB_ins_code      ? 
_struct_mon_prot_cis.auth_comp_id           SER 
_struct_mon_prot_cis.auth_seq_id            85 
_struct_mon_prot_cis.auth_asym_id           A 
_struct_mon_prot_cis.pdbx_label_comp_id_2   PRO 
_struct_mon_prot_cis.pdbx_label_seq_id_2    86 
_struct_mon_prot_cis.pdbx_label_asym_id_2   A 
_struct_mon_prot_cis.pdbx_PDB_ins_code_2    ? 
_struct_mon_prot_cis.pdbx_auth_comp_id_2    PRO 
_struct_mon_prot_cis.pdbx_auth_seq_id_2     86 
_struct_mon_prot_cis.pdbx_auth_asym_id_2    A 
_struct_mon_prot_cis.pdbx_PDB_model_num     1 
_struct_mon_prot_cis.pdbx_omega_angle       -0.19 
# 
loop_
_struct_sheet.id 
_struct_sheet.type 
_struct_sheet.number_strands 
_struct_sheet.details 
A ? 5 ? 
B ? 2 ? 
C ? 2 ? 
D ? 5 ? 
# 
loop_
_struct_sheet_order.sheet_id 
_struct_sheet_order.range_id_1 
_struct_sheet_order.range_id_2 
_struct_sheet_order.offset 
_struct_sheet_order.sense 
A 1 2 ? anti-parallel 
A 2 3 ? anti-parallel 
A 3 4 ? anti-parallel 
A 4 5 ? anti-parallel 
B 1 2 ? anti-parallel 
C 1 2 ? anti-parallel 
D 1 2 ? anti-parallel 
D 2 3 ? anti-parallel 
D 3 4 ? anti-parallel 
D 4 5 ? anti-parallel 
# 
loop_
_struct_sheet_range.sheet_id 
_struct_sheet_range.id 
_struct_sheet_range.beg_label_comp_id 
_struct_sheet_range.beg_label_asym_id 
_struct_sheet_range.beg_label_seq_id 
_struct_sheet_range.pdbx_beg_PDB_ins_code 
_struct_sheet_range.end_label_comp_id 
_struct_sheet_range.end_label_asym_id 
_struct_sheet_range.end_label_seq_id 
_struct_sheet_range.pdbx_end_PDB_ins_code 
_struct_sheet_range.beg_auth_comp_id 
_struct_sheet_range.beg_auth_asym_id 
_struct_sheet_range.beg_auth_seq_id 
_struct_sheet_range.end_auth_comp_id 
_struct_sheet_range.end_auth_asym_id 
_struct_sheet_range.end_auth_seq_id 
A 1 VAL A 6   ? ASN A 11  ? VAL A 6   ASN A 11  
A 2 ILE A 22  ? ASN A 30  ? ILE A 22  ASN A 30  
A 3 SER A 111 ? ARG A 120 ? SER A 111 ARG A 120 
A 4 LEU A 55  ? SER A 66  ? LEU A 55  SER A 66  
A 5 ASN A 69  ? ASP A 72  ? ASN A 69  ASP A 72  
B 1 SER A 18  ? SER A 19  ? SER A 18  SER A 19  
B 2 PHE A 126 ? ASP A 127 ? PHE A 126 ASP A 127 
C 1 ILE A 36  ? ASN A 37  ? ILE A 36  ASN A 37  
C 2 SER A 105 ? LEU A 106 ? SER A 105 LEU A 106 
D 1 VAL A 77  ? VAL A 88  ? VAL A 77  VAL A 88  
D 2 ALA A 91  ? LEU A 99  ? ALA A 91  LEU A 99  
D 3 LEU A 41  ? TYR A 47  ? LEU A 41  TYR A 47  
D 4 SER A 147 ? VAL A 150 ? SER A 147 VAL A 150 
D 5 THR A 153 ? GLY A 157 ? THR A 153 GLY A 157 
# 
loop_
_pdbx_struct_sheet_hbond.sheet_id 
_pdbx_struct_sheet_hbond.range_id_1 
_pdbx_struct_sheet_hbond.range_id_2 
_pdbx_struct_sheet_hbond.range_1_label_atom_id 
_pdbx_struct_sheet_hbond.range_1_label_comp_id 
_pdbx_struct_sheet_hbond.range_1_label_asym_id 
_pdbx_struct_sheet_hbond.range_1_label_seq_id 
_pdbx_struct_sheet_hbond.range_1_PDB_ins_code 
_pdbx_struct_sheet_hbond.range_1_auth_atom_id 
_pdbx_struct_sheet_hbond.range_1_auth_comp_id 
_pdbx_struct_sheet_hbond.range_1_auth_asym_id 
_pdbx_struct_sheet_hbond.range_1_auth_seq_id 
_pdbx_struct_sheet_hbond.range_2_label_atom_id 
_pdbx_struct_sheet_hbond.range_2_label_comp_id 
_pdbx_struct_sheet_hbond.range_2_label_asym_id 
_pdbx_struct_sheet_hbond.range_2_label_seq_id 
_pdbx_struct_sheet_hbond.range_2_PDB_ins_code 
_pdbx_struct_sheet_hbond.range_2_auth_atom_id 
_pdbx_struct_sheet_hbond.range_2_auth_comp_id 
_pdbx_struct_sheet_hbond.range_2_auth_asym_id 
_pdbx_struct_sheet_hbond.range_2_auth_seq_id 
A 1 2 O ASN A 11  ? O ASN A 11  N ARG A 25  ? N ARG A 25  
A 2 3 N VAL A 28  ? N VAL A 28  O ILE A 112 ? O ILE A 112 
A 3 4 O ALA A 119 ? O ALA A 119 N THR A 56  ? N THR A 56  
A 4 5 O SER A 66  ? O SER A 66  N ASN A 69  ? N ASN A 69  
B 1 2 O SER A 19  ? O SER A 19  N PHE A 126 ? N PHE A 126 
C 1 2 O ILE A 36  ? O ILE A 36  N LEU A 106 ? N LEU A 106 
D 1 2 N VAL A 88  ? N VAL A 88  O ALA A 91  ? O ALA A 91  
D 2 3 N VAL A 97  ? N VAL A 97  O LEU A 43  ? O LEU A 43  
D 3 4 N ARG A 44  ? N ARG A 44  O SER A 147 ? O SER A 147 
D 4 5 N VAL A 150 ? N VAL A 150 O THR A 153 ? O THR A 153 
# 
loop_
_struct_site.id 
_struct_site.pdbx_evidence_code 
_struct_site.pdbx_auth_asym_id 
_struct_site.pdbx_auth_comp_id 
_struct_site.pdbx_auth_seq_id 
_struct_site.pdbx_auth_ins_code 
_struct_site.pdbx_num_residues 
_struct_site.details 
AC1 Software A CA 200 ? 6 'BINDING SITE FOR RESIDUE CA A 200' 
AC2 Software A ZN 201 ? 7 'BINDING SITE FOR RESIDUE ZN A 201' 
AC3 Software A ZN 202 ? 6 'BINDING SITE FOR RESIDUE ZN A 202' 
# 
loop_
_struct_site_gen.id 
_struct_site_gen.site_id 
_struct_site_gen.pdbx_num_res 
_struct_site_gen.label_comp_id 
_struct_site_gen.label_asym_id 
_struct_site_gen.label_seq_id 
_struct_site_gen.pdbx_auth_ins_code 
_struct_site_gen.auth_comp_id 
_struct_site_gen.auth_asym_id 
_struct_site_gen.auth_seq_id 
_struct_site_gen.label_atom_id 
_struct_site_gen.label_alt_id 
_struct_site_gen.symmetry 
_struct_site_gen.details 
1  AC1 6 THR A 48  ? THR A 48  . ? 1_555 ? 
2  AC1 6 ASP A 50  ? ASP A 50  . ? 1_555 ? 
3  AC1 6 ASP A 127 ? ASP A 127 . ? 1_555 ? 
4  AC1 6 ASN A 130 ? ASN A 130 . ? 1_555 ? 
5  AC1 6 ASP A 131 ? ASP A 131 . ? 1_555 ? 
6  AC1 6 HOH E .   ? HOH A 300 . ? 1_555 ? 
7  AC2 7 ASP A 52  ? ASP A 52  . ? 7_645 ? 
8  AC2 7 HIS A 93  ? HIS A 93  . ? 1_555 ? 
9  AC2 7 ZN  D .   ? ZN  A 202 . ? 7_645 ? 
10 AC2 7 ZN  D .   ? ZN  A 202 . ? 1_555 ? 
11 AC2 7 HOH E .   ? HOH A 304 . ? 7_645 ? 
12 AC2 7 HOH E .   ? HOH A 304 . ? 1_555 ? 
13 AC2 7 HOH E .   ? HOH A 330 . ? 7_645 ? 
14 AC3 6 ZN  C .   ? ZN  A 201 . ? 1_555 ? 
15 AC3 6 ZN  C .   ? ZN  A 201 . ? 7_645 ? 
16 AC3 6 HOH E .   ? HOH A 310 . ? 7_645 ? 
17 AC3 6 HOH E .   ? HOH A 310 . ? 1_555 ? 
18 AC3 6 HOH E .   ? HOH A 330 . ? 7_645 ? 
19 AC3 6 HOH E .   ? HOH A 330 . ? 1_555 ? 
# 
_atom_sites.entry_id                    1G43 
_atom_sites.fract_transf_matrix[1][1]   0.01234605 
_atom_sites.fract_transf_matrix[1][2]   0.02127551 
_atom_sites.fract_transf_matrix[1][3]   -0.00145962 
_atom_sites.fract_transf_matrix[2][1]   0.01019225 
_atom_sites.fract_transf_matrix[2][2]   0.00974194 
_atom_sites.fract_transf_matrix[2][3]   0.02020870 
_atom_sites.fract_transf_matrix[3][1]   0.00345984 
_atom_sites.fract_transf_matrix[3][2]   -0.00205933 
_atom_sites.fract_transf_matrix[3][3]   -0.00075223 
_atom_sites.fract_transf_vector[1]      0.809499 
_atom_sites.fract_transf_vector[2]      0.041822 
_atom_sites.fract_transf_vector[3]      0.288086 
# 
loop_
_atom_type.symbol 
C  
CA 
N  
O  
S  
ZN 
# 
loop_
_atom_site.group_PDB 
_atom_site.id 
_atom_site.type_symbol 
_atom_site.label_atom_id 
_atom_site.label_alt_id 
_atom_site.label_comp_id 
_atom_site.label_asym_id 
_atom_site.label_entity_id 
_atom_site.label_seq_id 
_atom_site.pdbx_PDB_ins_code 
_atom_site.Cartn_x 
_atom_site.Cartn_y 
_atom_site.Cartn_z 
_atom_site.occupancy 
_atom_site.B_iso_or_equiv 
_atom_site.pdbx_formal_charge 
_atom_site.auth_seq_id 
_atom_site.auth_comp_id 
_atom_site.auth_asym_id 
_atom_site.auth_atom_id 
_atom_site.pdbx_PDB_model_num 
ATOM   1    N  N   . ALA A 1 1   ? -0.474  -13.640 11.906  1.00 45.78 ? 1   ALA A N   1 
ATOM   2    C  CA  . ALA A 1 1   ? 0.948   -13.863 12.270  1.00 46.24 ? 1   ALA A CA  1 
ATOM   3    C  C   . ALA A 1 1   ? 1.718   -12.535 12.169  1.00 45.63 ? 1   ALA A C   1 
ATOM   4    O  O   . ALA A 1 1   ? 2.963   -12.505 12.064  1.00 45.23 ? 1   ALA A O   1 
ATOM   5    C  CB  . ALA A 1 1   ? 1.573   -14.940 11.335  1.00 45.70 ? 1   ALA A CB  1 
ATOM   6    N  N   . GLY A 1 2   ? 0.956   -11.438 12.222  1.00 44.90 ? 2   GLY A N   1 
ATOM   7    C  CA  . GLY A 1 2   ? 1.540   -10.111 12.137  1.00 43.60 ? 2   GLY A CA  1 
ATOM   8    C  C   . GLY A 1 2   ? 2.102   -9.696  13.475  1.00 43.63 ? 2   GLY A C   1 
ATOM   9    O  O   . GLY A 1 2   ? 1.503   -9.970  14.538  1.00 43.34 ? 2   GLY A O   1 
ATOM   10   N  N   . THR A 1 3   ? 3.246   -9.008  13.417  1.00 43.17 ? 3   THR A N   1 
ATOM   11   C  CA  . THR A 1 3   ? 3.972   -8.556  14.611  1.00 41.71 ? 3   THR A CA  1 
ATOM   12   C  C   . THR A 1 3   ? 3.358   -7.364  15.375  1.00 41.16 ? 3   THR A C   1 
ATOM   13   O  O   . THR A 1 3   ? 3.693   -7.138  16.551  1.00 42.32 ? 3   THR A O   1 
ATOM   14   C  CB  . THR A 1 3   ? 5.431   -8.224  14.241  1.00 41.49 ? 3   THR A CB  1 
ATOM   15   O  OG1 . THR A 1 3   ? 5.435   -7.320  13.122  1.00 41.57 ? 3   THR A OG1 1 
ATOM   16   C  CG2 . THR A 1 3   ? 6.197   -9.494  13.872  1.00 40.03 ? 3   THR A CG2 1 
ATOM   17   N  N   . GLY A 1 4   ? 2.486   -6.595  14.738  1.00 38.75 ? 4   GLY A N   1 
ATOM   18   C  CA  . GLY A 1 4   ? 1.860   -5.483  15.449  1.00 37.59 ? 4   GLY A CA  1 
ATOM   19   C  C   . GLY A 1 4   ? 2.788   -4.319  15.776  1.00 36.33 ? 4   GLY A C   1 
ATOM   20   O  O   . GLY A 1 4   ? 2.552   -3.551  16.711  1.00 36.07 ? 4   GLY A O   1 
ATOM   21   N  N   . VAL A 1 5   ? 3.857   -4.213  14.999  1.00 34.98 ? 5   VAL A N   1 
ATOM   22   C  CA  . VAL A 1 5   ? 4.833   -3.153  15.138  1.00 33.64 ? 5   VAL A CA  1 
ATOM   23   C  C   . VAL A 1 5   ? 4.178   -1.897  14.594  1.00 32.25 ? 5   VAL A C   1 
ATOM   24   O  O   . VAL A 1 5   ? 4.547   -0.774  14.945  1.00 32.27 ? 5   VAL A O   1 
ATOM   25   C  CB  . VAL A 1 5   ? 6.086   -3.528  14.342  1.00 34.85 ? 5   VAL A CB  1 
ATOM   26   C  CG1 . VAL A 1 5   ? 6.762   -2.288  13.768  1.00 35.34 ? 5   VAL A CG1 1 
ATOM   27   C  CG2 . VAL A 1 5   ? 7.051   -4.277  15.271  1.00 36.02 ? 5   VAL A CG2 1 
ATOM   28   N  N   . VAL A 1 6   ? 3.197   -2.098  13.717  1.00 31.76 ? 6   VAL A N   1 
ATOM   29   C  CA  . VAL A 1 6   ? 2.434   -0.989  13.131  1.00 30.31 ? 6   VAL A CA  1 
ATOM   30   C  C   . VAL A 1 6   ? 0.982   -1.400  12.944  1.00 30.61 ? 6   VAL A C   1 
ATOM   31   O  O   . VAL A 1 6   ? 0.661   -2.580  12.880  1.00 30.90 ? 6   VAL A O   1 
ATOM   32   C  CB  . VAL A 1 6   ? 3.007   -0.538  11.760  1.00 29.62 ? 6   VAL A CB  1 
ATOM   33   C  CG1 . VAL A 1 6   ? 4.454   -0.187  11.923  1.00 28.42 ? 6   VAL A CG1 1 
ATOM   34   C  CG2 . VAL A 1 6   ? 2.833   -1.622  10.706  1.00 28.60 ? 6   VAL A CG2 1 
ATOM   35   N  N   . SER A 1 7   ? 0.109   -0.414  12.883  1.00 30.35 ? 7   SER A N   1 
ATOM   36   C  CA  . SER A 1 7   ? -1.306  -0.643  12.665  1.00 30.09 ? 7   SER A CA  1 
ATOM   37   C  C   . SER A 1 7   ? -1.552  -0.002  11.296  1.00 30.13 ? 7   SER A C   1 
ATOM   38   O  O   . SER A 1 7   ? -0.911  0.999   10.972  1.00 31.10 ? 7   SER A O   1 
ATOM   39   C  CB  . SER A 1 7   ? -2.093  0.104   13.746  1.00 30.25 ? 7   SER A CB  1 
ATOM   40   O  OG  . SER A 1 7   ? -3.490  0.175   13.454  1.00 33.54 ? 7   SER A OG  1 
ATOM   41   N  N   . VAL A 1 8   ? -2.464  -0.533  10.492  1.00 28.57 ? 8   VAL A N   1 
ATOM   42   C  CA  . VAL A 1 8   ? -2.703  0.101   9.186   1.00 29.07 ? 8   VAL A CA  1 
ATOM   43   C  C   . VAL A 1 8   ? -4.166  0.275   8.770   1.00 27.34 ? 8   VAL A C   1 
ATOM   44   O  O   . VAL A 1 8   ? -4.984  -0.623  8.954   1.00 29.61 ? 8   VAL A O   1 
ATOM   45   C  CB  . VAL A 1 8   ? -2.001  -0.673  8.053   1.00 28.78 ? 8   VAL A CB  1 
ATOM   46   C  CG1 . VAL A 1 8   ? -2.298  0.020   6.702   1.00 28.65 ? 8   VAL A CG1 1 
ATOM   47   C  CG2 . VAL A 1 8   ? -0.500  -0.764  8.325   1.00 27.73 ? 8   VAL A CG2 1 
ATOM   48   N  N   . GLN A 1 9   ? -4.499  1.433   8.229   1.00 26.23 ? 9   GLN A N   1 
ATOM   49   C  CA  . GLN A 1 9   ? -5.846  1.673   7.747   1.00 26.19 ? 9   GLN A CA  1 
ATOM   50   C  C   . GLN A 1 9   ? -5.789  1.858   6.245   1.00 26.22 ? 9   GLN A C   1 
ATOM   51   O  O   . GLN A 1 9   ? -4.755  2.266   5.691   1.00 25.78 ? 9   GLN A O   1 
ATOM   52   C  CB  . GLN A 1 9   ? -6.467  2.884   8.414   1.00 27.24 ? 9   GLN A CB  1 
ATOM   53   C  CG  . GLN A 1 9   ? -7.098  2.553   9.737   1.00 29.71 ? 9   GLN A CG  1 
ATOM   54   C  CD  . GLN A 1 9   ? -7.822  3.736   10.321  1.00 32.14 ? 9   GLN A CD  1 
ATOM   55   O  OE1 . GLN A 1 9   ? -7.228  4.795   10.564  1.00 34.12 ? 9   GLN A OE1 1 
ATOM   56   N  NE2 . GLN A 1 9   ? -9.106  3.579   10.537  1.00 32.00 ? 9   GLN A NE2 1 
ATOM   57   N  N   . PHE A 1 10  ? -6.908  1.583   5.585   1.00 24.61 ? 10  PHE A N   1 
ATOM   58   C  CA  . PHE A 1 10  ? -6.961  1.624   4.141   1.00 23.43 ? 10  PHE A CA  1 
ATOM   59   C  C   . PHE A 1 10  ? -8.236  2.271   3.599   1.00 23.65 ? 10  PHE A C   1 
ATOM   60   O  O   . PHE A 1 10  ? -9.229  2.353   4.301   1.00 23.61 ? 10  PHE A O   1 
ATOM   61   C  CB  . PHE A 1 10  ? -6.838  0.174   3.663   1.00 22.11 ? 10  PHE A CB  1 
ATOM   62   C  CG  . PHE A 1 10  ? -7.102  -0.028  2.203   1.00 22.33 ? 10  PHE A CG  1 
ATOM   63   C  CD1 . PHE A 1 10  ? -6.070  -0.012  1.293   1.00 22.15 ? 10  PHE A CD1 1 
ATOM   64   C  CD2 . PHE A 1 10  ? -8.382  -0.272  1.751   1.00 22.28 ? 10  PHE A CD2 1 
ATOM   65   C  CE1 . PHE A 1 10  ? -6.303  -0.243  -0.079  1.00 23.83 ? 10  PHE A CE1 1 
ATOM   66   C  CE2 . PHE A 1 10  ? -8.631  -0.498  0.409   1.00 23.53 ? 10  PHE A CE2 1 
ATOM   67   C  CZ  . PHE A 1 10  ? -7.592  -0.485  -0.512  1.00 24.29 ? 10  PHE A CZ  1 
ATOM   68   N  N   . ASN A 1 11  ? -8.183  2.746   2.353   1.00 24.36 ? 11  ASN A N   1 
ATOM   69   C  CA  . ASN A 1 11  ? -9.334  3.344   1.659   1.00 26.08 ? 11  ASN A CA  1 
ATOM   70   C  C   . ASN A 1 11  ? -8.947  3.492   0.190   1.00 26.78 ? 11  ASN A C   1 
ATOM   71   O  O   . ASN A 1 11  ? -7.759  3.560   -0.127  1.00 27.87 ? 11  ASN A O   1 
ATOM   72   C  CB  . ASN A 1 11  ? -9.751  4.708   2.293   1.00 25.57 ? 11  ASN A CB  1 
ATOM   73   C  CG  . ASN A 1 11  ? -9.282  5.957   1.499   1.00 27.88 ? 11  ASN A CG  1 
ATOM   74   O  OD1 . ASN A 1 11  ? -9.621  6.153   0.324   1.00 28.35 ? 11  ASN A OD1 1 
ATOM   75   N  ND2 . ASN A 1 11  ? -8.524  6.829   2.170   1.00 28.49 ? 11  ASN A ND2 1 
ATOM   76   N  N   . ASN A 1 12  ? -9.926  3.463   -0.704  1.00 26.66 ? 12  ASN A N   1 
ATOM   77   C  CA  . ASN A 1 12  ? -9.669  3.653   -2.128  1.00 27.09 ? 12  ASN A CA  1 
ATOM   78   C  C   . ASN A 1 12  ? -10.721 4.616   -2.697  1.00 27.96 ? 12  ASN A C   1 
ATOM   79   O  O   . ASN A 1 12  ? -11.100 4.532   -3.862  1.00 29.18 ? 12  ASN A O   1 
ATOM   80   C  CB  . ASN A 1 12  ? -9.704  2.319   -2.890  1.00 25.35 ? 12  ASN A CB  1 
ATOM   81   C  CG  . ASN A 1 12  ? -10.948 1.519   -2.599  1.00 25.07 ? 12  ASN A CG  1 
ATOM   82   O  OD1 . ASN A 1 12  ? -11.961 2.062   -2.141  1.00 23.57 ? 12  ASN A OD1 1 
ATOM   83   N  ND2 . ASN A 1 12  ? -10.888 0.221   -2.869  1.00 22.80 ? 12  ASN A ND2 1 
ATOM   84   N  N   . GLY A 1 13  ? -11.189 5.541   -1.868  1.00 28.43 ? 13  GLY A N   1 
ATOM   85   C  CA  . GLY A 1 13  ? -12.190 6.495   -2.323  1.00 29.45 ? 13  GLY A CA  1 
ATOM   86   C  C   . GLY A 1 13  ? -13.351 5.792   -3.000  1.00 29.53 ? 13  GLY A C   1 
ATOM   87   O  O   . GLY A 1 13  ? -13.911 6.289   -3.986  1.00 29.83 ? 13  GLY A O   1 
ATOM   88   N  N   . SER A 1 14  ? -13.687 4.620   -2.470  1.00 28.79 ? 14  SER A N   1 
ATOM   89   C  CA  . SER A 1 14  ? -14.770 3.811   -2.982  1.00 31.19 ? 14  SER A CA  1 
ATOM   90   C  C   . SER A 1 14  ? -14.801 3.765   -4.526  1.00 31.03 ? 14  SER A C   1 
ATOM   91   O  O   . SER A 1 14  ? -15.757 4.217   -5.143  1.00 29.18 ? 14  SER A O   1 
ATOM   92   C  CB  . SER A 1 14  ? -16.111 4.335   -2.438  1.00 32.11 ? 14  SER A CB  1 
ATOM   93   O  OG  . SER A 1 14  ? -17.141 3.375   -2.647  1.00 36.25 ? 14  SER A OG  1 
ATOM   94   N  N   . SER A 1 15  ? -13.742 3.216   -5.129  1.00 30.66 ? 15  SER A N   1 
ATOM   95   C  CA  . SER A 1 15  ? -13.640 3.099   -6.586  1.00 29.75 ? 15  SER A CA  1 
ATOM   96   C  C   . SER A 1 15  ? -14.604 2.030   -7.101  1.00 27.47 ? 15  SER A C   1 
ATOM   97   O  O   . SER A 1 15  ? -14.890 1.050   -6.403  1.00 28.18 ? 15  SER A O   1 
ATOM   98   C  CB  . SER A 1 15  ? -12.201 2.737   -7.004  1.00 29.84 ? 15  SER A CB  1 
ATOM   99   O  OG  . SER A 1 15  ? -11.758 1.551   -6.337  1.00 30.79 ? 15  SER A OG  1 
ATOM   100  N  N   . PRO A 1 16  ? -15.102 2.202   -8.339  1.00 27.40 ? 16  PRO A N   1 
ATOM   101  C  CA  . PRO A 1 16  ? -16.044 1.280   -8.993  1.00 26.47 ? 16  PRO A CA  1 
ATOM   102  C  C   . PRO A 1 16  ? -15.344 -0.024  -9.339  1.00 26.38 ? 16  PRO A C   1 
ATOM   103  O  O   . PRO A 1 16  ? -14.165 -0.005  -9.694  1.00 26.69 ? 16  PRO A O   1 
ATOM   104  C  CB  . PRO A 1 16  ? -16.456 2.020   -10.264 1.00 26.24 ? 16  PRO A CB  1 
ATOM   105  C  CG  . PRO A 1 16  ? -15.923 3.448   -10.066 1.00 28.92 ? 16  PRO A CG  1 
ATOM   106  C  CD  . PRO A 1 16  ? -14.686 3.268   -9.265  1.00 26.88 ? 16  PRO A CD  1 
ATOM   107  N  N   . ALA A 1 17  ? -16.080 -1.135  -9.263  1.00 25.22 ? 17  ALA A N   1 
ATOM   108  C  CA  . ALA A 1 17  ? -15.543 -2.459  -9.557  1.00 26.18 ? 17  ALA A CA  1 
ATOM   109  C  C   . ALA A 1 17  ? -14.812 -2.478  -10.898 1.00 27.70 ? 17  ALA A C   1 
ATOM   110  O  O   . ALA A 1 17  ? -13.763 -3.107  -11.046 1.00 29.34 ? 17  ALA A O   1 
ATOM   111  C  CB  . ALA A 1 17  ? -16.674 -3.493  -9.563  1.00 27.11 ? 17  ALA A CB  1 
ATOM   112  N  N   . SER A 1 18  ? -15.370 -1.785  -11.881 1.00 25.92 ? 18  SER A N   1 
ATOM   113  C  CA  . SER A 1 18  ? -14.746 -1.722  -13.192 1.00 26.01 ? 18  SER A CA  1 
ATOM   114  C  C   . SER A 1 18  ? -14.133 -0.313  -13.254 1.00 26.00 ? 18  SER A C   1 
ATOM   115  O  O   . SER A 1 18  ? -14.860 0.683   -13.255 1.00 27.35 ? 18  SER A O   1 
ATOM   116  C  CB  . SER A 1 18  ? -15.811 -1.934  -14.263 1.00 25.53 ? 18  SER A CB  1 
ATOM   117  O  OG  . SER A 1 18  ? -15.342 -1.551  -15.529 1.00 29.54 ? 18  SER A OG  1 
ATOM   118  N  N   . SER A 1 19  ? -12.808 -0.231  -13.305 1.00 23.67 ? 19  SER A N   1 
ATOM   119  C  CA  . SER A 1 19  ? -12.150 1.065   -13.269 1.00 23.97 ? 19  SER A CA  1 
ATOM   120  C  C   . SER A 1 19  ? -10.834 0.989   -13.995 1.00 24.07 ? 19  SER A C   1 
ATOM   121  O  O   . SER A 1 19  ? -10.207 -0.074  -14.038 1.00 25.58 ? 19  SER A O   1 
ATOM   122  C  CB  . SER A 1 19  ? -11.912 1.453   -11.793 1.00 24.75 ? 19  SER A CB  1 
ATOM   123  O  OG  . SER A 1 19  ? -11.122 2.623   -11.612 1.00 24.94 ? 19  SER A OG  1 
ATOM   124  N  N   . ASN A 1 20  ? -10.413 2.094   -14.587 1.00 22.09 ? 20  ASN A N   1 
ATOM   125  C  CA  . ASN A 1 20  ? -9.126  2.092   -15.264 1.00 22.04 ? 20  ASN A CA  1 
ATOM   126  C  C   . ASN A 1 20  ? -8.004  2.578   -14.337 1.00 21.56 ? 20  ASN A C   1 
ATOM   127  O  O   . ASN A 1 20  ? -6.894  2.786   -14.771 1.00 22.04 ? 20  ASN A O   1 
ATOM   128  C  CB  . ASN A 1 20  ? -9.169  2.939   -16.513 1.00 22.60 ? 20  ASN A CB  1 
ATOM   129  C  CG  . ASN A 1 20  ? -9.640  4.346   -16.243 1.00 24.64 ? 20  ASN A CG  1 
ATOM   130  O  OD1 . ASN A 1 20  ? -9.539  4.860   -15.117 1.00 26.50 ? 20  ASN A OD1 1 
ATOM   131  N  ND2 . ASN A 1 20  ? -10.133 4.994   -17.287 1.00 24.73 ? 20  ASN A ND2 1 
ATOM   132  N  N   . SER A 1 21  ? -8.319  2.764   -13.061 1.00 20.61 ? 21  SER A N   1 
ATOM   133  C  CA  . SER A 1 21  ? -7.337  3.172   -12.048 1.00 21.41 ? 21  SER A CA  1 
ATOM   134  C  C   . SER A 1 21  ? -7.590  2.351   -10.805 1.00 20.83 ? 21  SER A C   1 
ATOM   135  O  O   . SER A 1 21  ? -8.736  2.098   -10.442 1.00 22.87 ? 21  SER A O   1 
ATOM   136  C  CB  . SER A 1 21  ? -7.494  4.630   -11.622 1.00 19.07 ? 21  SER A CB  1 
ATOM   137  O  OG  . SER A 1 21  ? -6.963  5.517   -12.551 1.00 24.32 ? 21  SER A OG  1 
ATOM   138  N  N   . ILE A 1 22  ? -6.532  1.932   -10.148 1.00 19.73 ? 22  ILE A N   1 
ATOM   139  C  CA  . ILE A 1 22  ? -6.691  1.212   -8.909  1.00 19.33 ? 22  ILE A CA  1 
ATOM   140  C  C   . ILE A 1 22  ? -6.090  2.168   -7.886  1.00 21.28 ? 22  ILE A C   1 
ATOM   141  O  O   . ILE A 1 22  ? -4.956  2.642   -8.056  1.00 21.93 ? 22  ILE A O   1 
ATOM   142  C  CB  . ILE A 1 22  ? -5.967  -0.155  -8.973  1.00 19.31 ? 22  ILE A CB  1 
ATOM   143  C  CG1 . ILE A 1 22  ? -6.573  -0.947  -10.139 1.00 18.55 ? 22  ILE A CG1 1 
ATOM   144  C  CG2 . ILE A 1 22  ? -6.052  -0.878  -7.627  1.00 17.46 ? 22  ILE A CG2 1 
ATOM   145  C  CD1 . ILE A 1 22  ? -6.407  -2.479  -10.138 1.00 20.26 ? 22  ILE A CD1 1 
ATOM   146  N  N   . TYR A 1 23  ? -6.858  2.511   -6.860  1.00 21.68 ? 23  TYR A N   1 
ATOM   147  C  CA  . TYR A 1 23  ? -6.351  3.405   -5.834  1.00 21.83 ? 23  TYR A CA  1 
ATOM   148  C  C   . TYR A 1 23  ? -6.008  2.553   -4.645  1.00 22.96 ? 23  TYR A C   1 
ATOM   149  O  O   . TYR A 1 23  ? -6.653  1.543   -4.443  1.00 23.84 ? 23  TYR A O   1 
ATOM   150  C  CB  . TYR A 1 23  ? -7.399  4.441   -5.418  1.00 23.06 ? 23  TYR A CB  1 
ATOM   151  C  CG  . TYR A 1 23  ? -7.813  5.374   -6.537  1.00 25.23 ? 23  TYR A CG  1 
ATOM   152  C  CD1 . TYR A 1 23  ? -8.664  4.939   -7.554  1.00 27.53 ? 23  TYR A CD1 1 
ATOM   153  C  CD2 . TYR A 1 23  ? -7.294  6.657   -6.620  1.00 26.41 ? 23  TYR A CD2 1 
ATOM   154  C  CE1 . TYR A 1 23  ? -8.972  5.752   -8.610  1.00 28.80 ? 23  TYR A CE1 1 
ATOM   155  C  CE2 . TYR A 1 23  ? -7.598  7.472   -7.671  1.00 27.18 ? 23  TYR A CE2 1 
ATOM   156  C  CZ  . TYR A 1 23  ? -8.433  7.015   -8.662  1.00 29.36 ? 23  TYR A CZ  1 
ATOM   157  O  OH  . TYR A 1 23  ? -8.727  7.830   -9.730  1.00 34.47 ? 23  TYR A OH  1 
ATOM   158  N  N   . ALA A 1 24  ? -4.994  2.962   -3.876  1.00 21.12 ? 24  ALA A N   1 
ATOM   159  C  CA  . ALA A 1 24  ? -4.559  2.261   -2.680  1.00 20.69 ? 24  ALA A CA  1 
ATOM   160  C  C   . ALA A 1 24  ? -3.983  3.318   -1.734  1.00 22.02 ? 24  ALA A C   1 
ATOM   161  O  O   . ALA A 1 24  ? -2.906  3.865   -1.984  1.00 23.52 ? 24  ALA A O   1 
ATOM   162  C  CB  . ALA A 1 24  ? -3.512  1.248   -3.020  1.00 18.24 ? 24  ALA A CB  1 
ATOM   163  N  N   . ARG A 1 25  ? -4.700  3.622   -0.657  1.00 22.42 ? 25  ARG A N   1 
ATOM   164  C  CA  . ARG A 1 25  ? -4.229  4.630   0.287   1.00 23.85 ? 25  ARG A CA  1 
ATOM   165  C  C   . ARG A 1 25  ? -4.086  4.033   1.658   1.00 23.40 ? 25  ARG A C   1 
ATOM   166  O  O   . ARG A 1 25  ? -4.976  3.351   2.135   1.00 24.85 ? 25  ARG A O   1 
ATOM   167  C  CB  . ARG A 1 25  ? -5.196  5.802   0.304   1.00 23.70 ? 25  ARG A CB  1 
ATOM   168  C  CG  . ARG A 1 25  ? -5.340  6.408   -1.096  1.00 25.37 ? 25  ARG A CG  1 
ATOM   169  C  CD  . ARG A 1 25  ? -6.612  7.178   -1.205  1.00 26.93 ? 25  ARG A CD  1 
ATOM   170  N  NE  . ARG A 1 25  ? -6.736  7.842   -2.492  1.00 26.69 ? 25  ARG A NE  1 
ATOM   171  C  CZ  . ARG A 1 25  ? -7.815  8.523   -2.861  1.00 26.05 ? 25  ARG A CZ  1 
ATOM   172  N  NH1 . ARG A 1 25  ? -8.847  8.623   -2.041  1.00 25.12 ? 25  ARG A NH1 1 
ATOM   173  N  NH2 . ARG A 1 25  ? -7.857  9.099   -4.048  1.00 26.25 ? 25  ARG A NH2 1 
ATOM   174  N  N   . PHE A 1 26  ? -2.963  4.299   2.302   1.00 24.19 ? 26  PHE A N   1 
ATOM   175  C  CA  . PHE A 1 26  ? -2.708  3.739   3.618   1.00 23.58 ? 26  PHE A CA  1 
ATOM   176  C  C   . PHE A 1 26  ? -2.370  4.766   4.672   1.00 24.53 ? 26  PHE A C   1 
ATOM   177  O  O   . PHE A 1 26  ? -1.693  5.752   4.399   1.00 23.81 ? 26  PHE A O   1 
ATOM   178  C  CB  . PHE A 1 26  ? -1.528  2.765   3.575   1.00 22.30 ? 26  PHE A CB  1 
ATOM   179  C  CG  . PHE A 1 26  ? -1.539  1.826   2.422   1.00 22.95 ? 26  PHE A CG  1 
ATOM   180  C  CD1 . PHE A 1 26  ? -1.052  2.220   1.180   1.00 22.94 ? 26  PHE A CD1 1 
ATOM   181  C  CD2 . PHE A 1 26  ? -2.012  0.530   2.575   1.00 22.25 ? 26  PHE A CD2 1 
ATOM   182  C  CE1 . PHE A 1 26  ? -1.035  1.325   0.097   1.00 23.24 ? 26  PHE A CE1 1 
ATOM   183  C  CE2 . PHE A 1 26  ? -2.001  -0.368  1.504   1.00 22.38 ? 26  PHE A CE2 1 
ATOM   184  C  CZ  . PHE A 1 26  ? -1.513  0.026   0.264   1.00 23.32 ? 26  PHE A CZ  1 
ATOM   185  N  N   . LYS A 1 27  ? -2.852  4.529   5.887   1.00 24.72 ? 27  LYS A N   1 
ATOM   186  C  CA  . LYS A 1 27  ? -2.493  5.389   7.009   1.00 25.68 ? 27  LYS A CA  1 
ATOM   187  C  C   . LYS A 1 27  ? -1.811  4.384   7.931   1.00 25.82 ? 27  LYS A C   1 
ATOM   188  O  O   . LYS A 1 27  ? -2.456  3.525   8.511   1.00 26.02 ? 27  LYS A O   1 
ATOM   189  C  CB  . LYS A 1 27  ? -3.720  6.018   7.670   1.00 28.06 ? 27  LYS A CB  1 
ATOM   190  C  CG  . LYS A 1 27  ? -3.364  7.355   8.340   1.00 33.18 ? 27  LYS A CG  1 
ATOM   191  C  CD  . LYS A 1 27  ? -4.473  7.895   9.242   1.00 36.58 ? 27  LYS A CD  1 
ATOM   192  C  CE  . LYS A 1 27  ? -5.453  8.765   8.440   1.00 41.27 ? 27  LYS A CE  1 
ATOM   193  N  NZ  . LYS A 1 27  ? -4.749  9.904   7.707   1.00 41.41 ? 27  LYS A NZ  1 
ATOM   194  N  N   . VAL A 1 28  ? -0.487  4.455   7.997   1.00 26.43 ? 28  VAL A N   1 
ATOM   195  C  CA  . VAL A 1 28  ? 0.315   3.538   8.790   1.00 25.45 ? 28  VAL A CA  1 
ATOM   196  C  C   . VAL A 1 28  ? 0.715   4.175   10.120  1.00 26.96 ? 28  VAL A C   1 
ATOM   197  O  O   . VAL A 1 28  ? 1.251   5.292   10.158  1.00 25.36 ? 28  VAL A O   1 
ATOM   198  C  CB  . VAL A 1 28  ? 1.596   3.118   8.007   1.00 25.40 ? 28  VAL A CB  1 
ATOM   199  C  CG1 . VAL A 1 28  ? 2.495   2.274   8.887   1.00 23.50 ? 28  VAL A CG1 1 
ATOM   200  C  CG2 . VAL A 1 28  ? 1.221   2.326   6.749   1.00 23.39 ? 28  VAL A CG2 1 
ATOM   201  N  N   . THR A 1 29  ? 0.415   3.470   11.212  1.00 26.63 ? 29  THR A N   1 
ATOM   202  C  CA  . THR A 1 29  ? 0.738   3.962   12.547  1.00 27.25 ? 29  THR A CA  1 
ATOM   203  C  C   . THR A 1 29  ? 1.782   3.115   13.252  1.00 27.77 ? 29  THR A C   1 
ATOM   204  O  O   . THR A 1 29  ? 1.656   1.886   13.352  1.00 27.89 ? 29  THR A O   1 
ATOM   205  C  CB  . THR A 1 29  ? -0.488  4.014   13.424  1.00 27.20 ? 29  THR A CB  1 
ATOM   206  O  OG1 . THR A 1 29  ? -1.408  4.957   12.877  1.00 28.03 ? 29  THR A OG1 1 
ATOM   207  C  CG2 . THR A 1 29  ? -0.103  4.446   14.834  1.00 28.91 ? 29  THR A CG2 1 
ATOM   208  N  N   . ASN A 1 30  ? 2.816   3.792   13.731  1.00 28.85 ? 30  ASN A N   1 
ATOM   209  C  CA  . ASN A 1 30  ? 3.917   3.151   14.445  1.00 28.50 ? 30  ASN A CA  1 
ATOM   210  C  C   . ASN A 1 30  ? 3.407   2.844   15.843  1.00 28.39 ? 30  ASN A C   1 
ATOM   211  O  O   . ASN A 1 30  ? 3.251   3.734   16.665  1.00 28.81 ? 30  ASN A O   1 
ATOM   212  C  CB  . ASN A 1 30  ? 5.118   4.113   14.506  1.00 28.34 ? 30  ASN A CB  1 
ATOM   213  C  CG  . ASN A 1 30  ? 6.374   3.481   15.127  1.00 29.26 ? 30  ASN A CG  1 
ATOM   214  O  OD1 . ASN A 1 30  ? 6.329   2.423   15.776  1.00 27.89 ? 30  ASN A OD1 1 
ATOM   215  N  ND2 . ASN A 1 30  ? 7.503   4.146   14.938  1.00 30.56 ? 30  ASN A ND2 1 
ATOM   216  N  N   . THR A 1 31  ? 3.120   1.579   16.102  1.00 29.79 ? 31  THR A N   1 
ATOM   217  C  CA  . THR A 1 31  ? 2.637   1.183   17.412  1.00 31.28 ? 31  THR A CA  1 
ATOM   218  C  C   . THR A 1 31  ? 3.671   0.338   18.127  1.00 32.33 ? 31  THR A C   1 
ATOM   219  O  O   . THR A 1 31  ? 3.376   -0.316  19.137  1.00 32.87 ? 31  THR A O   1 
ATOM   220  C  CB  . THR A 1 31  ? 1.359   0.383   17.310  1.00 30.55 ? 31  THR A CB  1 
ATOM   221  O  OG1 . THR A 1 31  ? 1.615   -0.823  16.577  1.00 29.95 ? 31  THR A OG1 1 
ATOM   222  C  CG2 . THR A 1 31  ? 0.285   1.208   16.630  1.00 31.50 ? 31  THR A CG2 1 
ATOM   223  N  N   . SER A 1 32  ? 4.879   0.300   17.582  1.00 33.04 ? 32  SER A N   1 
ATOM   224  C  CA  . SER A 1 32  ? 5.942   -0.446  18.247  1.00 34.76 ? 32  SER A CA  1 
ATOM   225  C  C   . SER A 1 32  ? 6.372   0.641   19.221  1.00 36.08 ? 32  SER A C   1 
ATOM   226  O  O   . SER A 1 32  ? 5.881   1.777   19.139  1.00 37.70 ? 32  SER A O   1 
ATOM   227  C  CB  . SER A 1 32  ? 7.100   -0.779  17.290  1.00 32.30 ? 32  SER A CB  1 
ATOM   228  O  OG  . SER A 1 32  ? 7.923   0.355   17.097  1.00 31.77 ? 32  SER A OG  1 
ATOM   229  N  N   . GLY A 1 33  ? 7.267   0.345   20.135  1.00 36.06 ? 33  GLY A N   1 
ATOM   230  C  CA  . GLY A 1 33  ? 7.630   1.408   21.040  1.00 39.38 ? 33  GLY A CA  1 
ATOM   231  C  C   . GLY A 1 33  ? 8.963   2.053   20.687  1.00 40.60 ? 33  GLY A C   1 
ATOM   232  O  O   . GLY A 1 33  ? 9.844   2.148   21.553  1.00 42.24 ? 33  GLY A O   1 
ATOM   233  N  N   . SER A 1 34  ? 9.143   2.454   19.427  1.00 39.34 ? 34  SER A N   1 
ATOM   234  C  CA  . SER A 1 34  ? 10.394  3.111   19.009  1.00 39.36 ? 34  SER A CA  1 
ATOM   235  C  C   . SER A 1 34  ? 10.347  3.460   17.515  1.00 38.83 ? 34  SER A C   1 
ATOM   236  O  O   . SER A 1 34  ? 9.676   2.777   16.734  1.00 37.27 ? 34  SER A O   1 
ATOM   237  C  CB  . SER A 1 34  ? 11.616  2.232   19.299  1.00 39.32 ? 34  SER A CB  1 
ATOM   238  O  OG  . SER A 1 34  ? 11.590  1.054   18.524  1.00 39.28 ? 34  SER A OG  1 
ATOM   239  N  N   . PRO A 1 35  ? 11.072  4.528   17.113  1.00 38.71 ? 35  PRO A N   1 
ATOM   240  C  CA  . PRO A 1 35  ? 11.106  4.980   15.721  1.00 37.69 ? 35  PRO A CA  1 
ATOM   241  C  C   . PRO A 1 35  ? 11.284  3.832   14.785  1.00 36.31 ? 35  PRO A C   1 
ATOM   242  O  O   . PRO A 1 35  ? 11.804  2.765   15.156  1.00 33.67 ? 35  PRO A O   1 
ATOM   243  C  CB  . PRO A 1 35  ? 12.301  5.945   15.667  1.00 38.94 ? 35  PRO A CB  1 
ATOM   244  C  CG  . PRO A 1 35  ? 12.344  6.519   17.091  1.00 39.11 ? 35  PRO A CG  1 
ATOM   245  C  CD  . PRO A 1 35  ? 12.113  5.212   17.904  1.00 39.02 ? 35  PRO A CD  1 
ATOM   246  N  N   . ILE A 1 36  ? 10.798  4.055   13.568  1.00 34.37 ? 36  ILE A N   1 
ATOM   247  C  CA  . ILE A 1 36  ? 10.914  3.060   12.536  1.00 31.80 ? 36  ILE A CA  1 
ATOM   248  C  C   . ILE A 1 36  ? 11.402  3.746   11.288  1.00 31.25 ? 36  ILE A C   1 
ATOM   249  O  O   . ILE A 1 36  ? 10.937  4.828   10.912  1.00 30.74 ? 36  ILE A O   1 
ATOM   250  C  CB  . ILE A 1 36  ? 9.599   2.353   12.292  1.00 31.02 ? 36  ILE A CB  1 
ATOM   251  C  CG1 . ILE A 1 36  ? 9.451   1.228   13.303  1.00 30.77 ? 36  ILE A CG1 1 
ATOM   252  C  CG2 . ILE A 1 36  ? 9.548   1.827   10.891  1.00 30.97 ? 36  ILE A CG2 1 
ATOM   253  C  CD1 . ILE A 1 36  ? 8.179   0.479   13.156  1.00 30.54 ? 36  ILE A CD1 1 
ATOM   254  N  N   . ASN A 1 37  ? 12.382  3.102   10.678  1.00 30.17 ? 37  ASN A N   1 
ATOM   255  C  CA  . ASN A 1 37  ? 12.983  3.611   9.481   1.00 30.79 ? 37  ASN A CA  1 
ATOM   256  C  C   . ASN A 1 37  ? 12.099  3.326   8.278   1.00 29.21 ? 37  ASN A C   1 
ATOM   257  O  O   . ASN A 1 37  ? 12.022  2.193   7.811   1.00 27.70 ? 37  ASN A O   1 
ATOM   258  C  CB  . ASN A 1 37  ? 14.334  2.954   9.296   1.00 31.84 ? 37  ASN A CB  1 
ATOM   259  C  CG  . ASN A 1 37  ? 15.107  3.567   8.179   1.00 33.40 ? 37  ASN A CG  1 
ATOM   260  O  OD1 . ASN A 1 37  ? 16.137  3.030   7.782   1.00 36.08 ? 37  ASN A OD1 1 
ATOM   261  N  ND2 . ASN A 1 37  ? 14.623  4.707   7.656   1.00 33.48 ? 37  ASN A ND2 1 
ATOM   262  N  N   . LEU A 1 38  ? 11.449  4.361   7.773   1.00 29.10 ? 38  LEU A N   1 
ATOM   263  C  CA  . LEU A 1 38  ? 10.577  4.204   6.622   1.00 28.89 ? 38  LEU A CA  1 
ATOM   264  C  C   . LEU A 1 38  ? 11.212  3.363   5.525   1.00 29.56 ? 38  LEU A C   1 
ATOM   265  O  O   . LEU A 1 38  ? 10.516  2.738   4.720   1.00 30.18 ? 38  LEU A O   1 
ATOM   266  C  CB  . LEU A 1 38  ? 10.180  5.569   6.095   1.00 28.75 ? 38  LEU A CB  1 
ATOM   267  C  CG  . LEU A 1 38  ? 9.376   6.304   7.147   1.00 29.14 ? 38  LEU A CG  1 
ATOM   268  C  CD1 . LEU A 1 38  ? 8.995   7.666   6.597   1.00 30.99 ? 38  LEU A CD1 1 
ATOM   269  C  CD2 . LEU A 1 38  ? 8.127   5.498   7.530   1.00 28.65 ? 38  LEU A CD2 1 
ATOM   270  N  N   . ALA A 1 39  ? 12.535  3.307   5.503   1.00 28.96 ? 39  ALA A N   1 
ATOM   271  C  CA  . ALA A 1 39  ? 13.211  2.484   4.503   1.00 29.68 ? 39  ALA A CA  1 
ATOM   272  C  C   . ALA A 1 39  ? 12.821  1.002   4.634   1.00 28.96 ? 39  ALA A C   1 
ATOM   273  O  O   . ALA A 1 39  ? 12.813  0.256   3.655   1.00 29.70 ? 39  ALA A O   1 
ATOM   274  C  CB  . ALA A 1 39  ? 14.725  2.629   4.654   1.00 29.31 ? 39  ALA A CB  1 
ATOM   275  N  N   . ASP A 1 40  ? 12.513  0.592   5.863   1.00 29.65 ? 40  ASP A N   1 
ATOM   276  C  CA  . ASP A 1 40  ? 12.161  -0.790  6.207   1.00 29.98 ? 40  ASP A CA  1 
ATOM   277  C  C   . ASP A 1 40  ? 10.695  -1.137  6.033   1.00 28.90 ? 40  ASP A C   1 
ATOM   278  O  O   . ASP A 1 40  ? 10.301  -2.299  6.157   1.00 29.31 ? 40  ASP A O   1 
ATOM   279  C  CB  . ASP A 1 40  ? 12.521  -1.067  7.671   1.00 32.92 ? 40  ASP A CB  1 
ATOM   280  C  CG  . ASP A 1 40  ? 14.019  -0.996  7.939   1.00 35.08 ? 40  ASP A CG  1 
ATOM   281  O  OD1 . ASP A 1 40  ? 14.782  -1.676  7.222   1.00 35.72 ? 40  ASP A OD1 1 
ATOM   282  O  OD2 . ASP A 1 40  ? 14.425  -0.272  8.883   1.00 37.39 ? 40  ASP A OD2 1 
ATOM   283  N  N   . LEU A 1 41  ? 9.881   -0.136  5.745   1.00 27.69 ? 41  LEU A N   1 
ATOM   284  C  CA  . LEU A 1 41  ? 8.458   -0.361  5.611   1.00 25.86 ? 41  LEU A CA  1 
ATOM   285  C  C   . LEU A 1 41  ? 7.998   -0.679  4.192   1.00 25.84 ? 41  LEU A C   1 
ATOM   286  O  O   . LEU A 1 41  ? 8.167   0.133   3.303   1.00 25.29 ? 41  LEU A O   1 
ATOM   287  C  CB  . LEU A 1 41  ? 7.731   0.875   6.127   1.00 25.05 ? 41  LEU A CB  1 
ATOM   288  C  CG  . LEU A 1 41  ? 6.205   0.931   6.134   1.00 26.11 ? 41  LEU A CG  1 
ATOM   289  C  CD1 . LEU A 1 41  ? 5.636   -0.142  7.067   1.00 24.52 ? 41  LEU A CD1 1 
ATOM   290  C  CD2 . LEU A 1 41  ? 5.785   2.306   6.591   1.00 25.45 ? 41  LEU A CD2 1 
ATOM   291  N  N   . LYS A 1 42  ? 7.443   -1.872  3.986   1.00 26.03 ? 42  LYS A N   1 
ATOM   292  C  CA  . LYS A 1 42  ? 6.880   -2.252  2.686   1.00 26.61 ? 42  LYS A CA  1 
ATOM   293  C  C   . LYS A 1 42  ? 5.367   -2.455  2.854   1.00 27.16 ? 42  LYS A C   1 
ATOM   294  O  O   . LYS A 1 42  ? 4.881   -2.836  3.923   1.00 27.58 ? 42  LYS A O   1 
ATOM   295  C  CB  . LYS A 1 42  ? 7.482   -3.541  2.136   1.00 27.32 ? 42  LYS A CB  1 
ATOM   296  C  CG  . LYS A 1 42  ? 8.951   -3.449  1.761   1.00 30.40 ? 42  LYS A CG  1 
ATOM   297  C  CD  . LYS A 1 42  ? 9.189   -2.333  0.792   1.00 32.28 ? 42  LYS A CD  1 
ATOM   298  C  CE  . LYS A 1 42  ? 10.652  -2.281  0.414   1.00 36.64 ? 42  LYS A CE  1 
ATOM   299  N  NZ  . LYS A 1 42  ? 11.528  -1.958  1.565   1.00 37.14 ? 42  LYS A NZ  1 
ATOM   300  N  N   . LEU A 1 43  ? 4.624   -2.176  1.795   1.00 25.60 ? 43  LEU A N   1 
ATOM   301  C  CA  . LEU A 1 43  ? 3.186   -2.340  1.809   1.00 24.45 ? 43  LEU A CA  1 
ATOM   302  C  C   . LEU A 1 43  ? 2.840   -3.130  0.545   1.00 23.44 ? 43  LEU A C   1 
ATOM   303  O  O   . LEU A 1 43  ? 3.456   -2.925  -0.510  1.00 23.82 ? 43  LEU A O   1 
ATOM   304  C  CB  . LEU A 1 43  ? 2.512   -0.958  1.825   1.00 24.00 ? 43  LEU A CB  1 
ATOM   305  C  CG  . LEU A 1 43  ? 2.590   -0.215  3.162   1.00 25.26 ? 43  LEU A CG  1 
ATOM   306  C  CD1 . LEU A 1 43  ? 2.401   1.271   2.980   1.00 24.48 ? 43  LEU A CD1 1 
ATOM   307  C  CD2 . LEU A 1 43  ? 1.539   -0.772  4.109   1.00 25.71 ? 43  LEU A CD2 1 
ATOM   308  N  N   . ARG A 1 44  ? 1.875   -4.037  0.651   1.00 20.40 ? 44  ARG A N   1 
ATOM   309  C  CA  . ARG A 1 44  ? 1.464   -4.846  -0.484  1.00 21.16 ? 44  ARG A CA  1 
ATOM   310  C  C   . ARG A 1 44  ? -0.042  -4.841  -0.756  1.00 21.91 ? 44  ARG A C   1 
ATOM   311  O  O   . ARG A 1 44  ? -0.858  -4.854  0.171   1.00 20.74 ? 44  ARG A O   1 
ATOM   312  C  CB  . ARG A 1 44  ? 1.901   -6.282  -0.285  1.00 22.25 ? 44  ARG A CB  1 
ATOM   313  C  CG  . ARG A 1 44  ? 3.383   -6.488  -0.228  1.00 24.71 ? 44  ARG A CG  1 
ATOM   314  C  CD  . ARG A 1 44  ? 3.637   -7.962  -0.186  1.00 25.65 ? 44  ARG A CD  1 
ATOM   315  N  NE  . ARG A 1 44  ? 5.033   -8.283  -0.359  1.00 30.92 ? 44  ARG A NE  1 
ATOM   316  C  CZ  . ARG A 1 44  ? 5.540   -9.478  -0.075  1.00 34.44 ? 44  ARG A CZ  1 
ATOM   317  N  NH1 . ARG A 1 44  ? 4.742   -10.434 0.380   1.00 35.44 ? 44  ARG A NH1 1 
ATOM   318  N  NH2 . ARG A 1 44  ? 6.837   -9.715  -0.223  1.00 36.61 ? 44  ARG A NH2 1 
ATOM   319  N  N   . TYR A 1 45  ? -0.401  -4.856  -2.037  1.00 22.08 ? 45  TYR A N   1 
ATOM   320  C  CA  . TYR A 1 45  ? -1.809  -4.845  -2.468  1.00 21.21 ? 45  TYR A CA  1 
ATOM   321  C  C   . TYR A 1 45  ? -1.973  -5.925  -3.531  1.00 19.47 ? 45  TYR A C   1 
ATOM   322  O  O   . TYR A 1 45  ? -1.471  -5.779  -4.633  1.00 19.25 ? 45  TYR A O   1 
ATOM   323  C  CB  . TYR A 1 45  ? -2.172  -3.481  -3.067  1.00 19.93 ? 45  TYR A CB  1 
ATOM   324  C  CG  . TYR A 1 45  ? -3.632  -3.348  -3.478  1.00 19.82 ? 45  TYR A CG  1 
ATOM   325  C  CD1 . TYR A 1 45  ? -4.584  -2.909  -2.578  1.00 17.67 ? 45  TYR A CD1 1 
ATOM   326  C  CD2 . TYR A 1 45  ? -4.056  -3.717  -4.749  1.00 19.78 ? 45  TYR A CD2 1 
ATOM   327  C  CE1 . TYR A 1 45  ? -5.935  -2.848  -2.925  1.00 20.17 ? 45  TYR A CE1 1 
ATOM   328  C  CE2 . TYR A 1 45  ? -5.409  -3.657  -5.112  1.00 20.15 ? 45  TYR A CE2 1 
ATOM   329  C  CZ  . TYR A 1 45  ? -6.343  -3.226  -4.184  1.00 20.22 ? 45  TYR A CZ  1 
ATOM   330  O  OH  . TYR A 1 45  ? -7.682  -3.216  -4.489  1.00 22.42 ? 45  TYR A OH  1 
ATOM   331  N  N   . TYR A 1 46  ? -2.710  -6.976  -3.208  1.00 18.37 ? 46  TYR A N   1 
ATOM   332  C  CA  . TYR A 1 46  ? -2.883  -8.099  -4.121  1.00 18.69 ? 46  TYR A CA  1 
ATOM   333  C  C   . TYR A 1 46  ? -4.055  -8.016  -5.111  1.00 20.03 ? 46  TYR A C   1 
ATOM   334  O  O   . TYR A 1 46  ? -5.156  -7.671  -4.738  1.00 22.00 ? 46  TYR A O   1 
ATOM   335  C  CB  . TYR A 1 46  ? -2.957  -9.377  -3.296  1.00 19.46 ? 46  TYR A CB  1 
ATOM   336  C  CG  . TYR A 1 46  ? -1.659  -9.705  -2.566  1.00 20.62 ? 46  TYR A CG  1 
ATOM   337  C  CD1 . TYR A 1 46  ? -1.312  -9.065  -1.372  1.00 21.76 ? 46  TYR A CD1 1 
ATOM   338  C  CD2 . TYR A 1 46  ? -0.788  -10.656 -3.076  1.00 21.81 ? 46  TYR A CD2 1 
ATOM   339  C  CE1 . TYR A 1 46  ? -0.125  -9.376  -0.698  1.00 21.47 ? 46  TYR A CE1 1 
ATOM   340  C  CE2 . TYR A 1 46  ? 0.398   -10.973 -2.426  1.00 23.03 ? 46  TYR A CE2 1 
ATOM   341  C  CZ  . TYR A 1 46  ? 0.726   -10.335 -1.234  1.00 23.78 ? 46  TYR A CZ  1 
ATOM   342  O  OH  . TYR A 1 46  ? 1.896   -10.693 -0.595  1.00 26.13 ? 46  TYR A OH  1 
ATOM   343  N  N   . TYR A 1 47  ? -3.819  -8.355  -6.373  1.00 19.44 ? 47  TYR A N   1 
ATOM   344  C  CA  . TYR A 1 47  ? -4.868  -8.265  -7.389  1.00 19.38 ? 47  TYR A CA  1 
ATOM   345  C  C   . TYR A 1 47  ? -4.710  -9.239  -8.537  1.00 20.27 ? 47  TYR A C   1 
ATOM   346  O  O   . TYR A 1 47  ? -3.696  -9.945  -8.635  1.00 20.55 ? 47  TYR A O   1 
ATOM   347  C  CB  . TYR A 1 47  ? -4.884  -6.861  -7.993  1.00 19.25 ? 47  TYR A CB  1 
ATOM   348  C  CG  . TYR A 1 47  ? -3.593  -6.501  -8.712  1.00 17.80 ? 47  TYR A CG  1 
ATOM   349  C  CD1 . TYR A 1 47  ? -2.435  -6.234  -7.992  1.00 18.17 ? 47  TYR A CD1 1 
ATOM   350  C  CD2 . TYR A 1 47  ? -3.524  -6.440  -10.104 1.00 19.09 ? 47  TYR A CD2 1 
ATOM   351  C  CE1 . TYR A 1 47  ? -1.245  -5.912  -8.616  1.00 15.55 ? 47  TYR A CE1 1 
ATOM   352  C  CE2 . TYR A 1 47  ? -2.323  -6.114  -10.757 1.00 16.96 ? 47  TYR A CE2 1 
ATOM   353  C  CZ  . TYR A 1 47  ? -1.186  -5.846  -9.989  1.00 17.17 ? 47  TYR A CZ  1 
ATOM   354  O  OH  . TYR A 1 47  ? -0.005  -5.467  -10.555 1.00 16.30 ? 47  TYR A OH  1 
ATOM   355  N  N   . THR A 1 48  ? -5.730  -9.283  -9.405  1.00 19.61 ? 48  THR A N   1 
ATOM   356  C  CA  . THR A 1 48  ? -5.668  -10.114 -10.597 1.00 19.79 ? 48  THR A CA  1 
ATOM   357  C  C   . THR A 1 48  ? -5.465  -9.157  -11.757 1.00 19.57 ? 48  THR A C   1 
ATOM   358  O  O   . THR A 1 48  ? -6.222  -8.214  -11.964 1.00 21.90 ? 48  THR A O   1 
ATOM   359  C  CB  . THR A 1 48  ? -6.930  -11.006 -10.831 1.00 20.46 ? 48  THR A CB  1 
ATOM   360  O  OG1 . THR A 1 48  ? -8.126  -10.256 -10.606 1.00 20.30 ? 48  THR A OG1 1 
ATOM   361  C  CG2 . THR A 1 48  ? -6.879  -12.252 -9.910  1.00 22.34 ? 48  THR A CG2 1 
ATOM   362  N  N   . GLN A 1 49  ? -4.400  -9.401  -12.487 1.00 19.97 ? 49  GLN A N   1 
ATOM   363  C  CA  . GLN A 1 49  ? -3.977  -8.592  -13.616 1.00 21.25 ? 49  GLN A CA  1 
ATOM   364  C  C   . GLN A 1 49  ? -5.041  -8.420  -14.727 1.00 21.07 ? 49  GLN A C   1 
ATOM   365  O  O   . GLN A 1 49  ? -5.164  -7.361  -15.320 1.00 19.66 ? 49  GLN A O   1 
ATOM   366  C  CB  . GLN A 1 49  ? -2.706  -9.249  -14.174 1.00 23.01 ? 49  GLN A CB  1 
ATOM   367  C  CG  . GLN A 1 49  ? -1.826  -8.341  -14.964 1.00 24.94 ? 49  GLN A CG  1 
ATOM   368  C  CD  . GLN A 1 49  ? -0.507  -8.993  -15.344 1.00 25.28 ? 49  GLN A CD  1 
ATOM   369  O  OE1 . GLN A 1 49  ? -0.468  -10.055 -15.971 1.00 23.66 ? 49  GLN A OE1 1 
ATOM   370  N  NE2 . GLN A 1 49  ? 0.584   -8.346  -14.970 1.00 26.43 ? 49  GLN A NE2 1 
ATOM   371  N  N   . ASP A 1 50  ? -5.808  -9.471  -14.975 1.00 21.23 ? 50  ASP A N   1 
ATOM   372  C  CA  . ASP A 1 50  ? -6.831  -9.502  -16.026 1.00 23.20 ? 50  ASP A CA  1 
ATOM   373  C  C   . ASP A 1 50  ? -6.201  -9.425  -17.438 1.00 23.99 ? 50  ASP A C   1 
ATOM   374  O  O   . ASP A 1 50  ? -6.658  -10.090 -18.346 1.00 26.95 ? 50  ASP A O   1 
ATOM   375  C  CB  . ASP A 1 50  ? -7.870  -8.392  -15.847 1.00 21.60 ? 50  ASP A CB  1 
ATOM   376  C  CG  . ASP A 1 50  ? -8.431  -8.355  -14.462 1.00 20.60 ? 50  ASP A CG  1 
ATOM   377  O  OD1 . ASP A 1 50  ? -8.563  -9.420  -13.833 1.00 21.87 ? 50  ASP A OD1 1 
ATOM   378  O  OD2 . ASP A 1 50  ? -8.751  -7.251  -13.996 1.00 21.48 ? 50  ASP A OD2 1 
ATOM   379  N  N   . ALA A 1 51  ? -5.165  -8.616  -17.623 1.00 23.89 ? 51  ALA A N   1 
ATOM   380  C  CA  . ALA A 1 51  ? -4.458  -8.527  -18.908 1.00 23.58 ? 51  ALA A CA  1 
ATOM   381  C  C   . ALA A 1 51  ? -2.985  -8.206  -18.590 1.00 23.75 ? 51  ALA A C   1 
ATOM   382  O  O   . ALA A 1 51  ? -2.677  -7.574  -17.592 1.00 22.92 ? 51  ALA A O   1 
ATOM   383  C  CB  . ALA A 1 51  ? -5.058  -7.428  -19.815 1.00 21.69 ? 51  ALA A CB  1 
ATOM   384  N  N   . ASP A 1 52  ? -2.089  -8.649  -19.452 1.00 21.87 ? 52  ASP A N   1 
ATOM   385  C  CA  . ASP A 1 52  ? -0.684  -8.413  -19.249 1.00 23.39 ? 52  ASP A CA  1 
ATOM   386  C  C   . ASP A 1 52  ? -0.250  -7.123  -19.971 1.00 22.56 ? 52  ASP A C   1 
ATOM   387  O  O   . ASP A 1 52  ? 0.254   -7.158  -21.084 1.00 22.58 ? 52  ASP A O   1 
ATOM   388  C  CB  . ASP A 1 52  ? 0.096   -9.635  -19.760 1.00 23.67 ? 52  ASP A CB  1 
ATOM   389  C  CG  . ASP A 1 52  ? 1.477   -9.731  -19.148 1.00 25.00 ? 52  ASP A CG  1 
ATOM   390  O  OD1 . ASP A 1 52  ? 1.853   -8.780  -18.417 1.00 22.12 ? 52  ASP A OD1 1 
ATOM   391  O  OD2 . ASP A 1 52  ? 2.162   -10.747 -19.405 1.00 24.45 ? 52  ASP A OD2 1 
ATOM   392  N  N   . LYS A 1 53  ? -0.465  -5.985  -19.326 1.00 22.03 ? 53  LYS A N   1 
ATOM   393  C  CA  . LYS A 1 53  ? -0.112  -4.705  -19.922 1.00 22.09 ? 53  LYS A CA  1 
ATOM   394  C  C   . LYS A 1 53  ? 0.790   -3.872  -19.016 1.00 21.91 ? 53  LYS A C   1 
ATOM   395  O  O   . LYS A 1 53  ? 0.768   -4.010  -17.800 1.00 22.74 ? 53  LYS A O   1 
ATOM   396  C  CB  . LYS A 1 53  ? -1.379  -3.898  -20.220 1.00 21.63 ? 53  LYS A CB  1 
ATOM   397  C  CG  . LYS A 1 53  ? -2.369  -4.606  -21.116 1.00 22.81 ? 53  LYS A CG  1 
ATOM   398  C  CD  . LYS A 1 53  ? -3.539  -3.709  -21.483 1.00 24.26 ? 53  LYS A CD  1 
ATOM   399  C  CE  . LYS A 1 53  ? -4.355  -4.357  -22.599 1.00 25.99 ? 53  LYS A CE  1 
ATOM   400  N  NZ  . LYS A 1 53  ? -5.393  -3.467  -23.138 1.00 27.21 ? 53  LYS A NZ  1 
ATOM   401  N  N   . PRO A 1 54  ? 1.589   -2.985  -19.609 1.00 22.34 ? 54  PRO A N   1 
ATOM   402  C  CA  . PRO A 1 54  ? 2.505   -2.107  -18.867 1.00 22.81 ? 54  PRO A CA  1 
ATOM   403  C  C   . PRO A 1 54  ? 1.658   -1.250  -17.913 1.00 22.93 ? 54  PRO A C   1 
ATOM   404  O  O   . PRO A 1 54  ? 0.627   -0.728  -18.320 1.00 21.25 ? 54  PRO A O   1 
ATOM   405  C  CB  . PRO A 1 54  ? 3.110   -1.226  -19.950 1.00 22.54 ? 54  PRO A CB  1 
ATOM   406  C  CG  . PRO A 1 54  ? 2.810   -1.928  -21.234 1.00 23.07 ? 54  PRO A CG  1 
ATOM   407  C  CD  . PRO A 1 54  ? 1.507   -2.593  -21.025 1.00 23.71 ? 54  PRO A CD  1 
ATOM   408  N  N   . LEU A 1 55  ? 2.097   -1.106  -16.666 1.00 22.72 ? 55  LEU A N   1 
ATOM   409  C  CA  . LEU A 1 55  ? 1.383   -0.321  -15.667 1.00 22.84 ? 55  LEU A CA  1 
ATOM   410  C  C   . LEU A 1 55  ? 2.176   0.925   -15.283 1.00 23.19 ? 55  LEU A C   1 
ATOM   411  O  O   . LEU A 1 55  ? 3.390   0.979   -15.444 1.00 20.47 ? 55  LEU A O   1 
ATOM   412  C  CB  . LEU A 1 55  ? 1.128   -1.166  -14.417 1.00 21.61 ? 55  LEU A CB  1 
ATOM   413  C  CG  . LEU A 1 55  ? 0.320   -2.454  -14.654 1.00 22.65 ? 55  LEU A CG  1 
ATOM   414  C  CD1 . LEU A 1 55  ? 0.040   -3.123  -13.311 1.00 22.13 ? 55  LEU A CD1 1 
ATOM   415  C  CD2 . LEU A 1 55  ? -0.999  -2.136  -15.335 1.00 21.77 ? 55  LEU A CD2 1 
ATOM   416  N  N   . THR A 1 56  ? 1.473   1.950   -14.817 1.00 23.25 ? 56  THR A N   1 
ATOM   417  C  CA  . THR A 1 56  ? 2.150   3.155   -14.367 1.00 22.50 ? 56  THR A CA  1 
ATOM   418  C  C   . THR A 1 56  ? 1.737   3.381   -12.934 1.00 22.78 ? 56  THR A C   1 
ATOM   419  O  O   . THR A 1 56  ? 0.553   3.314   -12.613 1.00 23.36 ? 56  THR A O   1 
ATOM   420  C  CB  . THR A 1 56  ? 1.792   4.396   -15.237 1.00 23.92 ? 56  THR A CB  1 
ATOM   421  O  OG1 . THR A 1 56  ? 2.388   4.227   -16.517 1.00 23.64 ? 56  THR A OG1 1 
ATOM   422  C  CG2 . THR A 1 56  ? 2.363   5.692   -14.637 1.00 20.01 ? 56  THR A CG2 1 
ATOM   423  N  N   . PHE A 1 57  ? 2.725   3.598   -12.069 1.00 21.99 ? 57  PHE A N   1 
ATOM   424  C  CA  . PHE A 1 57  ? 2.477   3.865   -10.660 1.00 21.77 ? 57  PHE A CA  1 
ATOM   425  C  C   . PHE A 1 57  ? 2.570   5.365   -10.328 1.00 22.93 ? 57  PHE A C   1 
ATOM   426  O  O   . PHE A 1 57  ? 3.413   6.074   -10.859 1.00 22.06 ? 57  PHE A O   1 
ATOM   427  C  CB  . PHE A 1 57  ? 3.492   3.127   -9.812  1.00 19.97 ? 57  PHE A CB  1 
ATOM   428  C  CG  . PHE A 1 57  ? 3.376   3.408   -8.342  1.00 19.16 ? 57  PHE A CG  1 
ATOM   429  C  CD1 . PHE A 1 57  ? 2.520   2.663   -7.541  1.00 18.24 ? 57  PHE A CD1 1 
ATOM   430  C  CD2 . PHE A 1 57  ? 4.171   4.378   -7.745  1.00 19.57 ? 57  PHE A CD2 1 
ATOM   431  C  CE1 . PHE A 1 57  ? 2.461   2.869   -6.165  1.00 16.52 ? 57  PHE A CE1 1 
ATOM   432  C  CE2 . PHE A 1 57  ? 4.123   4.594   -6.362  1.00 17.73 ? 57  PHE A CE2 1 
ATOM   433  C  CZ  . PHE A 1 57  ? 3.270   3.837   -5.577  1.00 18.33 ? 57  PHE A CZ  1 
ATOM   434  N  N   . TRP A 1 58  ? 1.720   5.826   -9.422  1.00 23.75 ? 58  TRP A N   1 
ATOM   435  C  CA  . TRP A 1 58  ? 1.718   7.233   -8.984  1.00 24.92 ? 58  TRP A CA  1 
ATOM   436  C  C   . TRP A 1 58  ? 1.550   7.322   -7.477  1.00 24.66 ? 58  TRP A C   1 
ATOM   437  O  O   . TRP A 1 58  ? 0.757   6.576   -6.917  1.00 23.97 ? 58  TRP A O   1 
ATOM   438  C  CB  . TRP A 1 58  ? 0.528   8.017   -9.579  1.00 26.42 ? 58  TRP A CB  1 
ATOM   439  C  CG  . TRP A 1 58  ? 0.648   8.390   -11.007 1.00 28.68 ? 58  TRP A CG  1 
ATOM   440  C  CD1 . TRP A 1 58  ? 1.360   9.430   -11.520 1.00 29.93 ? 58  TRP A CD1 1 
ATOM   441  C  CD2 . TRP A 1 58  ? 0.010   7.752   -12.119 1.00 29.03 ? 58  TRP A CD2 1 
ATOM   442  N  NE1 . TRP A 1 58  ? 1.199   9.491   -12.886 1.00 30.93 ? 58  TRP A NE1 1 
ATOM   443  C  CE2 . TRP A 1 58  ? 0.377   8.470   -13.282 1.00 30.01 ? 58  TRP A CE2 1 
ATOM   444  C  CE3 . TRP A 1 58  ? -0.843  6.643   -12.249 1.00 29.81 ? 58  TRP A CE3 1 
ATOM   445  C  CZ2 . TRP A 1 58  ? -0.079  8.115   -14.567 1.00 29.29 ? 58  TRP A CZ2 1 
ATOM   446  C  CZ3 . TRP A 1 58  ? -1.301  6.288   -13.531 1.00 27.83 ? 58  TRP A CZ3 1 
ATOM   447  C  CH2 . TRP A 1 58  ? -0.915  7.026   -14.669 1.00 29.00 ? 58  TRP A CH2 1 
ATOM   448  N  N   . CYS A 1 59  ? 2.313   8.201   -6.818  1.00 25.01 ? 59  CYS A N   1 
ATOM   449  C  CA  . CYS A 1 59  ? 2.087   8.461   -5.387  1.00 23.93 ? 59  CYS A CA  1 
ATOM   450  C  C   . CYS A 1 59  ? 1.562   9.884   -5.431  1.00 24.47 ? 59  CYS A C   1 
ATOM   451  O  O   . CYS A 1 59  ? 2.308   10.797  -5.755  1.00 22.99 ? 59  CYS A O   1 
ATOM   452  C  CB  . CYS A 1 59  ? 3.354   8.450   -4.525  1.00 24.30 ? 59  CYS A CB  1 
ATOM   453  S  SG  . CYS A 1 59  ? 3.003   8.846   -2.747  1.00 23.67 ? 59  CYS A SG  1 
ATOM   454  N  N   . ASP A 1 60  ? 0.280   10.058  -5.136  1.00 24.19 ? 60  ASP A N   1 
ATOM   455  C  CA  . ASP A 1 60  ? -0.345  11.377  -5.155  1.00 25.65 ? 60  ASP A CA  1 
ATOM   456  C  C   . ASP A 1 60  ? 0.037   12.245  -3.949  1.00 25.40 ? 60  ASP A C   1 
ATOM   457  O  O   . ASP A 1 60  ? 0.052   13.472  -4.034  1.00 25.68 ? 60  ASP A O   1 
ATOM   458  C  CB  . ASP A 1 60  ? -1.875  11.242  -5.218  1.00 24.54 ? 60  ASP A CB  1 
ATOM   459  C  CG  . ASP A 1 60  ? -2.347  10.476  -6.449  1.00 25.99 ? 60  ASP A CG  1 
ATOM   460  O  OD1 . ASP A 1 60  ? -1.722  10.617  -7.526  1.00 23.05 ? 60  ASP A OD1 1 
ATOM   461  O  OD2 . ASP A 1 60  ? -3.360  9.740   -6.332  1.00 26.21 ? 60  ASP A OD2 1 
ATOM   462  N  N   . HIS A 1 61  ? 0.359   11.607  -2.838  1.00 25.34 ? 61  HIS A N   1 
ATOM   463  C  CA  . HIS A 1 61  ? 0.715   12.348  -1.635  1.00 25.37 ? 61  HIS A CA  1 
ATOM   464  C  C   . HIS A 1 61  ? 1.175   11.408  -0.538  1.00 25.22 ? 61  HIS A C   1 
ATOM   465  O  O   . HIS A 1 61  ? 0.596   10.341  -0.346  1.00 23.92 ? 61  HIS A O   1 
ATOM   466  C  CB  . HIS A 1 61  ? -0.490  13.127  -1.110  1.00 26.37 ? 61  HIS A CB  1 
ATOM   467  C  CG  . HIS A 1 61  ? -0.288  13.675  0.261   1.00 28.07 ? 61  HIS A CG  1 
ATOM   468  N  ND1 . HIS A 1 61  ? 0.432   14.823  0.502   1.00 30.25 ? 61  HIS A ND1 1 
ATOM   469  C  CD2 . HIS A 1 61  ? -0.610  13.170  1.473   1.00 30.86 ? 61  HIS A CD2 1 
ATOM   470  C  CE1 . HIS A 1 61  ? 0.556   14.999  1.803   1.00 29.87 ? 61  HIS A CE1 1 
ATOM   471  N  NE2 . HIS A 1 61  ? -0.066  14.008  2.417   1.00 30.72 ? 61  HIS A NE2 1 
ATOM   472  N  N   . ALA A 1 62  ? 2.227   11.806  0.165   1.00 24.61 ? 62  ALA A N   1 
ATOM   473  C  CA  . ALA A 1 62  ? 2.724   11.026  1.282   1.00 25.78 ? 62  ALA A CA  1 
ATOM   474  C  C   . ALA A 1 62  ? 3.342   12.008  2.254   1.00 26.58 ? 62  ALA A C   1 
ATOM   475  O  O   . ALA A 1 62  ? 4.099   12.902  1.852   1.00 26.62 ? 62  ALA A O   1 
ATOM   476  C  CB  . ALA A 1 62  ? 3.752   10.014  0.827   1.00 26.41 ? 62  ALA A CB  1 
ATOM   477  N  N   . GLY A 1 63  ? 3.026   11.847  3.533   1.00 26.34 ? 63  GLY A N   1 
ATOM   478  C  CA  . GLY A 1 63  ? 3.571   12.758  4.516   1.00 28.12 ? 63  GLY A CA  1 
ATOM   479  C  C   . GLY A 1 63  ? 3.411   12.321  5.951   1.00 28.86 ? 63  GLY A C   1 
ATOM   480  O  O   . GLY A 1 63  ? 2.638   11.397  6.254   1.00 27.57 ? 63  GLY A O   1 
ATOM   481  N  N   . TYR A 1 64  ? 4.167   12.982  6.835   1.00 30.37 ? 64  TYR A N   1 
ATOM   482  C  CA  . TYR A 1 64  ? 4.113   12.693  8.266   1.00 31.85 ? 64  TYR A CA  1 
ATOM   483  C  C   . TYR A 1 64  ? 4.782   13.754  9.142   1.00 33.82 ? 64  TYR A C   1 
ATOM   484  O  O   . TYR A 1 64  ? 5.579   14.576  8.687   1.00 32.95 ? 64  TYR A O   1 
ATOM   485  C  CB  . TYR A 1 64  ? 4.713   11.319  8.567   1.00 30.59 ? 64  TYR A CB  1 
ATOM   486  C  CG  . TYR A 1 64  ? 6.205   11.242  8.346   1.00 31.14 ? 64  TYR A CG  1 
ATOM   487  C  CD1 . TYR A 1 64  ? 7.101   11.545  9.376   1.00 32.58 ? 64  TYR A CD1 1 
ATOM   488  C  CD2 . TYR A 1 64  ? 6.724   10.880  7.112   1.00 29.64 ? 64  TYR A CD2 1 
ATOM   489  C  CE1 . TYR A 1 64  ? 8.482   11.488  9.173   1.00 32.34 ? 64  TYR A CE1 1 
ATOM   490  C  CE2 . TYR A 1 64  ? 8.086   10.820  6.903   1.00 31.12 ? 64  TYR A CE2 1 
ATOM   491  C  CZ  . TYR A 1 64  ? 8.964   11.120  7.937   1.00 31.71 ? 64  TYR A CZ  1 
ATOM   492  O  OH  . TYR A 1 64  ? 10.324  11.015  7.736   1.00 30.54 ? 64  TYR A OH  1 
ATOM   493  N  N   . MET A 1 65  ? 4.434   13.704  10.420  1.00 35.87 ? 65  MET A N   1 
ATOM   494  C  CA  . MET A 1 65  ? 4.923   14.619  11.430  1.00 37.99 ? 65  MET A CA  1 
ATOM   495  C  C   . MET A 1 65  ? 6.144   14.060  12.118  1.00 38.74 ? 65  MET A C   1 
ATOM   496  O  O   . MET A 1 65  ? 6.149   12.910  12.562  1.00 39.18 ? 65  MET A O   1 
ATOM   497  C  CB  . MET A 1 65  ? 3.823   14.858  12.456  1.00 39.97 ? 65  MET A CB  1 
ATOM   498  C  CG  . MET A 1 65  ? 2.677   15.664  11.883  1.00 40.60 ? 65  MET A CG  1 
ATOM   499  S  SD  . MET A 1 65  ? 3.235   17.360  11.725  1.00 44.29 ? 65  MET A SD  1 
ATOM   500  C  CE  . MET A 1 65  ? 2.850   17.869  13.478  1.00 40.71 ? 65  MET A CE  1 
ATOM   501  N  N   . SER A 1 66  ? 7.192   14.877  12.174  1.00 40.45 ? 66  SER A N   1 
ATOM   502  C  CA  . SER A 1 66  ? 8.444   14.509  12.833  1.00 41.14 ? 66  SER A CA  1 
ATOM   503  C  C   . SER A 1 66  ? 8.556   15.615  13.875  1.00 41.66 ? 66  SER A C   1 
ATOM   504  O  O   . SER A 1 66  ? 8.867   16.764  13.538  1.00 42.21 ? 66  SER A O   1 
ATOM   505  C  CB  . SER A 1 66  ? 9.604   14.598  11.836  1.00 41.42 ? 66  SER A CB  1 
ATOM   506  O  OG  . SER A 1 66  ? 10.662  13.708  12.163  1.00 41.73 ? 66  SER A OG  1 
ATOM   507  N  N   . GLY A 1 67  ? 8.251   15.301  15.134  1.00 42.40 ? 67  GLY A N   1 
ATOM   508  C  CA  . GLY A 1 67  ? 8.330   16.338  16.151  1.00 41.56 ? 67  GLY A CA  1 
ATOM   509  C  C   . GLY A 1 67  ? 7.234   17.322  15.784  1.00 41.50 ? 67  GLY A C   1 
ATOM   510  O  O   . GLY A 1 67  ? 6.074   16.926  15.698  1.00 41.54 ? 67  GLY A O   1 
ATOM   511  N  N   . SER A 1 68  ? 7.584   18.585  15.550  1.00 41.52 ? 68  SER A N   1 
ATOM   512  C  CA  . SER A 1 68  ? 6.595   19.584  15.176  1.00 41.76 ? 68  SER A CA  1 
ATOM   513  C  C   . SER A 1 68  ? 6.780   20.126  13.744  1.00 41.46 ? 68  SER A C   1 
ATOM   514  O  O   . SER A 1 68  ? 6.235   21.180  13.408  1.00 41.89 ? 68  SER A O   1 
ATOM   515  C  CB  . SER A 1 68  ? 6.588   20.752  16.196  1.00 42.91 ? 68  SER A CB  1 
ATOM   516  O  OG  . SER A 1 68  ? 7.703   21.634  16.050  1.00 44.99 ? 68  SER A OG  1 
ATOM   517  N  N   . ASN A 1 69  ? 7.524   19.393  12.910  1.00 41.42 ? 69  ASN A N   1 
ATOM   518  C  CA  . ASN A 1 69  ? 7.768   19.762  11.498  1.00 41.49 ? 69  ASN A CA  1 
ATOM   519  C  C   . ASN A 1 69  ? 6.998   18.783  10.576  1.00 40.85 ? 69  ASN A C   1 
ATOM   520  O  O   . ASN A 1 69  ? 7.141   17.559  10.719  1.00 40.89 ? 69  ASN A O   1 
ATOM   521  C  CB  . ASN A 1 69  ? 9.252   19.597  11.135  1.00 42.66 ? 69  ASN A CB  1 
ATOM   522  C  CG  . ASN A 1 69  ? 10.191  20.119  12.210  1.00 44.70 ? 69  ASN A CG  1 
ATOM   523  O  OD1 . ASN A 1 69  ? 10.270  21.337  12.451  1.00 44.80 ? 69  ASN A OD1 1 
ATOM   524  N  ND2 . ASN A 1 69  ? 10.907  19.204  12.860  1.00 44.37 ? 69  ASN A ND2 1 
ATOM   525  N  N   . TYR A 1 70  ? 6.208   19.283  9.626   1.00 39.11 ? 70  TYR A N   1 
ATOM   526  C  CA  . TYR A 1 70  ? 5.504   18.356  8.728   1.00 37.24 ? 70  TYR A CA  1 
ATOM   527  C  C   . TYR A 1 70  ? 6.407   17.956  7.552   1.00 35.83 ? 70  TYR A C   1 
ATOM   528  O  O   . TYR A 1 70  ? 6.912   18.812  6.819   1.00 35.45 ? 70  TYR A O   1 
ATOM   529  C  CB  . TYR A 1 70  ? 4.228   18.980  8.164   1.00 38.05 ? 70  TYR A CB  1 
ATOM   530  C  CG  . TYR A 1 70  ? 3.498   18.020  7.252   1.00 38.47 ? 70  TYR A CG  1 
ATOM   531  C  CD1 . TYR A 1 70  ? 2.763   16.954  7.774   1.00 38.58 ? 70  TYR A CD1 1 
ATOM   532  C  CD2 . TYR A 1 70  ? 3.577   18.150  5.870   1.00 39.38 ? 70  TYR A CD2 1 
ATOM   533  C  CE1 . TYR A 1 70  ? 2.112   16.030  6.923   1.00 39.90 ? 70  TYR A CE1 1 
ATOM   534  C  CE2 . TYR A 1 70  ? 2.935   17.243  5.017   1.00 40.03 ? 70  TYR A CE2 1 
ATOM   535  C  CZ  . TYR A 1 70  ? 2.210   16.191  5.546   1.00 39.44 ? 70  TYR A CZ  1 
ATOM   536  O  OH  . TYR A 1 70  ? 1.603   15.294  4.686   1.00 42.15 ? 70  TYR A OH  1 
ATOM   537  N  N   . ILE A 1 71  ? 6.592   16.659  7.355   1.00 33.91 ? 71  ILE A N   1 
ATOM   538  C  CA  . ILE A 1 71  ? 7.470   16.160  6.299   1.00 33.35 ? 71  ILE A CA  1 
ATOM   539  C  C   . ILE A 1 71  ? 6.700   15.587  5.108   1.00 33.47 ? 71  ILE A C   1 
ATOM   540  O  O   . ILE A 1 71  ? 5.880   14.666  5.258   1.00 33.95 ? 71  ILE A O   1 
ATOM   541  C  CB  . ILE A 1 71  ? 8.399   15.083  6.875   1.00 32.41 ? 71  ILE A CB  1 
ATOM   542  C  CG1 . ILE A 1 71  ? 9.291   15.717  7.931   1.00 34.15 ? 71  ILE A CG1 1 
ATOM   543  C  CG2 . ILE A 1 71  ? 9.237   14.451  5.789   1.00 31.56 ? 71  ILE A CG2 1 
ATOM   544  C  CD1 . ILE A 1 71  ? 10.288  14.774  8.506   1.00 33.93 ? 71  ILE A CD1 1 
ATOM   545  N  N   . ASP A 1 72  ? 6.956   16.128  3.925   1.00 32.70 ? 72  ASP A N   1 
ATOM   546  C  CA  . ASP A 1 72  ? 6.270   15.653  2.720   1.00 32.13 ? 72  ASP A CA  1 
ATOM   547  C  C   . ASP A 1 72  ? 7.187   14.626  2.045   1.00 31.00 ? 72  ASP A C   1 
ATOM   548  O  O   . ASP A 1 72  ? 8.209   14.964  1.444   1.00 29.79 ? 72  ASP A O   1 
ATOM   549  C  CB  . ASP A 1 72  ? 5.993   16.819  1.770   1.00 33.28 ? 72  ASP A CB  1 
ATOM   550  C  CG  . ASP A 1 72  ? 5.237   16.389  0.510   1.00 34.28 ? 72  ASP A CG  1 
ATOM   551  O  OD1 . ASP A 1 72  ? 5.637   15.377  -0.115  1.00 34.43 ? 72  ASP A OD1 1 
ATOM   552  O  OD2 . ASP A 1 72  ? 4.247   17.070  0.142   1.00 36.30 ? 72  ASP A OD2 1 
ATOM   553  N  N   . ALA A 1 73  ? 6.816   13.365  2.147   1.00 29.33 ? 73  ALA A N   1 
ATOM   554  C  CA  . ALA A 1 73  ? 7.629   12.337  1.562   1.00 29.91 ? 73  ALA A CA  1 
ATOM   555  C  C   . ALA A 1 73  ? 7.099   11.874  0.208   1.00 29.22 ? 73  ALA A C   1 
ATOM   556  O  O   . ALA A 1 73  ? 7.561   10.882  -0.328  1.00 27.77 ? 73  ALA A O   1 
ATOM   557  C  CB  . ALA A 1 73  ? 7.697   11.181  2.527   1.00 30.71 ? 73  ALA A CB  1 
ATOM   558  N  N   . THR A 1 74  ? 6.128   12.600  -0.341  1.00 30.10 ? 74  THR A N   1 
ATOM   559  C  CA  . THR A 1 74  ? 5.517   12.231  -1.632  1.00 29.53 ? 74  THR A CA  1 
ATOM   560  C  C   . THR A 1 74  ? 6.481   11.736  -2.724  1.00 29.26 ? 74  THR A C   1 
ATOM   561  O  O   . THR A 1 74  ? 6.268   10.676  -3.319  1.00 28.25 ? 74  THR A O   1 
ATOM   562  C  CB  . THR A 1 74  ? 4.710   13.389  -2.201  1.00 28.68 ? 74  THR A CB  1 
ATOM   563  O  OG1 . THR A 1 74  ? 3.631   13.680  -1.313  1.00 28.39 ? 74  THR A OG1 1 
ATOM   564  C  CG2 . THR A 1 74  ? 4.144   13.024  -3.572  1.00 29.66 ? 74  THR A CG2 1 
ATOM   565  N  N   . SER A 1 75  ? 7.543   12.487  -2.968  1.00 29.21 ? 75  SER A N   1 
ATOM   566  C  CA  . SER A 1 75  ? 8.498   12.106  -3.989  1.00 29.94 ? 75  SER A CA  1 
ATOM   567  C  C   . SER A 1 75  ? 9.379   10.914  -3.600  1.00 29.94 ? 75  SER A C   1 
ATOM   568  O  O   . SER A 1 75  ? 10.082  10.384  -4.447  1.00 31.69 ? 75  SER A O   1 
ATOM   569  C  CB  . SER A 1 75  ? 9.397   13.320  -4.362  1.00 31.08 ? 75  SER A CB  1 
ATOM   570  O  OG  . SER A 1 75  ? 10.245  13.710  -3.285  1.00 29.48 ? 75  SER A OG  1 
ATOM   571  N  N   . LYS A 1 76  ? 9.338   10.484  -2.340  1.00 29.09 ? 76  LYS A N   1 
ATOM   572  C  CA  . LYS A 1 76  ? 10.154  9.367   -1.877  1.00 28.38 ? 76  LYS A CA  1 
ATOM   573  C  C   . LYS A 1 76  ? 9.519   7.988   -1.937  1.00 28.33 ? 76  LYS A C   1 
ATOM   574  O  O   . LYS A 1 76  ? 10.131  7.005   -1.529  1.00 28.53 ? 76  LYS A O   1 
ATOM   575  C  CB  . LYS A 1 76  ? 10.588  9.591   -0.431  1.00 31.50 ? 76  LYS A CB  1 
ATOM   576  C  CG  . LYS A 1 76  ? 11.907  10.278  -0.309  1.00 33.90 ? 76  LYS A CG  1 
ATOM   577  C  CD  . LYS A 1 76  ? 11.780  11.763  -0.249  1.00 34.54 ? 76  LYS A CD  1 
ATOM   578  C  CE  . LYS A 1 76  ? 13.154  12.398  -0.336  1.00 35.13 ? 76  LYS A CE  1 
ATOM   579  N  NZ  . LYS A 1 76  ? 13.117  13.734  0.290   1.00 35.63 ? 76  LYS A NZ  1 
ATOM   580  N  N   . VAL A 1 77  ? 8.305   7.904   -2.442  1.00 27.50 ? 77  VAL A N   1 
ATOM   581  C  CA  . VAL A 1 77  ? 7.622   6.629   -2.522  1.00 25.73 ? 77  VAL A CA  1 
ATOM   582  C  C   . VAL A 1 77  ? 7.780   5.952   -3.878  1.00 25.50 ? 77  VAL A C   1 
ATOM   583  O  O   . VAL A 1 77  ? 7.737   6.598   -4.903  1.00 27.83 ? 77  VAL A O   1 
ATOM   584  C  CB  . VAL A 1 77  ? 6.135   6.845   -2.182  1.00 24.96 ? 77  VAL A CB  1 
ATOM   585  C  CG1 . VAL A 1 77  ? 5.358   5.536   -2.268  1.00 23.24 ? 77  VAL A CG1 1 
ATOM   586  C  CG2 . VAL A 1 77  ? 6.042   7.464   -0.810  1.00 20.98 ? 77  VAL A CG2 1 
ATOM   587  N  N   . THR A 1 78  ? 7.985   4.649   -3.890  1.00 24.71 ? 78  THR A N   1 
ATOM   588  C  CA  . THR A 1 78  ? 8.109   3.940   -5.150  1.00 24.09 ? 78  THR A CA  1 
ATOM   589  C  C   . THR A 1 78  ? 7.138   2.758   -5.134  1.00 24.04 ? 78  THR A C   1 
ATOM   590  O  O   . THR A 1 78  ? 6.764   2.258   -4.052  1.00 22.78 ? 78  THR A O   1 
ATOM   591  C  CB  . THR A 1 78  ? 9.550   3.390   -5.381  1.00 25.26 ? 78  THR A CB  1 
ATOM   592  O  OG1 . THR A 1 78  ? 9.841   2.364   -4.424  1.00 25.27 ? 78  THR A OG1 1 
ATOM   593  C  CG2 . THR A 1 78  ? 10.562  4.496   -5.255  1.00 26.66 ? 78  THR A CG2 1 
ATOM   594  N  N   . GLY A 1 79  ? 6.750   2.323   -6.332  1.00 21.70 ? 79  GLY A N   1 
ATOM   595  C  CA  . GLY A 1 79  ? 5.831   1.216   -6.471  1.00 22.68 ? 79  GLY A CA  1 
ATOM   596  C  C   . GLY A 1 79  ? 6.418   0.168   -7.385  1.00 23.85 ? 79  GLY A C   1 
ATOM   597  O  O   . GLY A 1 79  ? 7.118   0.507   -8.329  1.00 26.63 ? 79  GLY A O   1 
ATOM   598  N  N   . SER A 1 80  ? 6.157   -1.099  -7.103  1.00 22.62 ? 80  SER A N   1 
ATOM   599  C  CA  . SER A 1 80  ? 6.655   -2.204  -7.916  1.00 23.32 ? 80  SER A CA  1 
ATOM   600  C  C   . SER A 1 80  ? 5.565   -3.228  -8.123  1.00 21.53 ? 80  SER A C   1 
ATOM   601  O  O   . SER A 1 80  ? 4.735   -3.432  -7.246  1.00 21.42 ? 80  SER A O   1 
ATOM   602  C  CB  . SER A 1 80  ? 7.828   -2.904  -7.236  1.00 24.94 ? 80  SER A CB  1 
ATOM   603  O  OG  . SER A 1 80  ? 8.953   -2.066  -7.278  1.00 31.75 ? 80  SER A OG  1 
ATOM   604  N  N   . PHE A 1 81  ? 5.595   -3.893  -9.268  1.00 20.89 ? 81  PHE A N   1 
ATOM   605  C  CA  . PHE A 1 81  ? 4.602   -4.903  -9.573  1.00 20.55 ? 81  PHE A CA  1 
ATOM   606  C  C   . PHE A 1 81  ? 5.262   -6.264  -9.797  1.00 21.29 ? 81  PHE A C   1 
ATOM   607  O  O   . PHE A 1 81  ? 6.038   -6.462  -10.739 1.00 21.30 ? 81  PHE A O   1 
ATOM   608  C  CB  . PHE A 1 81  ? 3.808   -4.441  -10.777 1.00 18.93 ? 81  PHE A CB  1 
ATOM   609  C  CG  . PHE A 1 81  ? 3.085   -3.153  -10.542 1.00 20.73 ? 81  PHE A CG  1 
ATOM   610  C  CD1 . PHE A 1 81  ? 1.947   -3.114  -9.726  1.00 18.22 ? 81  PHE A CD1 1 
ATOM   611  C  CD2 . PHE A 1 81  ? 3.528   -1.972  -11.138 1.00 20.36 ? 81  PHE A CD2 1 
ATOM   612  C  CE1 . PHE A 1 81  ? 1.257   -1.927  -9.514  1.00 18.09 ? 81  PHE A CE1 1 
ATOM   613  C  CE2 . PHE A 1 81  ? 2.840   -0.772  -10.931 1.00 20.72 ? 81  PHE A CE2 1 
ATOM   614  C  CZ  . PHE A 1 81  ? 1.700   -0.753  -10.118 1.00 20.39 ? 81  PHE A CZ  1 
ATOM   615  N  N   . LYS A 1 82  ? 4.949   -7.212  -8.924  1.00 22.02 ? 82  LYS A N   1 
ATOM   616  C  CA  . LYS A 1 82  ? 5.579   -8.525  -9.019  1.00 22.97 ? 82  LYS A CA  1 
ATOM   617  C  C   . LYS A 1 82  ? 4.563   -9.654  -9.062  1.00 22.69 ? 82  LYS A C   1 
ATOM   618  O  O   . LYS A 1 82  ? 3.457   -9.502  -8.585  1.00 21.61 ? 82  LYS A O   1 
ATOM   619  C  CB  . LYS A 1 82  ? 6.513   -8.691  -7.828  1.00 24.56 ? 82  LYS A CB  1 
ATOM   620  C  CG  . LYS A 1 82  ? 7.318   -7.434  -7.526  1.00 28.44 ? 82  LYS A CG  1 
ATOM   621  C  CD  . LYS A 1 82  ? 8.348   -7.625  -6.392  1.00 32.61 ? 82  LYS A CD  1 
ATOM   622  C  CE  . LYS A 1 82  ? 9.038   -6.282  -6.110  1.00 34.95 ? 82  LYS A CE  1 
ATOM   623  N  NZ  . LYS A 1 82  ? 10.267  -6.412  -5.314  1.00 37.49 ? 82  LYS A NZ  1 
ATOM   624  N  N   . ALA A 1 83  ? 4.946   -10.790 -9.627  1.00 21.99 ? 83  ALA A N   1 
ATOM   625  C  CA  . ALA A 1 83  ? 4.032   -11.910 -9.706  1.00 23.13 ? 83  ALA A CA  1 
ATOM   626  C  C   . ALA A 1 83  ? 3.917   -12.669 -8.391  1.00 23.82 ? 83  ALA A C   1 
ATOM   627  O  O   . ALA A 1 83  ? 4.795   -12.612 -7.525  1.00 22.19 ? 83  ALA A O   1 
ATOM   628  C  CB  . ALA A 1 83  ? 4.470   -12.855 -10.784 1.00 22.49 ? 83  ALA A CB  1 
ATOM   629  N  N   . VAL A 1 84  ? 2.796   -13.367 -8.246  1.00 24.79 ? 84  VAL A N   1 
ATOM   630  C  CA  . VAL A 1 84  ? 2.541   -14.190 -7.079  1.00 26.17 ? 84  VAL A CA  1 
ATOM   631  C  C   . VAL A 1 84  ? 2.658   -15.598 -7.640  1.00 27.91 ? 84  VAL A C   1 
ATOM   632  O  O   . VAL A 1 84  ? 1.810   -16.048 -8.404  1.00 28.46 ? 84  VAL A O   1 
ATOM   633  C  CB  . VAL A 1 84  ? 1.131   -13.990 -6.516  1.00 26.75 ? 84  VAL A CB  1 
ATOM   634  C  CG1 . VAL A 1 84  ? 0.979   -14.782 -5.224  1.00 28.00 ? 84  VAL A CG1 1 
ATOM   635  C  CG2 . VAL A 1 84  ? 0.852   -12.517 -6.272  1.00 25.54 ? 84  VAL A CG2 1 
ATOM   636  N  N   . SER A 1 85  ? 3.744   -16.278 -7.297  1.00 29.65 ? 85  SER A N   1 
ATOM   637  C  CA  . SER A 1 85  ? 3.984   -17.651 -7.773  1.00 31.47 ? 85  SER A CA  1 
ATOM   638  C  C   . SER A 1 85  ? 4.014   -18.536 -6.527  1.00 31.76 ? 85  SER A C   1 
ATOM   639  O  O   . SER A 1 85  ? 4.802   -18.292 -5.617  1.00 31.63 ? 85  SER A O   1 
ATOM   640  C  CB  . SER A 1 85  ? 5.339   -17.736 -8.487  1.00 31.98 ? 85  SER A CB  1 
ATOM   641  O  OG  . SER A 1 85  ? 5.304   -18.641 -9.579  1.00 33.78 ? 85  SER A OG  1 
ATOM   642  N  N   . PRO A 1 86  ? 3.121   -19.535 -6.450  1.00 31.94 ? 86  PRO A N   1 
ATOM   643  C  CA  . PRO A 1 86  ? 2.123   -19.819 -7.489  1.00 32.26 ? 86  PRO A CA  1 
ATOM   644  C  C   . PRO A 1 86  ? 0.905   -18.906 -7.309  1.00 31.19 ? 86  PRO A C   1 
ATOM   645  O  O   . PRO A 1 86  ? 0.629   -18.437 -6.205  1.00 30.48 ? 86  PRO A O   1 
ATOM   646  C  CB  . PRO A 1 86  ? 1.784   -21.294 -7.247  1.00 32.78 ? 86  PRO A CB  1 
ATOM   647  C  CG  . PRO A 1 86  ? 1.849   -21.390 -5.737  1.00 32.97 ? 86  PRO A CG  1 
ATOM   648  C  CD  . PRO A 1 86  ? 3.103   -20.566 -5.394  1.00 32.40 ? 86  PRO A CD  1 
ATOM   649  N  N   . ALA A 1 87  ? 0.197   -18.658 -8.400  1.00 31.42 ? 87  ALA A N   1 
ATOM   650  C  CA  . ALA A 1 87  ? -1.005  -17.814 -8.384  1.00 31.67 ? 87  ALA A CA  1 
ATOM   651  C  C   . ALA A 1 87  ? -2.096  -18.439 -7.531  1.00 31.48 ? 87  ALA A C   1 
ATOM   652  O  O   . ALA A 1 87  ? -2.278  -19.647 -7.588  1.00 31.82 ? 87  ALA A O   1 
ATOM   653  C  CB  . ALA A 1 87  ? -1.523  -17.635 -9.816  1.00 31.48 ? 87  ALA A CB  1 
ATOM   654  N  N   . VAL A 1 88  ? -2.785  -17.640 -6.711  1.00 31.35 ? 88  VAL A N   1 
ATOM   655  C  CA  . VAL A 1 88  ? -3.907  -18.146 -5.922  1.00 31.02 ? 88  VAL A CA  1 
ATOM   656  C  C   . VAL A 1 88  ? -5.185  -17.511 -6.473  1.00 30.87 ? 88  VAL A C   1 
ATOM   657  O  O   . VAL A 1 88  ? -5.123  -16.637 -7.326  1.00 30.87 ? 88  VAL A O   1 
ATOM   658  C  CB  . VAL A 1 88  ? -3.807  -17.802 -4.405  1.00 32.25 ? 88  VAL A CB  1 
ATOM   659  C  CG1 . VAL A 1 88  ? -2.577  -18.470 -3.789  1.00 32.65 ? 88  VAL A CG1 1 
ATOM   660  C  CG2 . VAL A 1 88  ? -3.795  -16.293 -4.201  1.00 32.02 ? 88  VAL A CG2 1 
ATOM   661  N  N   . THR A 1 89  ? -6.342  -17.947 -5.994  1.00 30.60 ? 89  THR A N   1 
ATOM   662  C  CA  . THR A 1 89  ? -7.614  -17.390 -6.468  1.00 29.93 ? 89  THR A CA  1 
ATOM   663  C  C   . THR A 1 89  ? -7.670  -15.894 -6.136  1.00 28.93 ? 89  THR A C   1 
ATOM   664  O  O   . THR A 1 89  ? -7.522  -15.500 -4.964  1.00 29.24 ? 89  THR A O   1 
ATOM   665  C  CB  . THR A 1 89  ? -8.849  -18.045 -5.765  1.00 30.67 ? 89  THR A CB  1 
ATOM   666  O  OG1 . THR A 1 89  ? -8.700  -19.472 -5.721  1.00 32.42 ? 89  THR A OG1 1 
ATOM   667  C  CG2 . THR A 1 89  ? -10.121 -17.690 -6.514  1.00 30.78 ? 89  THR A CG2 1 
ATOM   668  N  N   . ASN A 1 90  ? -7.903  -15.076 -7.159  1.00 26.38 ? 90  ASN A N   1 
ATOM   669  C  CA  . ASN A 1 90  ? -8.008  -13.638 -7.015  1.00 25.70 ? 90  ASN A CA  1 
ATOM   670  C  C   . ASN A 1 90  ? -6.719  -12.902 -6.710  1.00 25.18 ? 90  ASN A C   1 
ATOM   671  O  O   . ASN A 1 90  ? -6.738  -11.748 -6.275  1.00 22.07 ? 90  ASN A O   1 
ATOM   672  C  CB  . ASN A 1 90  ? -9.083  -13.288 -5.994  1.00 25.35 ? 90  ASN A CB  1 
ATOM   673  C  CG  . ASN A 1 90  ? -10.446 -13.589 -6.526  1.00 27.55 ? 90  ASN A CG  1 
ATOM   674  O  OD1 . ASN A 1 90  ? -11.467 -13.323 -5.895  1.00 29.21 ? 90  ASN A OD1 1 
ATOM   675  N  ND2 . ASN A 1 90  ? -10.475 -14.156 -7.716  1.00 27.51 ? 90  ASN A ND2 1 
ATOM   676  N  N   . ALA A 1 91  ? -5.599  -13.561 -6.978  1.00 24.27 ? 91  ALA A N   1 
ATOM   677  C  CA  . ALA A 1 91  ? -4.324  -12.931 -6.735  1.00 25.03 ? 91  ALA A CA  1 
ATOM   678  C  C   . ALA A 1 91  ? -3.186  -13.514 -7.580  1.00 25.14 ? 91  ALA A C   1 
ATOM   679  O  O   . ALA A 1 91  ? -2.621  -14.544 -7.209  1.00 27.31 ? 91  ALA A O   1 
ATOM   680  C  CB  . ALA A 1 91  ? -3.984  -13.024 -5.258  1.00 23.62 ? 91  ALA A CB  1 
ATOM   681  N  N   . ASP A 1 92  ? -2.861  -12.886 -8.715  1.00 21.95 ? 92  ASP A N   1 
ATOM   682  C  CA  . ASP A 1 92  ? -1.739  -13.360 -9.509  1.00 21.67 ? 92  ASP A CA  1 
ATOM   683  C  C   . ASP A 1 92  ? -0.572  -12.363 -9.524  1.00 21.37 ? 92  ASP A C   1 
ATOM   684  O  O   . ASP A 1 92  ? 0.498   -12.678 -10.035 1.00 22.02 ? 92  ASP A O   1 
ATOM   685  C  CB  . ASP A 1 92  ? -2.141  -13.735 -10.947 1.00 20.63 ? 92  ASP A CB  1 
ATOM   686  C  CG  . ASP A 1 92  ? -2.927  -12.651 -11.662 1.00 20.48 ? 92  ASP A CG  1 
ATOM   687  O  OD1 . ASP A 1 92  ? -2.503  -11.491 -11.681 1.00 23.15 ? 92  ASP A OD1 1 
ATOM   688  O  OD2 . ASP A 1 92  ? -3.973  -12.968 -12.231 1.00 22.80 ? 92  ASP A OD2 1 
ATOM   689  N  N   . HIS A 1 93  ? -0.780  -11.168 -8.967  1.00 20.42 ? 93  HIS A N   1 
ATOM   690  C  CA  . HIS A 1 93  ? 0.282   -10.163 -8.878  1.00 20.11 ? 93  HIS A CA  1 
ATOM   691  C  C   . HIS A 1 93  ? 0.053   -9.287  -7.657  1.00 20.06 ? 93  HIS A C   1 
ATOM   692  O  O   . HIS A 1 93  ? -0.999  -9.347  -7.025  1.00 22.36 ? 93  HIS A O   1 
ATOM   693  C  CB  . HIS A 1 93  ? 0.335   -9.257  -10.122 1.00 18.28 ? 93  HIS A CB  1 
ATOM   694  C  CG  . HIS A 1 93  ? 0.792   -9.955  -11.356 1.00 18.93 ? 93  HIS A CG  1 
ATOM   695  N  ND1 . HIS A 1 93  ? -0.054  -10.705 -12.145 1.00 19.51 ? 93  HIS A ND1 1 
ATOM   696  C  CD2 . HIS A 1 93  ? 2.019   -10.055 -11.915 1.00 19.94 ? 93  HIS A CD2 1 
ATOM   697  C  CE1 . HIS A 1 93  ? 0.632   -11.235 -13.137 1.00 18.99 ? 93  HIS A CE1 1 
ATOM   698  N  NE2 . HIS A 1 93  ? 1.893   -10.855 -13.022 1.00 19.20 ? 93  HIS A NE2 1 
ATOM   699  N  N   . TYR A 1 94  ? 1.025   -8.455  -7.325  1.00 19.07 ? 94  TYR A N   1 
ATOM   700  C  CA  . TYR A 1 94  ? 0.833   -7.593  -6.198  1.00 18.83 ? 94  TYR A CA  1 
ATOM   701  C  C   . TYR A 1 94  ? 1.623   -6.318  -6.315  1.00 19.02 ? 94  TYR A C   1 
ATOM   702  O  O   . TYR A 1 94  ? 2.721   -6.304  -6.848  1.00 19.71 ? 94  TYR A O   1 
ATOM   703  C  CB  . TYR A 1 94  ? 1.171   -8.327  -4.893  1.00 19.46 ? 94  TYR A CB  1 
ATOM   704  C  CG  . TYR A 1 94  ? 2.645   -8.633  -4.623  1.00 23.92 ? 94  TYR A CG  1 
ATOM   705  C  CD1 . TYR A 1 94  ? 3.457   -7.729  -3.923  1.00 24.63 ? 94  TYR A CD1 1 
ATOM   706  C  CD2 . TYR A 1 94  ? 3.206   -9.862  -4.993  1.00 23.74 ? 94  TYR A CD2 1 
ATOM   707  C  CE1 . TYR A 1 94  ? 4.775   -8.040  -3.591  1.00 25.48 ? 94  TYR A CE1 1 
ATOM   708  C  CE2 . TYR A 1 94  ? 4.524   -10.182 -4.664  1.00 26.10 ? 94  TYR A CE2 1 
ATOM   709  C  CZ  . TYR A 1 94  ? 5.295   -9.270  -3.967  1.00 26.29 ? 94  TYR A CZ  1 
ATOM   710  O  OH  . TYR A 1 94  ? 6.587   -9.582  -3.662  1.00 28.04 ? 94  TYR A OH  1 
ATOM   711  N  N   . LEU A 1 95  ? 1.037   -5.231  -5.845  1.00 17.65 ? 95  LEU A N   1 
ATOM   712  C  CA  . LEU A 1 95  ? 1.720   -3.958  -5.840  1.00 18.82 ? 95  LEU A CA  1 
ATOM   713  C  C   . LEU A 1 95  ? 2.561   -3.950  -4.578  1.00 18.80 ? 95  LEU A C   1 
ATOM   714  O  O   . LEU A 1 95  ? 2.114   -4.419  -3.553  1.00 20.17 ? 95  LEU A O   1 
ATOM   715  C  CB  . LEU A 1 95  ? 0.715   -2.800  -5.764  1.00 17.18 ? 95  LEU A CB  1 
ATOM   716  C  CG  . LEU A 1 95  ? 1.229   -1.447  -5.241  1.00 16.85 ? 95  LEU A CG  1 
ATOM   717  C  CD1 . LEU A 1 95  ? 2.414   -0.914  -6.055  1.00 13.44 ? 95  LEU A CD1 1 
ATOM   718  C  CD2 . LEU A 1 95  ? 0.076   -0.475  -5.253  1.00 15.67 ? 95  LEU A CD2 1 
ATOM   719  N  N   . GLU A 1 96  ? 3.785   -3.456  -4.660  1.00 19.39 ? 96  GLU A N   1 
ATOM   720  C  CA  . GLU A 1 96  ? 4.594   -3.335  -3.465  1.00 20.19 ? 96  GLU A CA  1 
ATOM   721  C  C   . GLU A 1 96  ? 5.001   -1.889  -3.357  1.00 19.81 ? 96  GLU A C   1 
ATOM   722  O  O   . GLU A 1 96  ? 5.678   -1.373  -4.229  1.00 18.76 ? 96  GLU A O   1 
ATOM   723  C  CB  . GLU A 1 96  ? 5.845   -4.197  -3.494  1.00 20.54 ? 96  GLU A CB  1 
ATOM   724  C  CG  . GLU A 1 96  ? 6.627   -4.061  -2.194  1.00 24.31 ? 96  GLU A CG  1 
ATOM   725  C  CD  . GLU A 1 96  ? 7.805   -5.002  -2.113  1.00 26.74 ? 96  GLU A CD  1 
ATOM   726  O  OE1 . GLU A 1 96  ? 8.789   -4.785  -2.848  1.00 29.21 ? 96  GLU A OE1 1 
ATOM   727  O  OE2 . GLU A 1 96  ? 7.734   -5.964  -1.327  1.00 28.14 ? 96  GLU A OE2 1 
ATOM   728  N  N   . VAL A 1 97  ? 4.557   -1.231  -2.293  1.00 20.71 ? 97  VAL A N   1 
ATOM   729  C  CA  . VAL A 1 97  ? 4.899   0.163   -2.069  1.00 21.10 ? 97  VAL A CA  1 
ATOM   730  C  C   . VAL A 1 97  ? 6.094   0.242   -1.124  1.00 23.65 ? 97  VAL A C   1 
ATOM   731  O  O   . VAL A 1 97  ? 6.121   -0.420  -0.081  1.00 25.66 ? 97  VAL A O   1 
ATOM   732  C  CB  . VAL A 1 97  ? 3.703   0.933   -1.480  1.00 21.04 ? 97  VAL A CB  1 
ATOM   733  C  CG1 . VAL A 1 97  ? 4.061   2.380   -1.284  1.00 21.63 ? 97  VAL A CG1 1 
ATOM   734  C  CG2 . VAL A 1 97  ? 2.519   0.840   -2.408  1.00 19.31 ? 97  VAL A CG2 1 
ATOM   735  N  N   . ALA A 1 98  ? 7.096   1.028   -1.481  1.00 24.56 ? 98  ALA A N   1 
ATOM   736  C  CA  . ALA A 1 98  ? 8.275   1.160   -0.634  1.00 25.54 ? 98  ALA A CA  1 
ATOM   737  C  C   . ALA A 1 98  ? 8.684   2.612   -0.590  1.00 26.88 ? 98  ALA A C   1 
ATOM   738  O  O   . ALA A 1 98  ? 8.141   3.415   -1.323  1.00 27.25 ? 98  ALA A O   1 
ATOM   739  C  CB  . ALA A 1 98  ? 9.401   0.336   -1.180  1.00 24.22 ? 98  ALA A CB  1 
ATOM   740  N  N   . LEU A 1 99  ? 9.640   2.947   0.270   1.00 28.18 ? 99  LEU A N   1 
ATOM   741  C  CA  . LEU A 1 99  ? 10.124  4.320   0.388   1.00 28.40 ? 99  LEU A CA  1 
ATOM   742  C  C   . LEU A 1 99  ? 11.651  4.347   0.294   1.00 30.29 ? 99  LEU A C   1 
ATOM   743  O  O   . LEU A 1 99  ? 12.326  3.435   0.766   1.00 30.19 ? 99  LEU A O   1 
ATOM   744  C  CB  . LEU A 1 99  ? 9.662   4.956   1.701   1.00 28.37 ? 99  LEU A CB  1 
ATOM   745  C  CG  . LEU A 1 99  ? 8.146   5.062   1.906   1.00 28.18 ? 99  LEU A CG  1 
ATOM   746  C  CD1 . LEU A 1 99  ? 7.660   3.852   2.653   1.00 28.29 ? 99  LEU A CD1 1 
ATOM   747  C  CD2 . LEU A 1 99  ? 7.800   6.292   2.694   1.00 27.47 ? 99  LEU A CD2 1 
ATOM   748  N  N   . ASN A 1 100 ? 12.197  5.384   -0.338  1.00 32.40 ? 100 ASN A N   1 
ATOM   749  C  CA  . ASN A 1 100 ? 13.648  5.485   -0.503  1.00 35.14 ? 100 ASN A CA  1 
ATOM   750  C  C   . ASN A 1 100 ? 14.422  5.525   0.831   1.00 35.64 ? 100 ASN A C   1 
ATOM   751  O  O   . ASN A 1 100 ? 13.881  5.797   1.902   1.00 35.23 ? 100 ASN A O   1 
ATOM   752  C  CB  . ASN A 1 100 ? 14.013  6.718   -1.339  1.00 35.72 ? 100 ASN A CB  1 
ATOM   753  C  CG  . ASN A 1 100 ? 13.368  6.708   -2.728  1.00 38.14 ? 100 ASN A CG  1 
ATOM   754  O  OD1 . ASN A 1 100 ? 13.275  5.655   -3.380  1.00 37.88 ? 100 ASN A OD1 1 
ATOM   755  N  ND2 . ASN A 1 100 ? 12.933  7.901   -3.196  1.00 37.13 ? 100 ASN A ND2 1 
ATOM   756  N  N   . SER A 1 101 ? 15.713  5.265   0.730   1.00 37.41 ? 101 SER A N   1 
ATOM   757  C  CA  . SER A 1 101 ? 16.594  5.209   1.887   1.00 39.15 ? 101 SER A CA  1 
ATOM   758  C  C   . SER A 1 101 ? 16.541  6.415   2.825   1.00 38.89 ? 101 SER A C   1 
ATOM   759  O  O   . SER A 1 101 ? 16.772  6.286   4.033   1.00 39.02 ? 101 SER A O   1 
ATOM   760  C  CB  . SER A 1 101 ? 18.026  4.999   1.398   1.00 40.34 ? 101 SER A CB  1 
ATOM   761  O  OG  . SER A 1 101 ? 18.437  6.093   0.575   1.00 43.91 ? 101 SER A OG  1 
ATOM   762  N  N   . ASP A 1 102 ? 16.222  7.586   2.286   1.00 39.37 ? 102 ASP A N   1 
ATOM   763  C  CA  . ASP A 1 102 ? 16.189  8.775   3.114   1.00 38.64 ? 102 ASP A CA  1 
ATOM   764  C  C   . ASP A 1 102 ? 14.805  9.321   3.407   1.00 38.51 ? 102 ASP A C   1 
ATOM   765  O  O   . ASP A 1 102 ? 14.653  10.496  3.772   1.00 39.44 ? 102 ASP A O   1 
ATOM   766  C  CB  . ASP A 1 102 ? 17.086  9.859   2.484   1.00 40.84 ? 102 ASP A CB  1 
ATOM   767  C  CG  . ASP A 1 102 ? 16.610  10.297  1.098   1.00 41.77 ? 102 ASP A CG  1 
ATOM   768  O  OD1 . ASP A 1 102 ? 16.016  9.474   0.327   1.00 42.73 ? 102 ASP A OD1 1 
ATOM   769  O  OD2 . ASP A 1 102 ? 16.846  11.477  0.774   1.00 42.32 ? 102 ASP A OD2 1 
ATOM   770  N  N   . ALA A 1 103 ? 13.779  8.487   3.251   1.00 37.16 ? 103 ALA A N   1 
ATOM   771  C  CA  . ALA A 1 103 ? 12.424  8.942   3.519   1.00 34.60 ? 103 ALA A CA  1 
ATOM   772  C  C   . ALA A 1 103 ? 12.373  9.585   4.908   1.00 34.63 ? 103 ALA A C   1 
ATOM   773  O  O   . ALA A 1 103 ? 11.715  10.621  5.109   1.00 33.50 ? 103 ALA A O   1 
ATOM   774  C  CB  . ALA A 1 103 ? 11.464  7.765   3.452   1.00 36.39 ? 103 ALA A CB  1 
ATOM   775  N  N   . GLY A 1 104 ? 13.079  8.975   5.864   1.00 34.55 ? 104 GLY A N   1 
ATOM   776  C  CA  . GLY A 1 104 ? 13.084  9.487   7.234   1.00 34.15 ? 104 GLY A CA  1 
ATOM   777  C  C   . GLY A 1 104 ? 12.742  8.420   8.261   1.00 33.59 ? 104 GLY A C   1 
ATOM   778  O  O   . GLY A 1 104 ? 12.770  7.223   7.972   1.00 33.02 ? 104 GLY A O   1 
ATOM   779  N  N   . SER A 1 105 ? 12.437  8.833   9.485   1.00 33.47 ? 105 SER A N   1 
ATOM   780  C  CA  . SER A 1 105 ? 12.098  7.849   10.515  1.00 32.38 ? 105 SER A CA  1 
ATOM   781  C  C   . SER A 1 105 ? 10.735  8.217   11.072  1.00 31.98 ? 105 SER A C   1 
ATOM   782  O  O   . SER A 1 105 ? 10.446  9.384   11.319  1.00 30.62 ? 105 SER A O   1 
ATOM   783  C  CB  . SER A 1 105 ? 13.150  7.846   11.637  1.00 33.24 ? 105 SER A CB  1 
ATOM   784  O  OG  . SER A 1 105 ? 13.448  6.516   12.085  1.00 33.01 ? 105 SER A OG  1 
ATOM   785  N  N   . LEU A 1 106 ? 9.881   7.219   11.231  1.00 33.72 ? 106 LEU A N   1 
ATOM   786  C  CA  . LEU A 1 106 ? 8.552   7.465   11.756  1.00 33.97 ? 106 LEU A CA  1 
ATOM   787  C  C   . LEU A 1 106 ? 8.666   7.326   13.265  1.00 34.43 ? 106 LEU A C   1 
ATOM   788  O  O   . LEU A 1 106 ? 9.030   6.281   13.785  1.00 35.36 ? 106 LEU A O   1 
ATOM   789  C  CB  . LEU A 1 106 ? 7.565   6.461   11.189  1.00 32.75 ? 106 LEU A CB  1 
ATOM   790  C  CG  . LEU A 1 106 ? 6.092   6.632   11.581  1.00 33.21 ? 106 LEU A CG  1 
ATOM   791  C  CD1 . LEU A 1 106 ? 5.505   7.950   10.996  1.00 32.66 ? 106 LEU A CD1 1 
ATOM   792  C  CD2 . LEU A 1 106 ? 5.325   5.434   11.076  1.00 31.11 ? 106 LEU A CD2 1 
ATOM   793  N  N   . PRO A 1 107 ? 8.357   8.391   13.993  1.00 35.07 ? 107 PRO A N   1 
ATOM   794  C  CA  . PRO A 1 107 ? 8.456   8.328   15.455  1.00 35.61 ? 107 PRO A CA  1 
ATOM   795  C  C   . PRO A 1 107 ? 7.411   7.418   16.106  1.00 36.60 ? 107 PRO A C   1 
ATOM   796  O  O   . PRO A 1 107 ? 6.281   7.285   15.613  1.00 35.73 ? 107 PRO A O   1 
ATOM   797  C  CB  . PRO A 1 107 ? 8.270   9.785   15.880  1.00 35.49 ? 107 PRO A CB  1 
ATOM   798  C  CG  . PRO A 1 107 ? 8.523   10.599  14.582  1.00 36.56 ? 107 PRO A CG  1 
ATOM   799  C  CD  . PRO A 1 107 ? 7.898   9.714   13.546  1.00 34.66 ? 107 PRO A CD  1 
ATOM   800  N  N   . ALA A 1 108 ? 7.799   6.811   17.228  1.00 36.36 ? 108 ALA A N   1 
ATOM   801  C  CA  . ALA A 1 108 ? 6.915   5.944   18.001  1.00 35.99 ? 108 ALA A CA  1 
ATOM   802  C  C   . ALA A 1 108 ? 5.559   6.650   18.138  1.00 34.99 ? 108 ALA A C   1 
ATOM   803  O  O   . ALA A 1 108 ? 5.493   7.827   18.501  1.00 34.05 ? 108 ALA A O   1 
ATOM   804  C  CB  . ALA A 1 108 ? 7.539   5.679   19.396  1.00 37.37 ? 108 ALA A CB  1 
ATOM   805  N  N   . GLY A 1 109 ? 4.483   5.928   17.838  1.00 35.20 ? 109 GLY A N   1 
ATOM   806  C  CA  . GLY A 1 109 ? 3.161   6.518   17.903  1.00 34.59 ? 109 GLY A CA  1 
ATOM   807  C  C   . GLY A 1 109 ? 2.859   7.468   16.744  1.00 34.89 ? 109 GLY A C   1 
ATOM   808  O  O   . GLY A 1 109 ? 1.783   8.063   16.709  1.00 34.26 ? 109 GLY A O   1 
ATOM   809  N  N   . GLY A 1 110 ? 3.794   7.632   15.805  1.00 34.85 ? 110 GLY A N   1 
ATOM   810  C  CA  . GLY A 1 110 ? 3.549   8.507   14.662  1.00 34.27 ? 110 GLY A CA  1 
ATOM   811  C  C   . GLY A 1 110 ? 2.746   7.837   13.526  1.00 34.62 ? 110 GLY A C   1 
ATOM   812  O  O   . GLY A 1 110 ? 2.576   6.611   13.492  1.00 33.73 ? 110 GLY A O   1 
ATOM   813  N  N   . SER A 1 111 ? 2.260   8.650   12.584  1.00 34.23 ? 111 SER A N   1 
ATOM   814  C  CA  . SER A 1 111 ? 1.488   8.157   11.428  1.00 33.38 ? 111 SER A CA  1 
ATOM   815  C  C   . SER A 1 111 ? 1.991   8.676   10.090  1.00 31.46 ? 111 SER A C   1 
ATOM   816  O  O   . SER A 1 111 ? 2.342   9.841   9.966   1.00 33.28 ? 111 SER A O   1 
ATOM   817  C  CB  . SER A 1 111 ? 0.030   8.592   11.521  1.00 32.75 ? 111 SER A CB  1 
ATOM   818  O  OG  . SER A 1 111 ? -0.659  7.838   12.476  1.00 35.48 ? 111 SER A OG  1 
ATOM   819  N  N   . ILE A 1 112 ? 2.012   7.819   9.083   1.00 29.19 ? 112 ILE A N   1 
ATOM   820  C  CA  . ILE A 1 112 ? 2.378   8.267   7.762   1.00 27.40 ? 112 ILE A CA  1 
ATOM   821  C  C   . ILE A 1 112 ? 1.206   7.937   6.827   1.00 26.68 ? 112 ILE A C   1 
ATOM   822  O  O   . ILE A 1 112 ? 0.666   6.829   6.856   1.00 27.70 ? 112 ILE A O   1 
ATOM   823  C  CB  . ILE A 1 112 ? 3.684   7.584   7.250   1.00 26.99 ? 112 ILE A CB  1 
ATOM   824  C  CG1 . ILE A 1 112 ? 4.050   8.155   5.867   1.00 24.76 ? 112 ILE A CG1 1 
ATOM   825  C  CG2 . ILE A 1 112 ? 3.524   6.060   7.272   1.00 25.97 ? 112 ILE A CG2 1 
ATOM   826  C  CD1 . ILE A 1 112 ? 5.306   7.533   5.265   1.00 24.92 ? 112 ILE A CD1 1 
ATOM   827  N  N   . GLU A 1 113 ? 0.796   8.910   6.022   1.00 27.27 ? 113 GLU A N   1 
ATOM   828  C  CA  . GLU A 1 113 ? -0.284  8.707   5.071   1.00 25.78 ? 113 GLU A CA  1 
ATOM   829  C  C   . GLU A 1 113 ? 0.346   8.575   3.692   1.00 25.10 ? 113 GLU A C   1 
ATOM   830  O  O   . GLU A 1 113 ? 1.176   9.379   3.303   1.00 25.55 ? 113 GLU A O   1 
ATOM   831  C  CB  . GLU A 1 113 ? -1.265  9.868   5.099   1.00 27.42 ? 113 GLU A CB  1 
ATOM   832  C  CG  . GLU A 1 113 ? -2.417  9.661   4.121   1.00 30.74 ? 113 GLU A CG  1 
ATOM   833  C  CD  . GLU A 1 113 ? -3.475  10.753  4.188   1.00 32.13 ? 113 GLU A CD  1 
ATOM   834  O  OE1 . GLU A 1 113 ? -3.266  11.761  4.910   1.00 36.10 ? 113 GLU A OE1 1 
ATOM   835  O  OE2 . GLU A 1 113 ? -4.517  10.602  3.518   1.00 31.96 ? 113 GLU A OE2 1 
ATOM   836  N  N   . ILE A 1 114 ? -0.050  7.539   2.964   1.00 23.38 ? 114 ILE A N   1 
ATOM   837  C  CA  . ILE A 1 114 ? 0.510   7.248   1.658   1.00 22.08 ? 114 ILE A CA  1 
ATOM   838  C  C   . ILE A 1 114 ? -0.596  6.996   0.637   1.00 21.52 ? 114 ILE A C   1 
ATOM   839  O  O   . ILE A 1 114 ? -1.250  5.959   0.685   1.00 22.23 ? 114 ILE A O   1 
ATOM   840  C  CB  . ILE A 1 114 ? 1.398   6.006   1.759   1.00 20.83 ? 114 ILE A CB  1 
ATOM   841  C  CG1 . ILE A 1 114 ? 2.412   6.199   2.883   1.00 20.77 ? 114 ILE A CG1 1 
ATOM   842  C  CG2 . ILE A 1 114 ? 2.105   5.757   0.449   1.00 20.47 ? 114 ILE A CG2 1 
ATOM   843  C  CD1 . ILE A 1 114 ? 3.383   5.068   3.021   1.00 22.54 ? 114 ILE A CD1 1 
ATOM   844  N  N   . GLN A 1 115 ? -0.793  7.931   -0.290  1.00 20.71 ? 115 GLN A N   1 
ATOM   845  C  CA  . GLN A 1 115 ? -1.850  7.799   -1.288  1.00 21.45 ? 115 GLN A CA  1 
ATOM   846  C  C   . GLN A 1 115 ? -1.263  7.489   -2.622  1.00 20.86 ? 115 GLN A C   1 
ATOM   847  O  O   . GLN A 1 115 ? -0.470  8.249   -3.153  1.00 20.81 ? 115 GLN A O   1 
ATOM   848  C  CB  . GLN A 1 115 ? -2.721  9.052   -1.344  1.00 23.31 ? 115 GLN A CB  1 
ATOM   849  C  CG  . GLN A 1 115 ? -3.371  9.340   0.015   1.00 26.20 ? 115 GLN A CG  1 
ATOM   850  C  CD  . GLN A 1 115 ? -4.420  10.447  -0.038  1.00 30.43 ? 115 GLN A CD  1 
ATOM   851  O  OE1 . GLN A 1 115 ? -4.115  11.604  -0.303  1.00 31.83 ? 115 GLN A OE1 1 
ATOM   852  N  NE2 . GLN A 1 115 ? -5.666  10.084  0.222   1.00 33.36 ? 115 GLN A NE2 1 
ATOM   853  N  N   . THR A 1 116 ? -1.674  6.342   -3.147  1.00 19.63 ? 116 THR A N   1 
ATOM   854  C  CA  . THR A 1 116 ? -1.152  5.838   -4.398  1.00 18.91 ? 116 THR A CA  1 
ATOM   855  C  C   . THR A 1 116 ? -2.232  5.358   -5.353  1.00 19.48 ? 116 THR A C   1 
ATOM   856  O  O   . THR A 1 116 ? -3.384  5.084   -4.971  1.00 17.03 ? 116 THR A O   1 
ATOM   857  C  CB  . THR A 1 116 ? -0.223  4.622   -4.157  1.00 19.06 ? 116 THR A CB  1 
ATOM   858  O  OG1 . THR A 1 116 ? -1.033  3.458   -3.936  1.00 20.67 ? 116 THR A OG1 1 
ATOM   859  C  CG2 . THR A 1 116 ? 0.664   4.830   -2.917  1.00 19.05 ? 116 THR A CG2 1 
ATOM   860  N  N   . ARG A 1 117 ? -1.825  5.244   -6.613  1.00 19.53 ? 117 ARG A N   1 
ATOM   861  C  CA  . ARG A 1 117 ? -2.707  4.739   -7.634  1.00 19.62 ? 117 ARG A CA  1 
ATOM   862  C  C   . ARG A 1 117 ? -1.867  4.202   -8.778  1.00 19.40 ? 117 ARG A C   1 
ATOM   863  O  O   . ARG A 1 117 ? -0.686  4.525   -8.902  1.00 18.35 ? 117 ARG A O   1 
ATOM   864  C  CB  . ARG A 1 117 ? -3.677  5.839   -8.122  1.00 22.51 ? 117 ARG A CB  1 
ATOM   865  C  CG  . ARG A 1 117 ? -3.135  6.804   -9.197  1.00 21.30 ? 117 ARG A CG  1 
ATOM   866  C  CD  . ARG A 1 117 ? -4.061  8.012   -9.387  1.00 21.75 ? 117 ARG A CD  1 
ATOM   867  N  NE  . ARG A 1 117 ? -3.264  9.217   -9.539  1.00 23.50 ? 117 ARG A NE  1 
ATOM   868  C  CZ  . ARG A 1 117 ? -3.045  9.828   -10.687 1.00 24.19 ? 117 ARG A CZ  1 
ATOM   869  N  NH1 . ARG A 1 117 ? -3.582  9.362   -11.809 1.00 26.51 ? 117 ARG A NH1 1 
ATOM   870  N  NH2 . ARG A 1 117 ? -2.252  10.877  -10.722 1.00 23.80 ? 117 ARG A NH2 1 
ATOM   871  N  N   . PHE A 1 118 ? -2.469  3.342   -9.577  1.00 16.48 ? 118 PHE A N   1 
ATOM   872  C  CA  . PHE A 1 118 ? -1.792  2.833   -10.739 1.00 18.25 ? 118 PHE A CA  1 
ATOM   873  C  C   . PHE A 1 118 ? -2.811  2.489   -11.831 1.00 18.05 ? 118 PHE A C   1 
ATOM   874  O  O   . PHE A 1 118 ? -3.978  2.240   -11.554 1.00 17.49 ? 118 PHE A O   1 
ATOM   875  C  CB  . PHE A 1 118 ? -0.871  1.645   -10.409 1.00 16.98 ? 118 PHE A CB  1 
ATOM   876  C  CG  . PHE A 1 118 ? -1.570  0.424   -9.925  1.00 16.47 ? 118 PHE A CG  1 
ATOM   877  C  CD1 . PHE A 1 118 ? -1.865  0.262   -8.578  1.00 17.08 ? 118 PHE A CD1 1 
ATOM   878  C  CD2 . PHE A 1 118 ? -1.868  -0.606  -10.799 1.00 17.90 ? 118 PHE A CD2 1 
ATOM   879  C  CE1 . PHE A 1 118 ? -2.437  -0.919  -8.103  1.00 17.26 ? 118 PHE A CE1 1 
ATOM   880  C  CE2 . PHE A 1 118 ? -2.441  -1.791  -10.343 1.00 19.20 ? 118 PHE A CE2 1 
ATOM   881  C  CZ  . PHE A 1 118 ? -2.725  -1.949  -8.984  1.00 17.87 ? 118 PHE A CZ  1 
ATOM   882  N  N   . ALA A 1 119 ? -2.358  2.510   -13.076 1.00 18.15 ? 119 ALA A N   1 
ATOM   883  C  CA  . ALA A 1 119 ? -3.241  2.253   -14.208 1.00 19.23 ? 119 ALA A CA  1 
ATOM   884  C  C   . ALA A 1 119 ? -2.443  1.679   -15.368 1.00 18.87 ? 119 ALA A C   1 
ATOM   885  O  O   . ALA A 1 119 ? -1.206  1.676   -15.348 1.00 18.80 ? 119 ALA A O   1 
ATOM   886  C  CB  . ALA A 1 119 ? -3.911  3.561   -14.616 1.00 19.07 ? 119 ALA A CB  1 
ATOM   887  N  N   . ARG A 1 120 ? -3.140  1.161   -16.367 1.00 17.78 ? 120 ARG A N   1 
ATOM   888  C  CA  . ARG A 1 120 ? -2.434  0.635   -17.516 1.00 19.07 ? 120 ARG A CA  1 
ATOM   889  C  C   . ARG A 1 120 ? -2.087  1.822   -18.393 1.00 20.18 ? 120 ARG A C   1 
ATOM   890  O  O   . ARG A 1 120 ? -2.767  2.859   -18.368 1.00 21.58 ? 120 ARG A O   1 
ATOM   891  C  CB  . ARG A 1 120 ? -3.296  -0.344  -18.305 1.00 19.67 ? 120 ARG A CB  1 
ATOM   892  C  CG  . ARG A 1 120 ? -3.654  -1.614  -17.578 1.00 18.61 ? 120 ARG A CG  1 
ATOM   893  C  CD  . ARG A 1 120 ? -4.795  -2.276  -18.278 1.00 19.03 ? 120 ARG A CD  1 
ATOM   894  N  NE  . ARG A 1 120 ? -5.240  -3.464  -17.578 1.00 20.47 ? 120 ARG A NE  1 
ATOM   895  C  CZ  . ARG A 1 120 ? -6.376  -4.097  -17.835 1.00 21.26 ? 120 ARG A CZ  1 
ATOM   896  N  NH1 . ARG A 1 120 ? -7.178  -3.639  -18.779 1.00 19.13 ? 120 ARG A NH1 1 
ATOM   897  N  NH2 . ARG A 1 120 ? -6.711  -5.186  -17.145 1.00 20.79 ? 120 ARG A NH2 1 
ATOM   898  N  N   . ASN A 1 121 ? -1.024  1.674   -19.162 1.00 21.81 ? 121 ASN A N   1 
ATOM   899  C  CA  . ASN A 1 121 ? -0.598  2.726   -20.053 1.00 23.55 ? 121 ASN A CA  1 
ATOM   900  C  C   . ASN A 1 121 ? -1.674  3.079   -21.081 1.00 24.70 ? 121 ASN A C   1 
ATOM   901  O  O   . ASN A 1 121 ? -1.677  4.185   -21.607 1.00 25.58 ? 121 ASN A O   1 
ATOM   902  C  CB  . ASN A 1 121 ? 0.685   2.314   -20.758 1.00 25.33 ? 121 ASN A CB  1 
ATOM   903  C  CG  . ASN A 1 121 ? 1.868   2.195   -19.794 1.00 29.99 ? 121 ASN A CG  1 
ATOM   904  O  OD1 . ASN A 1 121 ? 3.000   1.914   -20.211 1.00 33.20 ? 121 ASN A OD1 1 
ATOM   905  N  ND2 . ASN A 1 121 ? 1.611   2.396   -18.496 1.00 29.44 ? 121 ASN A ND2 1 
ATOM   906  N  N   . ASP A 1 122 ? -2.602  2.162   -21.356 1.00 24.61 ? 122 ASP A N   1 
ATOM   907  C  CA  . ASP A 1 122 ? -3.642  2.434   -22.336 1.00 23.56 ? 122 ASP A CA  1 
ATOM   908  C  C   . ASP A 1 122 ? -4.972  2.780   -21.719 1.00 23.02 ? 122 ASP A C   1 
ATOM   909  O  O   . ASP A 1 122 ? -5.980  2.856   -22.409 1.00 24.14 ? 122 ASP A O   1 
ATOM   910  C  CB  . ASP A 1 122 ? -3.828  1.251   -23.281 1.00 25.35 ? 122 ASP A CB  1 
ATOM   911  C  CG  . ASP A 1 122 ? -4.283  -0.030  -22.576 1.00 26.92 ? 122 ASP A CG  1 
ATOM   912  O  OD1 . ASP A 1 122 ? -4.862  -0.005  -21.468 1.00 27.85 ? 122 ASP A OD1 1 
ATOM   913  O  OD2 . ASP A 1 122 ? -4.072  -1.098  -23.172 1.00 32.66 ? 122 ASP A OD2 1 
ATOM   914  N  N   . TRP A 1 123 ? -4.972  2.981   -20.412 1.00 22.29 ? 123 TRP A N   1 
ATOM   915  C  CA  . TRP A 1 123 ? -6.169  3.327   -19.676 1.00 21.94 ? 123 TRP A CA  1 
ATOM   916  C  C   . TRP A 1 123 ? -7.361  2.394   -19.784 1.00 21.66 ? 123 TRP A C   1 
ATOM   917  O  O   . TRP A 1 123 ? -8.465  2.787   -19.468 1.00 23.43 ? 123 TRP A O   1 
ATOM   918  C  CB  . TRP A 1 123 ? -6.610  4.757   -20.024 1.00 21.79 ? 123 TRP A CB  1 
ATOM   919  C  CG  . TRP A 1 123 ? -5.565  5.727   -19.672 1.00 21.10 ? 123 TRP A CG  1 
ATOM   920  C  CD1 . TRP A 1 123 ? -4.574  6.184   -20.483 1.00 21.45 ? 123 TRP A CD1 1 
ATOM   921  C  CD2 . TRP A 1 123 ? -5.315  6.282   -18.374 1.00 20.75 ? 123 TRP A CD2 1 
ATOM   922  N  NE1 . TRP A 1 123 ? -3.707  6.993   -19.768 1.00 23.56 ? 123 TRP A NE1 1 
ATOM   923  C  CE2 . TRP A 1 123 ? -4.144  7.068   -18.471 1.00 22.62 ? 123 TRP A CE2 1 
ATOM   924  C  CE3 . TRP A 1 123 ? -5.965  6.192   -17.141 1.00 22.74 ? 123 TRP A CE3 1 
ATOM   925  C  CZ2 . TRP A 1 123 ? -3.608  7.766   -17.373 1.00 24.24 ? 123 TRP A CZ2 1 
ATOM   926  C  CZ3 . TRP A 1 123 ? -5.434  6.887   -16.047 1.00 24.46 ? 123 TRP A CZ3 1 
ATOM   927  C  CH2 . TRP A 1 123 ? -4.263  7.663   -16.174 1.00 22.49 ? 123 TRP A CH2 1 
ATOM   928  N  N   . SER A 1 124 ? -7.152  1.164   -20.229 1.00 21.61 ? 124 SER A N   1 
ATOM   929  C  CA  . SER A 1 124 ? -8.259  0.213   -20.303 1.00 20.97 ? 124 SER A CA  1 
ATOM   930  C  C   . SER A 1 124 ? -8.652  -0.174  -18.868 1.00 21.63 ? 124 SER A C   1 
ATOM   931  O  O   . SER A 1 124 ? -7.870  -0.008  -17.920 1.00 21.96 ? 124 SER A O   1 
ATOM   932  C  CB  . SER A 1 124 ? -7.871  -1.045  -21.124 1.00 21.25 ? 124 SER A CB  1 
ATOM   933  O  OG  . SER A 1 124 ? -6.731  -1.708  -20.599 1.00 21.36 ? 124 SER A OG  1 
ATOM   934  N  N   . ASN A 1 125 ? -9.866  -0.682  -18.735 1.00 20.46 ? 125 ASN A N   1 
ATOM   935  C  CA  . ASN A 1 125 ? -10.465 -1.054  -17.473 1.00 22.85 ? 125 ASN A CA  1 
ATOM   936  C  C   . ASN A 1 125 ? -9.963  -2.345  -16.858 1.00 23.39 ? 125 ASN A C   1 
ATOM   937  O  O   . ASN A 1 125 ? -9.717  -3.305  -17.560 1.00 24.55 ? 125 ASN A O   1 
ATOM   938  C  CB  . ASN A 1 125 ? -11.988 -1.180  -17.653 1.00 24.34 ? 125 ASN A CB  1 
ATOM   939  C  CG  . ASN A 1 125 ? -12.727 0.153   -17.528 1.00 26.85 ? 125 ASN A CG  1 
ATOM   940  O  OD1 . ASN A 1 125 ? -12.172 1.234   -17.764 1.00 27.56 ? 125 ASN A OD1 1 
ATOM   941  N  ND2 . ASN A 1 125 ? -14.000 0.072   -17.158 1.00 28.51 ? 125 ASN A ND2 1 
ATOM   942  N  N   . PHE A 1 126 ? -9.824  -2.335  -15.537 1.00 22.14 ? 126 PHE A N   1 
ATOM   943  C  CA  . PHE A 1 126 ? -9.438  -3.501  -14.764 1.00 22.05 ? 126 PHE A CA  1 
ATOM   944  C  C   . PHE A 1 126 ? -10.792 -4.004  -14.292 1.00 22.59 ? 126 PHE A C   1 
ATOM   945  O  O   . PHE A 1 126 ? -11.812 -3.336  -14.471 1.00 22.29 ? 126 PHE A O   1 
ATOM   946  C  CB  . PHE A 1 126 ? -8.671  -3.146  -13.473 1.00 22.58 ? 126 PHE A CB  1 
ATOM   947  C  CG  . PHE A 1 126 ? -7.257  -2.681  -13.673 1.00 23.55 ? 126 PHE A CG  1 
ATOM   948  C  CD1 . PHE A 1 126 ? -6.947  -1.338  -13.624 1.00 22.75 ? 126 PHE A CD1 1 
ATOM   949  C  CD2 . PHE A 1 126 ? -6.222  -3.599  -13.825 1.00 23.62 ? 126 PHE A CD2 1 
ATOM   950  C  CE1 . PHE A 1 126 ? -5.625  -0.912  -13.716 1.00 25.16 ? 126 PHE A CE1 1 
ATOM   951  C  CE2 . PHE A 1 126 ? -4.892  -3.176  -13.917 1.00 23.43 ? 126 PHE A CE2 1 
ATOM   952  C  CZ  . PHE A 1 126 ? -4.599  -1.839  -13.860 1.00 23.24 ? 126 PHE A CZ  1 
ATOM   953  N  N   . ASP A 1 127 ? -10.783 -5.184  -13.685 1.00 22.67 ? 127 ASP A N   1 
ATOM   954  C  CA  . ASP A 1 127 ? -11.977 -5.775  -13.093 1.00 22.68 ? 127 ASP A CA  1 
ATOM   955  C  C   . ASP A 1 127 ? -11.492 -5.944  -11.660 1.00 21.88 ? 127 ASP A C   1 
ATOM   956  O  O   . ASP A 1 127 ? -10.761 -6.876  -11.344 1.00 21.88 ? 127 ASP A O   1 
ATOM   957  C  CB  . ASP A 1 127 ? -12.297 -7.138  -13.727 1.00 24.77 ? 127 ASP A CB  1 
ATOM   958  C  CG  . ASP A 1 127 ? -13.414 -7.906  -12.981 1.00 26.76 ? 127 ASP A CG  1 
ATOM   959  O  OD1 . ASP A 1 127 ? -14.031 -7.369  -12.031 1.00 28.76 ? 127 ASP A OD1 1 
ATOM   960  O  OD2 . ASP A 1 127 ? -13.667 -9.070  -13.360 1.00 29.19 ? 127 ASP A OD2 1 
ATOM   961  N  N   . GLN A 1 128 ? -11.861 -5.017  -10.802 1.00 20.36 ? 128 GLN A N   1 
ATOM   962  C  CA  . GLN A 1 128 ? -11.420 -5.104  -9.433  1.00 21.92 ? 128 GLN A CA  1 
ATOM   963  C  C   . GLN A 1 128 ? -12.156 -6.156  -8.633  1.00 22.61 ? 128 GLN A C   1 
ATOM   964  O  O   . GLN A 1 128 ? -11.673 -6.580  -7.588  1.00 22.00 ? 128 GLN A O   1 
ATOM   965  C  CB  . GLN A 1 128 ? -11.597 -3.770  -8.746  1.00 21.89 ? 128 GLN A CB  1 
ATOM   966  C  CG  . GLN A 1 128 ? -10.888 -2.651  -9.428  1.00 21.32 ? 128 GLN A CG  1 
ATOM   967  C  CD  . GLN A 1 128 ? -10.605 -1.543  -8.463  1.00 22.33 ? 128 GLN A CD  1 
ATOM   968  O  OE1 . GLN A 1 128 ? -9.593  -1.585  -7.768  1.00 21.18 ? 128 GLN A OE1 1 
ATOM   969  N  NE2 . GLN A 1 128 ? -11.518 -0.558  -8.376  1.00 19.56 ? 128 GLN A NE2 1 
ATOM   970  N  N   . SER A 1 129 ? -13.314 -6.585  -9.136  1.00 23.10 ? 129 SER A N   1 
ATOM   971  C  CA  . SER A 1 129 ? -14.109 -7.540  -8.391  1.00 23.98 ? 129 SER A CA  1 
ATOM   972  C  C   . SER A 1 129 ? -13.438 -8.876  -8.149  1.00 24.34 ? 129 SER A C   1 
ATOM   973  O  O   . SER A 1 129 ? -13.865 -9.603  -7.263  1.00 25.31 ? 129 SER A O   1 
ATOM   974  C  CB  . SER A 1 129 ? -15.516 -7.733  -9.013  1.00 26.23 ? 129 SER A CB  1 
ATOM   975  O  OG  . SER A 1 129 ? -15.552 -8.616  -10.125 1.00 27.36 ? 129 SER A OG  1 
ATOM   976  N  N   . ASN A 1 130 ? -12.406 -9.215  -8.914  1.00 23.06 ? 130 ASN A N   1 
ATOM   977  C  CA  . ASN A 1 130 ? -11.699 -10.484 -8.665  1.00 22.42 ? 130 ASN A CA  1 
ATOM   978  C  C   . ASN A 1 130 ? -10.284 -10.205 -8.128  1.00 21.41 ? 130 ASN A C   1 
ATOM   979  O  O   . ASN A 1 130 ? -9.338  -10.941 -8.397  1.00 20.08 ? 130 ASN A O   1 
ATOM   980  C  CB  . ASN A 1 130 ? -11.630 -11.347 -9.931  1.00 21.83 ? 130 ASN A CB  1 
ATOM   981  C  CG  . ASN A 1 130 ? -10.971 -10.635 -11.082 1.00 22.53 ? 130 ASN A CG  1 
ATOM   982  O  OD1 . ASN A 1 130 ? -10.569 -9.506  -10.947 1.00 21.75 ? 130 ASN A OD1 1 
ATOM   983  N  ND2 . ASN A 1 130 ? -10.856 -11.306 -12.223 1.00 21.89 ? 130 ASN A ND2 1 
ATOM   984  N  N   . ASP A 1 131 ? -10.173 -9.105  -7.393  1.00 20.46 ? 131 ASP A N   1 
ATOM   985  C  CA  . ASP A 1 131 ? -8.936  -8.700  -6.747  1.00 20.82 ? 131 ASP A CA  1 
ATOM   986  C  C   . ASP A 1 131 ? -9.028  -8.997  -5.253  1.00 21.28 ? 131 ASP A C   1 
ATOM   987  O  O   . ASP A 1 131 ? -9.921  -8.534  -4.536  1.00 20.53 ? 131 ASP A O   1 
ATOM   988  C  CB  . ASP A 1 131 ? -8.647  -7.212  -6.957  1.00 18.84 ? 131 ASP A CB  1 
ATOM   989  C  CG  . ASP A 1 131 ? -8.355  -6.885  -8.398  1.00 19.14 ? 131 ASP A CG  1 
ATOM   990  O  OD1 . ASP A 1 131 ? -8.176  -7.819  -9.195  1.00 18.06 ? 131 ASP A OD1 1 
ATOM   991  O  OD2 . ASP A 1 131 ? -8.303  -5.693  -8.737  1.00 19.85 ? 131 ASP A OD2 1 
ATOM   992  N  N   . TRP A 1 132 ? -8.068  -9.784  -4.804  1.00 22.98 ? 132 TRP A N   1 
ATOM   993  C  CA  . TRP A 1 132 ? -7.952  -10.201 -3.437  1.00 22.63 ? 132 TRP A CA  1 
ATOM   994  C  C   . TRP A 1 132 ? -7.981  -9.053  -2.431  1.00 22.42 ? 132 TRP A C   1 
ATOM   995  O  O   . TRP A 1 132 ? -8.677  -9.139  -1.437  1.00 21.48 ? 132 TRP A O   1 
ATOM   996  C  CB  . TRP A 1 132 ? -6.657  -10.986 -3.278  1.00 25.56 ? 132 TRP A CB  1 
ATOM   997  C  CG  . TRP A 1 132 ? -6.640  -11.813 -2.067  1.00 28.14 ? 132 TRP A CG  1 
ATOM   998  C  CD1 . TRP A 1 132 ? -7.198  -13.051 -1.910  1.00 29.55 ? 132 TRP A CD1 1 
ATOM   999  C  CD2 . TRP A 1 132 ? -6.069  -11.463 -0.804  1.00 28.93 ? 132 TRP A CD2 1 
ATOM   1000 N  NE1 . TRP A 1 132 ? -7.006  -13.493 -0.627  1.00 30.08 ? 132 TRP A NE1 1 
ATOM   1001 C  CE2 . TRP A 1 132 ? -6.316  -12.534 0.075   1.00 29.67 ? 132 TRP A CE2 1 
ATOM   1002 C  CE3 . TRP A 1 132 ? -5.370  -10.345 -0.330  1.00 29.66 ? 132 TRP A CE3 1 
ATOM   1003 C  CZ2 . TRP A 1 132 ? -5.892  -12.520 1.397   1.00 28.86 ? 132 TRP A CZ2 1 
ATOM   1004 C  CZ3 . TRP A 1 132 ? -4.949  -10.330 0.977   1.00 29.98 ? 132 TRP A CZ3 1 
ATOM   1005 C  CH2 . TRP A 1 132 ? -5.211  -11.415 1.830   1.00 31.09 ? 132 TRP A CH2 1 
ATOM   1006 N  N   . SER A 1 133 ? -7.231  -7.980  -2.664  1.00 21.57 ? 133 SER A N   1 
ATOM   1007 C  CA  . SER A 1 133 ? -7.239  -6.891  -1.687  1.00 22.21 ? 133 SER A CA  1 
ATOM   1008 C  C   . SER A 1 133 ? -8.333  -5.863  -1.927  1.00 22.18 ? 133 SER A C   1 
ATOM   1009 O  O   . SER A 1 133 ? -8.362  -4.840  -1.268  1.00 23.02 ? 133 SER A O   1 
ATOM   1010 C  CB  . SER A 1 133 ? -5.898  -6.157  -1.676  1.00 21.36 ? 133 SER A CB  1 
ATOM   1011 O  OG  . SER A 1 133 ? -4.843  -7.040  -1.366  1.00 23.94 ? 133 SER A OG  1 
ATOM   1012 N  N   . TYR A 1 134 ? -9.238  -6.129  -2.857  1.00 22.21 ? 134 TYR A N   1 
ATOM   1013 C  CA  . TYR A 1 134 ? -10.255 -5.142  -3.149  1.00 23.01 ? 134 TYR A CA  1 
ATOM   1014 C  C   . TYR A 1 134 ? -11.523 -5.127  -2.328  1.00 24.48 ? 134 TYR A C   1 
ATOM   1015 O  O   . TYR A 1 134 ? -12.148 -6.147  -2.055  1.00 24.17 ? 134 TYR A O   1 
ATOM   1016 C  CB  . TYR A 1 134 ? -10.658 -5.191  -4.640  1.00 25.77 ? 134 TYR A CB  1 
ATOM   1017 C  CG  . TYR A 1 134 ? -11.779 -4.197  -5.003  1.00 26.12 ? 134 TYR A CG  1 
ATOM   1018 C  CD1 . TYR A 1 134 ? -11.532 -2.825  -5.079  1.00 26.64 ? 134 TYR A CD1 1 
ATOM   1019 C  CD2 . TYR A 1 134 ? -13.100 -4.630  -5.178  1.00 27.89 ? 134 TYR A CD2 1 
ATOM   1020 C  CE1 . TYR A 1 134 ? -12.584 -1.900  -5.315  1.00 26.48 ? 134 TYR A CE1 1 
ATOM   1021 C  CE2 . TYR A 1 134 ? -14.158 -3.711  -5.412  1.00 27.46 ? 134 TYR A CE2 1 
ATOM   1022 C  CZ  . TYR A 1 134 ? -13.887 -2.356  -5.476  1.00 25.91 ? 134 TYR A CZ  1 
ATOM   1023 O  OH  . TYR A 1 134 ? -14.905 -1.470  -5.675  1.00 24.03 ? 134 TYR A OH  1 
ATOM   1024 N  N   . THR A 1 135 ? -11.877 -3.924  -1.924  1.00 26.61 ? 135 THR A N   1 
ATOM   1025 C  CA  . THR A 1 135 ? -13.111 -3.659  -1.227  1.00 27.09 ? 135 THR A CA  1 
ATOM   1026 C  C   . THR A 1 135 ? -13.375 -2.174  -1.382  1.00 27.44 ? 135 THR A C   1 
ATOM   1027 O  O   . THR A 1 135 ? -12.478 -1.349  -1.248  1.00 26.12 ? 135 THR A O   1 
ATOM   1028 C  CB  . THR A 1 135 ? -13.071 -4.034  0.261   1.00 28.38 ? 135 THR A CB  1 
ATOM   1029 O  OG1 . THR A 1 135 ? -14.396 -3.908  0.780   1.00 30.13 ? 135 THR A OG1 1 
ATOM   1030 C  CG2 . THR A 1 135 ? -12.151 -3.125  1.043   1.00 28.19 ? 135 THR A CG2 1 
ATOM   1031 N  N   . ALA A 1 136 ? -14.616 -1.834  -1.695  1.00 29.53 ? 136 ALA A N   1 
ATOM   1032 C  CA  . ALA A 1 136 ? -14.971 -0.429  -1.860  1.00 30.34 ? 136 ALA A CA  1 
ATOM   1033 C  C   . ALA A 1 136 ? -14.975 0.187   -0.475  1.00 30.26 ? 136 ALA A C   1 
ATOM   1034 O  O   . ALA A 1 136 ? -15.827 -0.123  0.336   1.00 30.73 ? 136 ALA A O   1 
ATOM   1035 C  CB  . ALA A 1 136 ? -16.330 -0.308  -2.506  1.00 30.29 ? 136 ALA A CB  1 
ATOM   1036 N  N   . ALA A 1 137 ? -13.981 1.028   -0.205  1.00 30.94 ? 137 ALA A N   1 
ATOM   1037 C  CA  . ALA A 1 137 ? -13.828 1.696   1.073   1.00 29.23 ? 137 ALA A CA  1 
ATOM   1038 C  C   . ALA A 1 137 ? -13.680 3.174   0.767   1.00 30.07 ? 137 ALA A C   1 
ATOM   1039 O  O   . ALA A 1 137 ? -12.684 3.609   0.168   1.00 30.40 ? 137 ALA A O   1 
ATOM   1040 C  CB  . ALA A 1 137 ? -12.609 1.185   1.768   1.00 29.29 ? 137 ALA A CB  1 
ATOM   1041 N  N   . GLY A 1 138 ? -14.679 3.945   1.183   1.00 30.07 ? 138 GLY A N   1 
ATOM   1042 C  CA  . GLY A 1 138 ? -14.677 5.363   0.919   1.00 30.73 ? 138 GLY A CA  1 
ATOM   1043 C  C   . GLY A 1 138 ? -13.969 6.160   1.971   1.00 31.94 ? 138 GLY A C   1 
ATOM   1044 O  O   . GLY A 1 138 ? -13.586 7.305   1.722   1.00 33.40 ? 138 GLY A O   1 
ATOM   1045 N  N   . SER A 1 139 ? -13.793 5.570   3.145   1.00 32.28 ? 139 SER A N   1 
ATOM   1046 C  CA  . SER A 1 139 ? -13.096 6.254   4.235   1.00 32.71 ? 139 SER A CA  1 
ATOM   1047 C  C   . SER A 1 139 ? -12.088 5.271   4.819   1.00 31.78 ? 139 SER A C   1 
ATOM   1048 O  O   . SER A 1 139 ? -12.213 4.076   4.614   1.00 33.51 ? 139 SER A O   1 
ATOM   1049 C  CB  . SER A 1 139 ? -14.101 6.680   5.290   1.00 33.37 ? 139 SER A CB  1 
ATOM   1050 O  OG  . SER A 1 139 ? -14.860 5.552   5.726   1.00 36.98 ? 139 SER A OG  1 
ATOM   1051 N  N   . TYR A 1 140 ? -11.075 5.751   5.526   1.00 32.48 ? 140 TYR A N   1 
ATOM   1052 C  CA  . TYR A 1 140 ? -10.088 4.827   6.084   1.00 32.61 ? 140 TYR A CA  1 
ATOM   1053 C  C   . TYR A 1 140 ? -10.798 3.800   6.968   1.00 33.58 ? 140 TYR A C   1 
ATOM   1054 O  O   . TYR A 1 140 ? -11.735 4.128   7.686   1.00 33.72 ? 140 TYR A O   1 
ATOM   1055 C  CB  . TYR A 1 140 ? -9.003  5.582   6.895   1.00 31.07 ? 140 TYR A CB  1 
ATOM   1056 C  CG  . TYR A 1 140 ? -7.892  6.212   6.044   1.00 31.06 ? 140 TYR A CG  1 
ATOM   1057 C  CD1 . TYR A 1 140 ? -7.039  5.417   5.266   1.00 31.45 ? 140 TYR A CD1 1 
ATOM   1058 C  CD2 . TYR A 1 140 ? -7.746  7.604   5.951   1.00 30.75 ? 140 TYR A CD2 1 
ATOM   1059 C  CE1 . TYR A 1 140 ? -6.078  5.989   4.408   1.00 28.13 ? 140 TYR A CE1 1 
ATOM   1060 C  CE2 . TYR A 1 140 ? -6.783  8.193   5.086   1.00 29.32 ? 140 TYR A CE2 1 
ATOM   1061 C  CZ  . TYR A 1 140 ? -5.960  7.373   4.323   1.00 30.41 ? 140 TYR A CZ  1 
ATOM   1062 O  OH  . TYR A 1 140 ? -5.038  7.930   3.447   1.00 29.96 ? 140 TYR A OH  1 
ATOM   1063 N  N   . MET A 1 141 ? -10.346 2.555   6.911   1.00 33.52 ? 141 MET A N   1 
ATOM   1064 C  CA  . MET A 1 141 ? -10.916 1.510   7.735   1.00 33.95 ? 141 MET A CA  1 
ATOM   1065 C  C   . MET A 1 141 ? -9.881  0.398   7.947   1.00 34.24 ? 141 MET A C   1 
ATOM   1066 O  O   . MET A 1 141 ? -8.916  0.293   7.199   1.00 35.14 ? 141 MET A O   1 
ATOM   1067 C  CB  . MET A 1 141 ? -12.156 0.941   7.060   1.00 33.89 ? 141 MET A CB  1 
ATOM   1068 C  CG  . MET A 1 141 ? -11.862 0.191   5.767   1.00 34.61 ? 141 MET A CG  1 
ATOM   1069 S  SD  . MET A 1 141 ? -13.421 -0.399  5.078   1.00 38.27 ? 141 MET A SD  1 
ATOM   1070 C  CE  . MET A 1 141 ? -12.991 -2.040  4.525   1.00 35.10 ? 141 MET A CE  1 
ATOM   1071 N  N   . ASP A 1 142 ? -10.088 -0.437  8.958   1.00 34.24 ? 142 ASP A N   1 
ATOM   1072 C  CA  . ASP A 1 142 ? -9.180  -1.546  9.234   1.00 34.50 ? 142 ASP A CA  1 
ATOM   1073 C  C   . ASP A 1 142 ? -9.494  -2.610  8.203   1.00 33.38 ? 142 ASP A C   1 
ATOM   1074 O  O   . ASP A 1 142 ? -10.542 -3.243  8.281   1.00 34.27 ? 142 ASP A O   1 
ATOM   1075 C  CB  . ASP A 1 142 ? -9.448  -2.122  10.622  1.00 36.27 ? 142 ASP A CB  1 
ATOM   1076 C  CG  . ASP A 1 142 ? -8.522  -3.289  10.963  1.00 38.95 ? 142 ASP A CG  1 
ATOM   1077 O  OD1 . ASP A 1 142 ? -7.286  -3.089  11.115  1.00 39.66 ? 142 ASP A OD1 1 
ATOM   1078 O  OD2 . ASP A 1 142 ? -9.039  -4.422  11.081  1.00 42.20 ? 142 ASP A OD2 1 
ATOM   1079 N  N   . TRP A 1 143 ? -8.611  -2.798  7.235   1.00 31.87 ? 143 TRP A N   1 
ATOM   1080 C  CA  . TRP A 1 143 ? -8.835  -3.781  6.190   1.00 31.30 ? 143 TRP A CA  1 
ATOM   1081 C  C   . TRP A 1 143 ? -7.622  -4.711  6.235   1.00 32.64 ? 143 TRP A C   1 
ATOM   1082 O  O   . TRP A 1 143 ? -6.490  -4.339  5.915   1.00 31.43 ? 143 TRP A O   1 
ATOM   1083 C  CB  . TRP A 1 143 ? -8.991  -3.061  4.838   1.00 30.33 ? 143 TRP A CB  1 
ATOM   1084 C  CG  . TRP A 1 143 ? -9.114  -3.941  3.609   1.00 28.94 ? 143 TRP A CG  1 
ATOM   1085 C  CD1 . TRP A 1 143 ? -8.302  -3.921  2.517   1.00 28.11 ? 143 TRP A CD1 1 
ATOM   1086 C  CD2 . TRP A 1 143 ? -10.121 -4.940  3.339   1.00 29.03 ? 143 TRP A CD2 1 
ATOM   1087 N  NE1 . TRP A 1 143 ? -8.733  -4.838  1.585   1.00 29.03 ? 143 TRP A NE1 1 
ATOM   1088 C  CE2 . TRP A 1 143 ? -9.844  -5.477  2.063   1.00 28.00 ? 143 TRP A CE2 1 
ATOM   1089 C  CE3 . TRP A 1 143 ? -11.227 -5.427  4.050   1.00 28.39 ? 143 TRP A CE3 1 
ATOM   1090 C  CZ2 . TRP A 1 143 ? -10.626 -6.481  1.482   1.00 29.03 ? 143 TRP A CZ2 1 
ATOM   1091 C  CZ3 . TRP A 1 143 ? -12.011 -6.433  3.475   1.00 28.62 ? 143 TRP A CZ3 1 
ATOM   1092 C  CH2 . TRP A 1 143 ? -11.706 -6.948  2.208   1.00 29.91 ? 143 TRP A CH2 1 
ATOM   1093 N  N   . GLN A 1 144 ? -7.898  -5.934  6.651   1.00 33.57 ? 144 GLN A N   1 
ATOM   1094 C  CA  . GLN A 1 144 ? -6.901  -6.980  6.819   1.00 34.29 ? 144 GLN A CA  1 
ATOM   1095 C  C   . GLN A 1 144 ? -6.418  -7.669  5.547   1.00 33.12 ? 144 GLN A C   1 
ATOM   1096 O  O   . GLN A 1 144 ? -5.575  -8.582  5.614   1.00 32.05 ? 144 GLN A O   1 
ATOM   1097 C  CB  . GLN A 1 144 ? -7.478  -8.034  7.753   1.00 36.62 ? 144 GLN A CB  1 
ATOM   1098 C  CG  . GLN A 1 144 ? -6.441  -8.783  8.512   1.00 40.77 ? 144 GLN A CG  1 
ATOM   1099 C  CD  . GLN A 1 144 ? -6.102  -8.101  9.815   1.00 42.45 ? 144 GLN A CD  1 
ATOM   1100 O  OE1 . GLN A 1 144 ? -6.677  -7.034  10.160  1.00 41.98 ? 144 GLN A OE1 1 
ATOM   1101 N  NE2 . GLN A 1 144 ? -5.167  -8.703  10.562  1.00 42.04 ? 144 GLN A NE2 1 
ATOM   1102 N  N   . LYS A 1 145 ? -6.951  -7.265  4.396   1.00 31.94 ? 145 LYS A N   1 
ATOM   1103 C  CA  . LYS A 1 145 ? -6.536  -7.891  3.145   1.00 31.66 ? 145 LYS A CA  1 
ATOM   1104 C  C   . LYS A 1 145 ? -5.347  -7.200  2.441   1.00 30.91 ? 145 LYS A C   1 
ATOM   1105 O  O   . LYS A 1 145 ? -5.035  -7.471  1.272   1.00 29.59 ? 145 LYS A O   1 
ATOM   1106 C  CB  . LYS A 1 145 ? -7.716  -8.022  2.175   1.00 33.61 ? 145 LYS A CB  1 
ATOM   1107 C  CG  . LYS A 1 145 ? -8.768  -9.060  2.549   1.00 34.03 ? 145 LYS A CG  1 
ATOM   1108 C  CD  . LYS A 1 145 ? -8.150  -10.412 2.756   1.00 36.62 ? 145 LYS A CD  1 
ATOM   1109 C  CE  . LYS A 1 145 ? -9.158  -11.542 2.546   1.00 37.68 ? 145 LYS A CE  1 
ATOM   1110 N  NZ  . LYS A 1 145 ? -9.475  -11.686 1.090   1.00 38.32 ? 145 LYS A NZ  1 
ATOM   1111 N  N   . ILE A 1 146 ? -4.687  -6.297  3.149   1.00 30.11 ? 146 ILE A N   1 
ATOM   1112 C  CA  . ILE A 1 146 ? -3.502  -5.671  2.591   1.00 30.17 ? 146 ILE A CA  1 
ATOM   1113 C  C   . ILE A 1 146 ? -2.418  -5.973  3.610   1.00 31.34 ? 146 ILE A C   1 
ATOM   1114 O  O   . ILE A 1 146 ? -2.719  -6.275  4.770   1.00 32.89 ? 146 ILE A O   1 
ATOM   1115 C  CB  . ILE A 1 146 ? -3.685  -4.160  2.359   1.00 28.58 ? 146 ILE A CB  1 
ATOM   1116 C  CG1 . ILE A 1 146 ? -4.464  -3.516  3.499   1.00 28.00 ? 146 ILE A CG1 1 
ATOM   1117 C  CG2 . ILE A 1 146 ? -4.367  -3.934  1.011   1.00 28.73 ? 146 ILE A CG2 1 
ATOM   1118 C  CD1 . ILE A 1 146 ? -3.578  -2.868  4.536   1.00 26.36 ? 146 ILE A CD1 1 
ATOM   1119 N  N   . SER A 1 147 ? -1.163  -5.927  3.201   1.00 30.73 ? 147 SER A N   1 
ATOM   1120 C  CA  . SER A 1 147 ? -0.115  -6.260  4.146   1.00 29.12 ? 147 SER A CA  1 
ATOM   1121 C  C   . SER A 1 147 ? 0.950   -5.214  4.277   1.00 29.09 ? 147 SER A C   1 
ATOM   1122 O  O   . SER A 1 147 ? 1.222   -4.440  3.350   1.00 29.26 ? 147 SER A O   1 
ATOM   1123 C  CB  . SER A 1 147 ? 0.529   -7.557  3.744   1.00 27.06 ? 147 SER A CB  1 
ATOM   1124 O  OG  . SER A 1 147 ? 0.744   -7.523  2.355   1.00 29.41 ? 147 SER A OG  1 
ATOM   1125 N  N   . ALA A 1 148 ? 1.551   -5.212  5.455   1.00 28.19 ? 148 ALA A N   1 
ATOM   1126 C  CA  . ALA A 1 148 ? 2.614   -4.298  5.792   1.00 28.06 ? 148 ALA A CA  1 
ATOM   1127 C  C   . ALA A 1 148 ? 3.713   -5.140  6.397   1.00 29.28 ? 148 ALA A C   1 
ATOM   1128 O  O   . ALA A 1 148 ? 3.453   -5.956  7.298   1.00 29.12 ? 148 ALA A O   1 
ATOM   1129 C  CB  . ALA A 1 148 ? 2.133   -3.276  6.785   1.00 27.92 ? 148 ALA A CB  1 
ATOM   1130 N  N   . PHE A 1 149 ? 4.927   -4.949  5.875   1.00 29.85 ? 149 PHE A N   1 
ATOM   1131 C  CA  . PHE A 1 149 ? 6.125   -5.652  6.325   1.00 29.63 ? 149 PHE A CA  1 
ATOM   1132 C  C   . PHE A 1 149 ? 7.116   -4.659  6.867   1.00 30.73 ? 149 PHE A C   1 
ATOM   1133 O  O   . PHE A 1 149 ? 7.330   -3.593  6.293   1.00 30.10 ? 149 PHE A O   1 
ATOM   1134 C  CB  . PHE A 1 149 ? 6.814   -6.379  5.175   1.00 30.43 ? 149 PHE A CB  1 
ATOM   1135 C  CG  . PHE A 1 149 ? 6.035   -7.527  4.631   1.00 30.27 ? 149 PHE A CG  1 
ATOM   1136 C  CD1 . PHE A 1 149 ? 4.983   -7.314  3.756   1.00 30.25 ? 149 PHE A CD1 1 
ATOM   1137 C  CD2 . PHE A 1 149 ? 6.342   -8.821  5.009   1.00 30.86 ? 149 PHE A CD2 1 
ATOM   1138 C  CE1 . PHE A 1 149 ? 4.242   -8.379  3.263   1.00 30.00 ? 149 PHE A CE1 1 
ATOM   1139 C  CE2 . PHE A 1 149 ? 5.608   -9.893  4.522   1.00 32.05 ? 149 PHE A CE2 1 
ATOM   1140 C  CZ  . PHE A 1 149 ? 4.545   -9.660  3.641   1.00 31.84 ? 149 PHE A CZ  1 
ATOM   1141 N  N   . VAL A 1 150 ? 7.727   -5.014  7.989   1.00 32.79 ? 150 VAL A N   1 
ATOM   1142 C  CA  . VAL A 1 150 ? 8.729   -4.156  8.582   1.00 32.14 ? 150 VAL A CA  1 
ATOM   1143 C  C   . VAL A 1 150 ? 9.991   -4.968  8.639   1.00 33.22 ? 150 VAL A C   1 
ATOM   1144 O  O   . VAL A 1 150 ? 10.020  -6.057  9.253   1.00 32.96 ? 150 VAL A O   1 
ATOM   1145 C  CB  . VAL A 1 150 ? 8.321   -3.740  9.969   1.00 32.50 ? 150 VAL A CB  1 
ATOM   1146 C  CG1 . VAL A 1 150 ? 9.494   -3.099  10.674  1.00 33.67 ? 150 VAL A CG1 1 
ATOM   1147 C  CG2 . VAL A 1 150 ? 7.159   -2.756  9.868   1.00 32.63 ? 150 VAL A CG2 1 
ATOM   1148 N  N   . GLY A 1 151 ? 11.032  -4.471  7.972   1.00 33.66 ? 151 GLY A N   1 
ATOM   1149 C  CA  . GLY A 1 151 ? 12.295  -5.189  7.965   1.00 33.97 ? 151 GLY A CA  1 
ATOM   1150 C  C   . GLY A 1 151 ? 12.204  -6.591  7.368   1.00 34.98 ? 151 GLY A C   1 
ATOM   1151 O  O   . GLY A 1 151 ? 13.061  -7.439  7.632   1.00 36.09 ? 151 GLY A O   1 
ATOM   1152 N  N   . GLY A 1 152 ? 11.184  -6.868  6.565   1.00 34.47 ? 152 GLY A N   1 
ATOM   1153 C  CA  . GLY A 1 152 ? 11.113  -8.193  5.973   1.00 33.35 ? 152 GLY A CA  1 
ATOM   1154 C  C   . GLY A 1 152 ? 10.171  -9.160  6.653   1.00 33.18 ? 152 GLY A C   1 
ATOM   1155 O  O   . GLY A 1 152 ? 10.024  -10.280 6.189   1.00 33.78 ? 152 GLY A O   1 
ATOM   1156 N  N   . THR A 1 153 ? 9.542   -8.759  7.751   1.00 32.65 ? 153 THR A N   1 
ATOM   1157 C  CA  . THR A 1 153 ? 8.594   -9.649  8.411   1.00 34.47 ? 153 THR A CA  1 
ATOM   1158 C  C   . THR A 1 153 ? 7.222   -8.973  8.561   1.00 33.59 ? 153 THR A C   1 
ATOM   1159 O  O   . THR A 1 153 ? 7.126   -7.763  8.805   1.00 33.84 ? 153 THR A O   1 
ATOM   1160 C  CB  . THR A 1 153 ? 9.111   -10.119 9.803   1.00 36.84 ? 153 THR A CB  1 
ATOM   1161 O  OG1 . THR A 1 153 ? 9.022   -9.042  10.748  1.00 39.11 ? 153 THR A OG1 1 
ATOM   1162 C  CG2 . THR A 1 153 ? 10.573  -10.562 9.703   1.00 36.95 ? 153 THR A CG2 1 
ATOM   1163 N  N   . LEU A 1 154 ? 6.167   -9.764  8.392   1.00 32.92 ? 154 LEU A N   1 
ATOM   1164 C  CA  . LEU A 1 154 ? 4.786   -9.291  8.467   1.00 32.08 ? 154 LEU A CA  1 
ATOM   1165 C  C   . LEU A 1 154 ? 4.485   -8.613  9.781   1.00 31.12 ? 154 LEU A C   1 
ATOM   1166 O  O   . LEU A 1 154 ? 4.669   -9.211  10.839  1.00 32.90 ? 154 LEU A O   1 
ATOM   1167 C  CB  . LEU A 1 154 ? 3.830   -10.477 8.280   1.00 32.44 ? 154 LEU A CB  1 
ATOM   1168 C  CG  . LEU A 1 154 ? 2.325   -10.234 8.153   1.00 32.43 ? 154 LEU A CG  1 
ATOM   1169 C  CD1 . LEU A 1 154 ? 1.999   -9.524  6.859   1.00 32.65 ? 154 LEU A CD1 1 
ATOM   1170 C  CD2 . LEU A 1 154 ? 1.634   -11.589 8.153   1.00 34.54 ? 154 LEU A CD2 1 
ATOM   1171 N  N   . ALA A 1 155 ? 4.001   -7.376  9.719   1.00 30.20 ? 155 ALA A N   1 
ATOM   1172 C  CA  . ALA A 1 155 ? 3.684   -6.619  10.920  1.00 29.17 ? 155 ALA A CA  1 
ATOM   1173 C  C   . ALA A 1 155 ? 2.186   -6.364  11.069  1.00 29.92 ? 155 ALA A C   1 
ATOM   1174 O  O   . ALA A 1 155 ? 1.702   -6.107  12.179  1.00 28.99 ? 155 ALA A O   1 
ATOM   1175 C  CB  . ALA A 1 155 ? 4.449   -5.295  10.912  1.00 28.89 ? 155 ALA A CB  1 
ATOM   1176 N  N   . TYR A 1 156 ? 1.464   -6.427  9.949   1.00 29.90 ? 156 TYR A N   1 
ATOM   1177 C  CA  . TYR A 1 156 ? 0.010   -6.202  9.916   1.00 29.21 ? 156 TYR A CA  1 
ATOM   1178 C  C   . TYR A 1 156 ? -0.638  -6.873  8.692   1.00 30.05 ? 156 TYR A C   1 
ATOM   1179 O  O   . TYR A 1 156 ? -0.026  -6.979  7.619   1.00 28.04 ? 156 TYR A O   1 
ATOM   1180 C  CB  . TYR A 1 156 ? -0.296  -4.709  9.874   1.00 29.24 ? 156 TYR A CB  1 
ATOM   1181 C  CG  . TYR A 1 156 ? -1.768  -4.375  9.707   1.00 30.21 ? 156 TYR A CG  1 
ATOM   1182 C  CD1 . TYR A 1 156 ? -2.630  -4.296  10.808  1.00 29.73 ? 156 TYR A CD1 1 
ATOM   1183 C  CD2 . TYR A 1 156 ? -2.313  -4.182  8.429   1.00 31.95 ? 156 TYR A CD2 1 
ATOM   1184 C  CE1 . TYR A 1 156 ? -4.006  -4.042  10.637  1.00 30.60 ? 156 TYR A CE1 1 
ATOM   1185 C  CE2 . TYR A 1 156 ? -3.682  -3.928  8.242   1.00 32.08 ? 156 TYR A CE2 1 
ATOM   1186 C  CZ  . TYR A 1 156 ? -4.519  -3.860  9.344   1.00 32.42 ? 156 TYR A CZ  1 
ATOM   1187 O  OH  . TYR A 1 156 ? -5.861  -3.626  9.129   1.00 32.57 ? 156 TYR A OH  1 
ATOM   1188 N  N   . GLY A 1 157 ? -1.868  -7.348  8.874   1.00 30.23 ? 157 GLY A N   1 
ATOM   1189 C  CA  . GLY A 1 157 ? -2.596  -7.972  7.786   1.00 30.12 ? 157 GLY A CA  1 
ATOM   1190 C  C   . GLY A 1 157 ? -2.302  -9.424  7.460   1.00 31.50 ? 157 GLY A C   1 
ATOM   1191 O  O   . GLY A 1 157 ? -1.840  -10.200 8.296   1.00 31.83 ? 157 GLY A O   1 
ATOM   1192 N  N   . SER A 1 158 ? -2.576  -9.791  6.214   1.00 31.41 ? 158 SER A N   1 
ATOM   1193 C  CA  . SER A 1 158 ? -2.370  -11.156 5.762   1.00 32.33 ? 158 SER A CA  1 
ATOM   1194 C  C   . SER A 1 158 ? -2.015  -11.173 4.278   1.00 32.52 ? 158 SER A C   1 
ATOM   1195 O  O   . SER A 1 158 ? -2.114  -10.144 3.606   1.00 32.79 ? 158 SER A O   1 
ATOM   1196 C  CB  . SER A 1 158 ? -3.644  -11.959 5.992   1.00 31.81 ? 158 SER A CB  1 
ATOM   1197 O  OG  . SER A 1 158 ? -4.755  -11.173 5.600   1.00 33.87 ? 158 SER A OG  1 
ATOM   1198 N  N   . THR A 1 159 ? -1.609  -12.340 3.787   1.00 31.81 ? 159 THR A N   1 
ATOM   1199 C  CA  . THR A 1 159 ? -1.237  -12.518 2.394   1.00 34.02 ? 159 THR A CA  1 
ATOM   1200 C  C   . THR A 1 159 ? -2.109  -13.683 1.898   1.00 35.53 ? 159 THR A C   1 
ATOM   1201 O  O   . THR A 1 159 ? -2.522  -14.514 2.703   1.00 35.75 ? 159 THR A O   1 
ATOM   1202 C  CB  . THR A 1 159 ? 0.239   -12.984 2.260   1.00 33.98 ? 159 THR A CB  1 
ATOM   1203 O  OG1 . THR A 1 159 ? 0.346   -14.309 2.781   1.00 34.27 ? 159 THR A OG1 1 
ATOM   1204 C  CG2 . THR A 1 159 ? 1.202   -12.115 3.072   1.00 33.16 ? 159 THR A CG2 1 
ATOM   1205 N  N   . PRO A 1 160 ? -2.419  -13.752 0.582   1.00 36.84 ? 160 PRO A N   1 
ATOM   1206 C  CA  . PRO A 1 160 ? -3.240  -14.899 0.170   1.00 37.90 ? 160 PRO A CA  1 
ATOM   1207 C  C   . PRO A 1 160 ? -2.221  -16.023 0.170   1.00 38.31 ? 160 PRO A C   1 
ATOM   1208 O  O   . PRO A 1 160 ? -1.065  -15.713 0.546   1.00 39.64 ? 160 PRO A O   1 
ATOM   1209 C  CB  . PRO A 1 160 ? -3.682  -14.549 -1.266  1.00 37.65 ? 160 PRO A CB  1 
ATOM   1210 C  CG  . PRO A 1 160 ? -3.062  -13.169 -1.578  1.00 36.74 ? 160 PRO A CG  1 
ATOM   1211 C  CD  . PRO A 1 160 ? -1.911  -13.034 -0.600  1.00 37.26 ? 160 PRO A CD  1 
ATOM   1212 O  OXT . PRO A 1 160 ? -2.549  -17.160 -0.193  1.00 39.09 ? 160 PRO A OXT 1 
HETATM 1213 CA CA  . CA  B 2 .   ? -8.621  -8.119  -11.629 1.00 20.04 ? 200 CA  A CA  1 
HETATM 1214 ZN ZN  . ZN  C 3 .   ? 3.386   -11.046 -14.311 1.00 24.50 ? 201 ZN  A ZN  1 
HETATM 1215 ZN ZN  . ZN  D 3 .   ? 4.903   -8.356  -14.681 0.5  17.50 ? 202 ZN  A ZN  1 
HETATM 1216 O  O   . HOH E 4 .   ? -7.774  -5.512  -11.254 1.00 13.77 ? 300 HOH A O   1 
HETATM 1217 O  O   . HOH E 4 .   ? -8.210  -3.738  -6.869  1.00 13.93 ? 301 HOH A O   1 
HETATM 1218 O  O   . HOH E 4 .   ? -8.191  -0.580  -3.785  1.00 28.45 ? 302 HOH A O   1 
HETATM 1219 O  O   . HOH E 4 .   ? -5.824  1.437   -16.766 1.00 24.37 ? 303 HOH A O   1 
HETATM 1220 O  O   . HOH E 4 .   ? 3.249   -11.563 -15.688 1.00 31.06 ? 304 HOH A O   1 
HETATM 1221 O  O   . HOH E 4 .   ? 6.922   -10.690 -12.414 1.00 23.23 ? 305 HOH A O   1 
HETATM 1222 O  O   . HOH E 4 .   ? -9.130  0.956   -6.437  1.00 24.99 ? 306 HOH A O   1 
HETATM 1223 O  O   . HOH E 4 .   ? 10.432  0.988   2.238   1.00 23.49 ? 307 HOH A O   1 
HETATM 1224 O  O   . HOH E 4 .   ? -1.326  5.312   -17.250 1.00 31.75 ? 308 HOH A O   1 
HETATM 1225 O  O   . HOH E 4 .   ? 0.397   -6.685  -12.862 1.00 16.42 ? 309 HOH A O   1 
HETATM 1226 O  O   . HOH E 4 .   ? 7.090   -7.855  -14.420 1.00 33.90 ? 310 HOH A O   1 
HETATM 1227 O  O   . HOH E 4 .   ? -6.227  -1.741  6.590   1.00 25.84 ? 311 HOH A O   1 
HETATM 1228 O  O   . HOH E 4 .   ? -0.295  -5.577  -16.047 1.00 34.84 ? 312 HOH A O   1 
HETATM 1229 O  O   . HOH E 4 .   ? 3.976   -2.696  -15.869 1.00 23.43 ? 313 HOH A O   1 
HETATM 1230 O  O   . HOH E 4 .   ? -4.372  8.068   -4.239  1.00 35.66 ? 314 HOH A O   1 
HETATM 1231 O  O   . HOH E 4 .   ? 8.424   -0.875  -4.749  1.00 27.43 ? 315 HOH A O   1 
HETATM 1232 O  O   . HOH E 4 .   ? -12.221 5.106   -11.548 1.00 37.90 ? 316 HOH A O   1 
HETATM 1233 O  O   . HOH E 4 .   ? 9.120   18.263  3.698   1.00 42.28 ? 317 HOH A O   1 
HETATM 1234 O  O   . HOH E 4 .   ? -11.935 3.990   -18.807 1.00 42.53 ? 318 HOH A O   1 
HETATM 1235 O  O   . HOH E 4 .   ? -2.845  -7.633  11.510  1.00 32.23 ? 319 HOH A O   1 
HETATM 1236 O  O   . HOH E 4 .   ? -0.851  13.510  5.892   1.00 36.08 ? 320 HOH A O   1 
HETATM 1237 O  O   . HOH E 4 .   ? -2.989  3.375   11.238  1.00 34.08 ? 321 HOH A O   1 
HETATM 1238 O  O   . HOH E 4 .   ? -3.315  -4.970  -16.577 1.00 23.97 ? 322 HOH A O   1 
HETATM 1239 O  O   . HOH E 4 .   ? -3.824  12.523  -12.746 1.00 29.09 ? 323 HOH A O   1 
HETATM 1240 O  O   . HOH E 4 .   ? -4.301  -1.391  -25.904 1.00 40.73 ? 324 HOH A O   1 
HETATM 1241 O  O   . HOH E 4 .   ? 13.741  0.210   11.374  1.00 29.73 ? 325 HOH A O   1 
HETATM 1242 O  O   . HOH E 4 .   ? 10.030  -4.556  4.936   1.00 34.32 ? 326 HOH A O   1 
HETATM 1243 O  O   . HOH E 4 .   ? 5.522   3.888   -12.386 1.00 41.17 ? 327 HOH A O   1 
HETATM 1244 O  O   . HOH E 4 .   ? -5.123  -12.027 -14.327 1.00 24.08 ? 328 HOH A O   1 
HETATM 1245 O  O   . HOH E 4 .   ? -8.826  -6.101  -18.655 1.00 31.77 ? 329 HOH A O   1 
HETATM 1246 O  O   . HOH E 4 .   ? 4.194   -8.126  -15.998 1.00 23.87 ? 330 HOH A O   1 
HETATM 1247 O  O   . HOH E 4 .   ? -15.345 -2.824  -18.659 1.00 39.63 ? 331 HOH A O   1 
HETATM 1248 O  O   . HOH E 4 .   ? -2.026  -21.913 -5.928  1.00 27.46 ? 332 HOH A O   1 
HETATM 1249 O  O   . HOH E 4 .   ? -3.193  -10.061 -21.312 1.00 35.40 ? 333 HOH A O   1 
HETATM 1250 O  O   . HOH E 4 .   ? -6.044  -20.294 -4.413  1.00 40.70 ? 334 HOH A O   1 
HETATM 1251 O  O   . HOH E 4 .   ? 7.234   -6.495  11.737  1.00 32.24 ? 335 HOH A O   1 
HETATM 1252 O  O   . HOH E 4 .   ? -18.327 -0.904  -12.151 1.00 26.36 ? 336 HOH A O   1 
HETATM 1253 O  O   . HOH E 4 .   ? -0.353  12.033  -8.909  1.00 36.08 ? 337 HOH A O   1 
HETATM 1254 O  O   . HOH E 4 .   ? 10.234  -2.366  -3.199  1.00 47.16 ? 338 HOH A O   1 
HETATM 1255 O  O   . HOH E 4 .   ? 11.698  -1.322  13.117  1.00 55.64 ? 339 HOH A O   1 
HETATM 1256 O  O   . HOH E 4 .   ? -10.012 -12.909 -15.659 1.00 52.65 ? 340 HOH A O   1 
HETATM 1257 O  O   . HOH E 4 .   ? 0.999   -17.934 -2.964  1.00 45.10 ? 341 HOH A O   1 
HETATM 1258 O  O   . HOH E 4 .   ? -13.759 -4.226  -16.109 1.00 41.12 ? 342 HOH A O   1 
HETATM 1259 O  O   . HOH E 4 .   ? 5.472   -13.387 -4.595  1.00 40.54 ? 343 HOH A O   1 
HETATM 1260 O  O   . HOH E 4 .   ? 8.571   14.730  -1.699  1.00 54.16 ? 344 HOH A O   1 
HETATM 1261 O  O   . HOH E 4 .   ? -18.880 -1.636  -18.489 1.00 41.26 ? 345 HOH A O   1 
HETATM 1262 O  O   . HOH E 4 .   ? 0.887   -14.869 -11.973 1.00 50.49 ? 346 HOH A O   1 
HETATM 1263 O  O   . HOH E 4 .   ? -2.535  10.530  -14.255 1.00 42.64 ? 347 HOH A O   1 
HETATM 1264 O  O   . HOH E 4 .   ? 6.698   20.167  3.594   1.00 44.61 ? 348 HOH A O   1 
HETATM 1265 O  O   . HOH E 4 .   ? 6.406   6.120   -15.299 1.00 53.61 ? 349 HOH A O   1 
HETATM 1266 O  O   . HOH E 4 .   ? -8.349  -11.038 8.989   1.00 45.57 ? 350 HOH A O   1 
HETATM 1267 O  O   . HOH E 4 .   ? 7.808   -12.238 -0.086  1.00 46.17 ? 351 HOH A O   1 
HETATM 1268 O  O   . HOH E 4 .   ? 17.133  -0.379  10.336  1.00 48.53 ? 352 HOH A O   1 
HETATM 1269 O  O   . HOH E 4 .   ? 15.204  -0.422  2.325   1.00 48.80 ? 353 HOH A O   1 
HETATM 1270 O  O   . HOH E 4 .   ? 9.206   -7.014  2.682   1.00 41.53 ? 354 HOH A O   1 
HETATM 1271 O  O   . HOH E 4 .   ? -10.231 -6.833  7.420   1.00 35.23 ? 355 HOH A O   1 
HETATM 1272 O  O   . HOH E 4 .   ? 2.850   -13.517 -1.246  1.00 42.49 ? 356 HOH A O   1 
HETATM 1273 O  O   . HOH E 4 .   ? 7.620   3.751   -8.519  1.00 33.61 ? 357 HOH A O   1 
HETATM 1274 O  O   . HOH E 4 .   ? 13.914  10.473  1.476   1.00 53.69 ? 358 HOH A O   1 
HETATM 1275 O  O   . HOH E 4 .   ? 8.327   6.801   -8.076  1.00 46.89 ? 359 HOH A O   1 
HETATM 1276 O  O   . HOH E 4 .   ? 12.676  11.976  10.315  1.00 45.91 ? 360 HOH A O   1 
HETATM 1277 O  O   . HOH E 4 .   ? 11.259  15.832  0.774   1.00 52.35 ? 361 HOH A O   1 
HETATM 1278 O  O   . HOH E 4 .   ? -0.382  11.623  8.033   1.00 41.92 ? 362 HOH A O   1 
HETATM 1279 O  O   . HOH E 4 .   ? -11.542 -0.886  -21.231 1.00 36.23 ? 363 HOH A O   1 
HETATM 1280 O  O   . HOH E 4 .   ? -14.165 4.088   -13.594 1.00 36.03 ? 364 HOH A O   1 
HETATM 1281 O  O   . HOH E 4 .   ? -0.916  -1.247  -24.264 1.00 40.41 ? 365 HOH A O   1 
HETATM 1282 O  O   . HOH E 4 .   ? 12.364  -4.121  12.914  1.00 48.94 ? 366 HOH A O   1 
HETATM 1283 O  O   . HOH E 4 .   ? 9.131   -16.443 -5.022  1.00 52.46 ? 367 HOH A O   1 
HETATM 1284 O  O   . HOH E 4 .   ? 1.522   12.029  11.235  1.00 43.67 ? 368 HOH A O   1 
HETATM 1285 O  O   . HOH E 4 .   ? -0.926  -13.650 6.986   1.00 42.20 ? 369 HOH A O   1 
HETATM 1286 O  O   . HOH E 4 .   ? -0.682  -8.478  13.529  1.00 43.34 ? 370 HOH A O   1 
HETATM 1287 O  O   . HOH E 4 .   ? -9.392  -19.698 -8.440  1.00 52.96 ? 371 HOH A O   1 
HETATM 1288 O  O   . HOH E 4 .   ? -17.246 3.069   2.522   1.00 44.72 ? 372 HOH A O   1 
HETATM 1289 O  O   . HOH E 4 .   ? -19.613 2.655   -1.133  1.00 40.21 ? 373 HOH A O   1 
HETATM 1290 O  O   . HOH E 4 .   ? -18.371 1.022   -4.551  1.00 45.58 ? 374 HOH A O   1 
HETATM 1291 O  O   . HOH E 4 .   ? -17.543 -1.808  -5.828  1.00 45.40 ? 375 HOH A O   1 
HETATM 1292 O  O   . HOH E 4 .   ? -16.551 -3.915  -1.860  1.00 41.29 ? 376 HOH A O   1 
HETATM 1293 O  O   . HOH E 4 .   ? 6.047   -16.057 -5.571  1.00 41.61 ? 377 HOH A O   1 
HETATM 1294 O  O   . HOH E 4 .   ? 3.707   -17.377 -3.456  1.00 43.50 ? 378 HOH A O   1 
HETATM 1295 O  O   . HOH E 4 .   ? -6.828  -13.254 5.372   1.00 49.57 ? 379 HOH A O   1 
HETATM 1296 O  O   . HOH E 4 .   ? -1.118  -4.328  14.141  1.00 40.80 ? 380 HOH A O   1 
HETATM 1297 O  O   . HOH E 4 .   ? -3.090  -12.673 11.263  1.00 39.74 ? 381 HOH A O   1 
HETATM 1298 O  O   . HOH E 4 .   ? -1.272  8.851   -19.694 1.00 44.38 ? 382 HOH A O   1 
HETATM 1299 O  O   . HOH E 4 .   ? -0.220  6.562   -21.239 1.00 37.32 ? 383 HOH A O   1 
HETATM 1300 O  O   . HOH E 4 .   ? -16.048 -5.468  -12.952 1.00 38.25 ? 384 HOH A O   1 
HETATM 1301 O  O   . HOH E 4 .   ? -13.097 -10.151 -15.422 1.00 39.82 ? 385 HOH A O   1 
HETATM 1302 O  O   . HOH E 4 .   ? 4.388   2.751   -17.409 1.00 44.75 ? 386 HOH A O   1 
HETATM 1303 O  O   . HOH E 4 .   ? -12.105 -15.103 -10.817 1.00 48.33 ? 387 HOH A O   1 
HETATM 1304 O  O   . HOH E 4 .   ? -8.461  -14.576 -13.100 1.00 45.75 ? 388 HOH A O   1 
HETATM 1305 O  O   . HOH E 4 .   ? -7.973  -15.747 -9.627  1.00 36.91 ? 389 HOH A O   1 
HETATM 1306 O  O   . HOH E 4 .   ? -5.238  -16.726 -9.961  1.00 32.70 ? 390 HOH A O   1 
HETATM 1307 O  O   . HOH E 4 .   ? -5.466  -15.693 -12.542 1.00 42.73 ? 391 HOH A O   1 
HETATM 1308 O  O   . HOH E 4 .   ? -17.958 -0.097  -16.367 1.00 48.83 ? 392 HOH A O   1 
HETATM 1309 O  O   . HOH E 4 .   ? 0.022   -9.854  2.477   1.00 56.85 ? 393 HOH A O   1 
HETATM 1310 O  O   . HOH E 4 .   ? 1.499   16.460  -0.979  1.00 33.16 ? 394 HOH A O   1 
HETATM 1311 O  O   . HOH E 4 .   ? -8.667  9.645   1.902   1.00 31.59 ? 395 HOH A O   1 
HETATM 1312 O  O   . HOH E 4 .   ? 7.033   9.532   -5.984  1.00 37.16 ? 396 HOH A O   1 
# 
loop_
_pdbx_poly_seq_scheme.asym_id 
_pdbx_poly_seq_scheme.entity_id 
_pdbx_poly_seq_scheme.seq_id 
_pdbx_poly_seq_scheme.mon_id 
_pdbx_poly_seq_scheme.ndb_seq_num 
_pdbx_poly_seq_scheme.pdb_seq_num 
_pdbx_poly_seq_scheme.auth_seq_num 
_pdbx_poly_seq_scheme.pdb_mon_id 
_pdbx_poly_seq_scheme.auth_mon_id 
_pdbx_poly_seq_scheme.pdb_strand_id 
_pdbx_poly_seq_scheme.pdb_ins_code 
_pdbx_poly_seq_scheme.hetero 
A 1 1   ALA 1   1   1   ALA ALA A . n 
A 1 2   GLY 2   2   2   GLY GLY A . n 
A 1 3   THR 3   3   3   THR THR A . n 
A 1 4   GLY 4   4   4   GLY GLY A . n 
A 1 5   VAL 5   5   5   VAL VAL A . n 
A 1 6   VAL 6   6   6   VAL VAL A . n 
A 1 7   SER 7   7   7   SER SER A . n 
A 1 8   VAL 8   8   8   VAL VAL A . n 
A 1 9   GLN 9   9   9   GLN GLN A . n 
A 1 10  PHE 10  10  10  PHE PHE A . n 
A 1 11  ASN 11  11  11  ASN ASN A . n 
A 1 12  ASN 12  12  12  ASN ASN A . n 
A 1 13  GLY 13  13  13  GLY GLY A . n 
A 1 14  SER 14  14  14  SER SER A . n 
A 1 15  SER 15  15  15  SER SER A . n 
A 1 16  PRO 16  16  16  PRO PRO A . n 
A 1 17  ALA 17  17  17  ALA ALA A . n 
A 1 18  SER 18  18  18  SER SER A . n 
A 1 19  SER 19  19  19  SER SER A . n 
A 1 20  ASN 20  20  20  ASN ASN A . n 
A 1 21  SER 21  21  21  SER SER A . n 
A 1 22  ILE 22  22  22  ILE ILE A . n 
A 1 23  TYR 23  23  23  TYR TYR A . n 
A 1 24  ALA 24  24  24  ALA ALA A . n 
A 1 25  ARG 25  25  25  ARG ARG A . n 
A 1 26  PHE 26  26  26  PHE PHE A . n 
A 1 27  LYS 27  27  27  LYS LYS A . n 
A 1 28  VAL 28  28  28  VAL VAL A . n 
A 1 29  THR 29  29  29  THR THR A . n 
A 1 30  ASN 30  30  30  ASN ASN A . n 
A 1 31  THR 31  31  31  THR THR A . n 
A 1 32  SER 32  32  32  SER SER A . n 
A 1 33  GLY 33  33  33  GLY GLY A . n 
A 1 34  SER 34  34  34  SER SER A . n 
A 1 35  PRO 35  35  35  PRO PRO A . n 
A 1 36  ILE 36  36  36  ILE ILE A . n 
A 1 37  ASN 37  37  37  ASN ASN A . n 
A 1 38  LEU 38  38  38  LEU LEU A . n 
A 1 39  ALA 39  39  39  ALA ALA A . n 
A 1 40  ASP 40  40  40  ASP ASP A . n 
A 1 41  LEU 41  41  41  LEU LEU A . n 
A 1 42  LYS 42  42  42  LYS LYS A . n 
A 1 43  LEU 43  43  43  LEU LEU A . n 
A 1 44  ARG 44  44  44  ARG ARG A . n 
A 1 45  TYR 45  45  45  TYR TYR A . n 
A 1 46  TYR 46  46  46  TYR TYR A . n 
A 1 47  TYR 47  47  47  TYR TYR A . n 
A 1 48  THR 48  48  48  THR THR A . n 
A 1 49  GLN 49  49  49  GLN GLN A . n 
A 1 50  ASP 50  50  50  ASP ASP A . n 
A 1 51  ALA 51  51  51  ALA ALA A . n 
A 1 52  ASP 52  52  52  ASP ASP A . n 
A 1 53  LYS 53  53  53  LYS LYS A . n 
A 1 54  PRO 54  54  54  PRO PRO A . n 
A 1 55  LEU 55  55  55  LEU LEU A . n 
A 1 56  THR 56  56  56  THR THR A . n 
A 1 57  PHE 57  57  57  PHE PHE A . n 
A 1 58  TRP 58  58  58  TRP TRP A . n 
A 1 59  CYS 59  59  59  CYS CYS A . n 
A 1 60  ASP 60  60  60  ASP ASP A . n 
A 1 61  HIS 61  61  61  HIS HIS A . n 
A 1 62  ALA 62  62  62  ALA ALA A . n 
A 1 63  GLY 63  63  63  GLY GLY A . n 
A 1 64  TYR 64  64  64  TYR TYR A . n 
A 1 65  MET 65  65  65  MET MET A . n 
A 1 66  SER 66  66  66  SER SER A . n 
A 1 67  GLY 67  67  67  GLY GLY A . n 
A 1 68  SER 68  68  68  SER SER A . n 
A 1 69  ASN 69  69  69  ASN ASN A . n 
A 1 70  TYR 70  70  70  TYR TYR A . n 
A 1 71  ILE 71  71  71  ILE ILE A . n 
A 1 72  ASP 72  72  72  ASP ASP A . n 
A 1 73  ALA 73  73  73  ALA ALA A . n 
A 1 74  THR 74  74  74  THR THR A . n 
A 1 75  SER 75  75  75  SER SER A . n 
A 1 76  LYS 76  76  76  LYS LYS A . n 
A 1 77  VAL 77  77  77  VAL VAL A . n 
A 1 78  THR 78  78  78  THR THR A . n 
A 1 79  GLY 79  79  79  GLY GLY A . n 
A 1 80  SER 80  80  80  SER SER A . n 
A 1 81  PHE 81  81  81  PHE PHE A . n 
A 1 82  LYS 82  82  82  LYS LYS A . n 
A 1 83  ALA 83  83  83  ALA ALA A . n 
A 1 84  VAL 84  84  84  VAL VAL A . n 
A 1 85  SER 85  85  85  SER SER A . n 
A 1 86  PRO 86  86  86  PRO PRO A . n 
A 1 87  ALA 87  87  87  ALA ALA A . n 
A 1 88  VAL 88  88  88  VAL VAL A . n 
A 1 89  THR 89  89  89  THR THR A . n 
A 1 90  ASN 90  90  90  ASN ASN A . n 
A 1 91  ALA 91  91  91  ALA ALA A . n 
A 1 92  ASP 92  92  92  ASP ASP A . n 
A 1 93  HIS 93  93  93  HIS HIS A . n 
A 1 94  TYR 94  94  94  TYR TYR A . n 
A 1 95  LEU 95  95  95  LEU LEU A . n 
A 1 96  GLU 96  96  96  GLU GLU A . n 
A 1 97  VAL 97  97  97  VAL VAL A . n 
A 1 98  ALA 98  98  98  ALA ALA A . n 
A 1 99  LEU 99  99  99  LEU LEU A . n 
A 1 100 ASN 100 100 100 ASN ASN A . n 
A 1 101 SER 101 101 101 SER SER A . n 
A 1 102 ASP 102 102 102 ASP ASP A . n 
A 1 103 ALA 103 103 103 ALA ALA A . n 
A 1 104 GLY 104 104 104 GLY GLY A . n 
A 1 105 SER 105 105 105 SER SER A . n 
A 1 106 LEU 106 106 106 LEU LEU A . n 
A 1 107 PRO 107 107 107 PRO PRO A . n 
A 1 108 ALA 108 108 108 ALA ALA A . n 
A 1 109 GLY 109 109 109 GLY GLY A . n 
A 1 110 GLY 110 110 110 GLY GLY A . n 
A 1 111 SER 111 111 111 SER SER A . n 
A 1 112 ILE 112 112 112 ILE ILE A . n 
A 1 113 GLU 113 113 113 GLU GLU A . n 
A 1 114 ILE 114 114 114 ILE ILE A . n 
A 1 115 GLN 115 115 115 GLN GLN A . n 
A 1 116 THR 116 116 116 THR THR A . n 
A 1 117 ARG 117 117 117 ARG ARG A . n 
A 1 118 PHE 118 118 118 PHE PHE A . n 
A 1 119 ALA 119 119 119 ALA ALA A . n 
A 1 120 ARG 120 120 120 ARG ARG A . n 
A 1 121 ASN 121 121 121 ASN ASN A . n 
A 1 122 ASP 122 122 122 ASP ASP A . n 
A 1 123 TRP 123 123 123 TRP TRP A . n 
A 1 124 SER 124 124 124 SER SER A . n 
A 1 125 ASN 125 125 125 ASN ASN A . n 
A 1 126 PHE 126 126 126 PHE PHE A . n 
A 1 127 ASP 127 127 127 ASP ASP A . n 
A 1 128 GLN 128 128 128 GLN GLN A . n 
A 1 129 SER 129 129 129 SER SER A . n 
A 1 130 ASN 130 130 130 ASN ASN A . n 
A 1 131 ASP 131 131 131 ASP ASP A . n 
A 1 132 TRP 132 132 132 TRP TRP A . n 
A 1 133 SER 133 133 133 SER SER A . n 
A 1 134 TYR 134 134 134 TYR TYR A . n 
A 1 135 THR 135 135 135 THR THR A . n 
A 1 136 ALA 136 136 136 ALA ALA A . n 
A 1 137 ALA 137 137 137 ALA ALA A . n 
A 1 138 GLY 138 138 138 GLY GLY A . n 
A 1 139 SER 139 139 139 SER SER A . n 
A 1 140 TYR 140 140 140 TYR TYR A . n 
A 1 141 MET 141 141 141 MET MET A . n 
A 1 142 ASP 142 142 142 ASP ASP A . n 
A 1 143 TRP 143 143 143 TRP TRP A . n 
A 1 144 GLN 144 144 144 GLN GLN A . n 
A 1 145 LYS 145 145 145 LYS LYS A . n 
A 1 146 ILE 146 146 146 ILE ILE A . n 
A 1 147 SER 147 147 147 SER SER A . n 
A 1 148 ALA 148 148 148 ALA ALA A . n 
A 1 149 PHE 149 149 149 PHE PHE A . n 
A 1 150 VAL 150 150 150 VAL VAL A . n 
A 1 151 GLY 151 151 151 GLY GLY A . n 
A 1 152 GLY 152 152 152 GLY GLY A . n 
A 1 153 THR 153 153 153 THR THR A . n 
A 1 154 LEU 154 154 154 LEU LEU A . n 
A 1 155 ALA 155 155 155 ALA ALA A . n 
A 1 156 TYR 156 156 156 TYR TYR A . n 
A 1 157 GLY 157 157 157 GLY GLY A . n 
A 1 158 SER 158 158 158 SER SER A . n 
A 1 159 THR 159 159 159 THR THR A . n 
A 1 160 PRO 160 160 160 PRO PRO A . n 
# 
loop_
_pdbx_nonpoly_scheme.asym_id 
_pdbx_nonpoly_scheme.entity_id 
_pdbx_nonpoly_scheme.mon_id 
_pdbx_nonpoly_scheme.ndb_seq_num 
_pdbx_nonpoly_scheme.pdb_seq_num 
_pdbx_nonpoly_scheme.auth_seq_num 
_pdbx_nonpoly_scheme.pdb_mon_id 
_pdbx_nonpoly_scheme.auth_mon_id 
_pdbx_nonpoly_scheme.pdb_strand_id 
_pdbx_nonpoly_scheme.pdb_ins_code 
B 2 CA  1  200 200 CA  CA2 A . 
C 3 ZN  1  201 201 ZN  ZN2 A . 
D 3 ZN  1  202 202 ZN  ZN2 A . 
E 4 HOH 1  300 300 HOH HOH A . 
E 4 HOH 2  301 301 HOH HOH A . 
E 4 HOH 3  302 302 HOH HOH A . 
E 4 HOH 4  303 303 HOH HOH A . 
E 4 HOH 5  304 304 HOH HOH A . 
E 4 HOH 6  305 305 HOH HOH A . 
E 4 HOH 7  306 306 HOH HOH A . 
E 4 HOH 8  307 307 HOH HOH A . 
E 4 HOH 9  308 308 HOH HOH A . 
E 4 HOH 10 309 309 HOH HOH A . 
E 4 HOH 11 310 310 HOH HOH A . 
E 4 HOH 12 311 311 HOH HOH A . 
E 4 HOH 13 312 312 HOH HOH A . 
E 4 HOH 14 313 313 HOH HOH A . 
E 4 HOH 15 314 314 HOH HOH A . 
E 4 HOH 16 315 315 HOH HOH A . 
E 4 HOH 17 316 316 HOH HOH A . 
E 4 HOH 18 317 317 HOH HOH A . 
E 4 HOH 19 318 318 HOH HOH A . 
E 4 HOH 20 319 319 HOH HOH A . 
E 4 HOH 21 320 320 HOH HOH A . 
E 4 HOH 22 321 321 HOH HOH A . 
E 4 HOH 23 322 322 HOH HOH A . 
E 4 HOH 24 323 323 HOH HOH A . 
E 4 HOH 25 324 324 HOH HOH A . 
E 4 HOH 26 325 325 HOH HOH A . 
E 4 HOH 27 326 326 HOH HOH A . 
E 4 HOH 28 327 327 HOH HOH A . 
E 4 HOH 29 328 328 HOH HOH A . 
E 4 HOH 30 329 329 HOH HOH A . 
E 4 HOH 31 330 330 HOH HOH A . 
E 4 HOH 32 331 331 HOH HOH A . 
E 4 HOH 33 332 332 HOH HOH A . 
E 4 HOH 34 333 333 HOH HOH A . 
E 4 HOH 35 334 334 HOH HOH A . 
E 4 HOH 36 335 335 HOH HOH A . 
E 4 HOH 37 336 336 HOH HOH A . 
E 4 HOH 38 337 337 HOH HOH A . 
E 4 HOH 39 338 338 HOH HOH A . 
E 4 HOH 40 339 339 HOH HOH A . 
E 4 HOH 41 340 340 HOH HOH A . 
E 4 HOH 42 341 341 HOH HOH A . 
E 4 HOH 43 342 342 HOH HOH A . 
E 4 HOH 44 343 343 HOH HOH A . 
E 4 HOH 45 344 344 HOH HOH A . 
E 4 HOH 46 345 345 HOH HOH A . 
E 4 HOH 47 346 346 HOH HOH A . 
E 4 HOH 48 347 347 HOH HOH A . 
E 4 HOH 49 348 348 HOH HOH A . 
E 4 HOH 50 349 349 HOH HOH A . 
E 4 HOH 51 350 350 HOH HOH A . 
E 4 HOH 52 351 351 HOH HOH A . 
E 4 HOH 53 352 352 HOH HOH A . 
E 4 HOH 54 353 353 HOH HOH A . 
E 4 HOH 55 354 354 HOH HOH A . 
E 4 HOH 56 355 355 HOH HOH A . 
E 4 HOH 57 356 356 HOH HOH A . 
E 4 HOH 58 357 357 HOH HOH A . 
E 4 HOH 59 358 358 HOH HOH A . 
E 4 HOH 60 359 359 HOH HOH A . 
E 4 HOH 61 360 360 HOH HOH A . 
E 4 HOH 62 361 361 HOH HOH A . 
E 4 HOH 63 362 362 HOH HOH A . 
E 4 HOH 64 363 363 HOH HOH A . 
E 4 HOH 65 364 364 HOH HOH A . 
E 4 HOH 66 365 365 HOH HOH A . 
E 4 HOH 67 366 366 HOH HOH A . 
E 4 HOH 68 367 367 HOH HOH A . 
E 4 HOH 69 368 368 HOH HOH A . 
E 4 HOH 70 369 369 HOH HOH A . 
E 4 HOH 71 370 370 HOH HOH A . 
E 4 HOH 72 371 371 HOH HOH A . 
E 4 HOH 73 372 372 HOH HOH A . 
E 4 HOH 74 373 373 HOH HOH A . 
E 4 HOH 75 374 374 HOH HOH A . 
E 4 HOH 76 375 375 HOH HOH A . 
E 4 HOH 77 376 376 HOH HOH A . 
E 4 HOH 78 377 377 HOH HOH A . 
E 4 HOH 79 378 378 HOH HOH A . 
E 4 HOH 80 379 379 HOH HOH A . 
E 4 HOH 81 380 380 HOH HOH A . 
E 4 HOH 82 381 381 HOH HOH A . 
E 4 HOH 83 382 382 HOH HOH A . 
E 4 HOH 84 383 383 HOH HOH A . 
E 4 HOH 85 384 384 HOH HOH A . 
E 4 HOH 86 385 385 HOH HOH A . 
E 4 HOH 87 386 386 HOH HOH A . 
E 4 HOH 88 387 387 HOH HOH A . 
E 4 HOH 89 388 388 HOH HOH A . 
E 4 HOH 90 389 389 HOH HOH A . 
E 4 HOH 91 390 390 HOH HOH A . 
E 4 HOH 92 391 391 HOH HOH A . 
E 4 HOH 93 392 392 HOH HOH A . 
E 4 HOH 94 393 393 HOH HOH A . 
E 4 HOH 95 394 394 HOH HOH A . 
E 4 HOH 96 395 395 HOH HOH A . 
E 4 HOH 97 396 396 HOH HOH A . 
# 
loop_
_pdbx_struct_assembly.id 
_pdbx_struct_assembly.details 
_pdbx_struct_assembly.method_details 
_pdbx_struct_assembly.oligomeric_details 
_pdbx_struct_assembly.oligomeric_count 
1 author_defined_assembly   ?   monomeric 1 
2 software_defined_assembly PQS dimeric   2 
# 
loop_
_pdbx_struct_assembly_gen.assembly_id 
_pdbx_struct_assembly_gen.oper_expression 
_pdbx_struct_assembly_gen.asym_id_list 
1 1   A,B,C,D,E 
2 1,2 A,B,C,D,E 
# 
loop_
_pdbx_struct_assembly_prop.biol_id 
_pdbx_struct_assembly_prop.type 
_pdbx_struct_assembly_prop.value 
_pdbx_struct_assembly_prop.details 
2 'ABSA (A^2)' 1330  ? 
2 MORE         -156  ? 
2 'SSA (A^2)'  13090 ? 
# 
loop_
_pdbx_struct_oper_list.id 
_pdbx_struct_oper_list.type 
_pdbx_struct_oper_list.name 
_pdbx_struct_oper_list.symmetry_operation 
_pdbx_struct_oper_list.matrix[1][1] 
_pdbx_struct_oper_list.matrix[1][2] 
_pdbx_struct_oper_list.matrix[1][3] 
_pdbx_struct_oper_list.vector[1] 
_pdbx_struct_oper_list.matrix[2][1] 
_pdbx_struct_oper_list.matrix[2][2] 
_pdbx_struct_oper_list.matrix[2][3] 
_pdbx_struct_oper_list.vector[2] 
_pdbx_struct_oper_list.matrix[3][1] 
_pdbx_struct_oper_list.matrix[3][2] 
_pdbx_struct_oper_list.matrix[3][3] 
_pdbx_struct_oper_list.vector[3] 
1 'identity operation'         1_555  x,y,z           1.0000000000  0.0000000000 0.0000000000 0.0000000000  0.0000000000 1.0000000000  0.0000000000 0.0000000000  0.0000000000 0.0000000000 1.0000000000 0.0000000000  
2 'crystal symmetry operation' 11_755 -x+y+2,y,-z+1/2 -0.6578212210 0.3270610315 0.6784558371 -8.9859087402 0.3270610315 -0.6873888012 0.6484810850 24.5853862093 0.6784558371 0.6484810850 0.3452100222 -7.3197608742 
# 
_pdbx_struct_special_symmetry.id              1 
_pdbx_struct_special_symmetry.PDB_model_num   1 
_pdbx_struct_special_symmetry.auth_asym_id    A 
_pdbx_struct_special_symmetry.auth_comp_id    ZN 
_pdbx_struct_special_symmetry.auth_seq_id     202 
_pdbx_struct_special_symmetry.PDB_ins_code    ? 
_pdbx_struct_special_symmetry.label_asym_id   D 
_pdbx_struct_special_symmetry.label_comp_id   ZN 
_pdbx_struct_special_symmetry.label_seq_id    . 
# 
loop_
_pdbx_struct_conn_angle.id 
_pdbx_struct_conn_angle.ptnr1_label_atom_id 
_pdbx_struct_conn_angle.ptnr1_label_alt_id 
_pdbx_struct_conn_angle.ptnr1_label_asym_id 
_pdbx_struct_conn_angle.ptnr1_label_comp_id 
_pdbx_struct_conn_angle.ptnr1_label_seq_id 
_pdbx_struct_conn_angle.ptnr1_auth_atom_id 
_pdbx_struct_conn_angle.ptnr1_auth_asym_id 
_pdbx_struct_conn_angle.ptnr1_auth_comp_id 
_pdbx_struct_conn_angle.ptnr1_auth_seq_id 
_pdbx_struct_conn_angle.ptnr1_PDB_ins_code 
_pdbx_struct_conn_angle.ptnr1_symmetry 
_pdbx_struct_conn_angle.ptnr2_label_atom_id 
_pdbx_struct_conn_angle.ptnr2_label_alt_id 
_pdbx_struct_conn_angle.ptnr2_label_asym_id 
_pdbx_struct_conn_angle.ptnr2_label_comp_id 
_pdbx_struct_conn_angle.ptnr2_label_seq_id 
_pdbx_struct_conn_angle.ptnr2_auth_atom_id 
_pdbx_struct_conn_angle.ptnr2_auth_asym_id 
_pdbx_struct_conn_angle.ptnr2_auth_comp_id 
_pdbx_struct_conn_angle.ptnr2_auth_seq_id 
_pdbx_struct_conn_angle.ptnr2_PDB_ins_code 
_pdbx_struct_conn_angle.ptnr2_symmetry 
_pdbx_struct_conn_angle.ptnr3_label_atom_id 
_pdbx_struct_conn_angle.ptnr3_label_alt_id 
_pdbx_struct_conn_angle.ptnr3_label_asym_id 
_pdbx_struct_conn_angle.ptnr3_label_comp_id 
_pdbx_struct_conn_angle.ptnr3_label_seq_id 
_pdbx_struct_conn_angle.ptnr3_auth_atom_id 
_pdbx_struct_conn_angle.ptnr3_auth_asym_id 
_pdbx_struct_conn_angle.ptnr3_auth_comp_id 
_pdbx_struct_conn_angle.ptnr3_auth_seq_id 
_pdbx_struct_conn_angle.ptnr3_PDB_ins_code 
_pdbx_struct_conn_angle.ptnr3_symmetry 
_pdbx_struct_conn_angle.value 
_pdbx_struct_conn_angle.value_esd 
1  OG1 ? A THR 48  ? A THR 48  ? 1_555 CA ? B CA . ? A CA 200 ? 1_555 O   ? A THR 48  ? A THR 48  ? 1_555 79.7  ? 
2  OG1 ? A THR 48  ? A THR 48  ? 1_555 CA ? B CA . ? A CA 200 ? 1_555 OD1 ? A ASP 50  ? A ASP 50  ? 1_555 84.9  ? 
3  O   ? A THR 48  ? A THR 48  ? 1_555 CA ? B CA . ? A CA 200 ? 1_555 OD1 ? A ASP 50  ? A ASP 50  ? 1_555 80.7  ? 
4  OG1 ? A THR 48  ? A THR 48  ? 1_555 CA ? B CA . ? A CA 200 ? 1_555 OD2 ? A ASP 50  ? A ASP 50  ? 1_555 135.3 ? 
5  O   ? A THR 48  ? A THR 48  ? 1_555 CA ? B CA . ? A CA 200 ? 1_555 OD2 ? A ASP 50  ? A ASP 50  ? 1_555 86.3  ? 
6  OD1 ? A ASP 50  ? A ASP 50  ? 1_555 CA ? B CA . ? A CA 200 ? 1_555 OD2 ? A ASP 50  ? A ASP 50  ? 1_555 50.9  ? 
7  OG1 ? A THR 48  ? A THR 48  ? 1_555 CA ? B CA . ? A CA 200 ? 1_555 O   ? A ASP 127 ? A ASP 127 ? 1_555 124.6 ? 
8  O   ? A THR 48  ? A THR 48  ? 1_555 CA ? B CA . ? A CA 200 ? 1_555 O   ? A ASP 127 ? A ASP 127 ? 1_555 152.3 ? 
9  OD1 ? A ASP 50  ? A ASP 50  ? 1_555 CA ? B CA . ? A CA 200 ? 1_555 O   ? A ASP 127 ? A ASP 127 ? 1_555 111.8 ? 
10 OD2 ? A ASP 50  ? A ASP 50  ? 1_555 CA ? B CA . ? A CA 200 ? 1_555 O   ? A ASP 127 ? A ASP 127 ? 1_555 83.8  ? 
11 OG1 ? A THR 48  ? A THR 48  ? 1_555 CA ? B CA . ? A CA 200 ? 1_555 OD1 ? A ASN 130 ? A ASN 130 ? 1_555 63.4  ? 
12 O   ? A THR 48  ? A THR 48  ? 1_555 CA ? B CA . ? A CA 200 ? 1_555 OD1 ? A ASN 130 ? A ASN 130 ? 1_555 142.3 ? 
13 OD1 ? A ASP 50  ? A ASP 50  ? 1_555 CA ? B CA . ? A CA 200 ? 1_555 OD1 ? A ASN 130 ? A ASN 130 ? 1_555 88.3  ? 
14 OD2 ? A ASP 50  ? A ASP 50  ? 1_555 CA ? B CA . ? A CA 200 ? 1_555 OD1 ? A ASN 130 ? A ASN 130 ? 1_555 114.1 ? 
15 O   ? A ASP 127 ? A ASP 127 ? 1_555 CA ? B CA . ? A CA 200 ? 1_555 OD1 ? A ASN 130 ? A ASN 130 ? 1_555 64.8  ? 
16 OG1 ? A THR 48  ? A THR 48  ? 1_555 CA ? B CA . ? A CA 200 ? 1_555 OD1 ? A ASP 131 ? A ASP 131 ? 1_555 69.9  ? 
17 O   ? A THR 48  ? A THR 48  ? 1_555 CA ? B CA . ? A CA 200 ? 1_555 OD1 ? A ASP 131 ? A ASP 131 ? 1_555 87.9  ? 
18 OD1 ? A ASP 50  ? A ASP 50  ? 1_555 CA ? B CA . ? A CA 200 ? 1_555 OD1 ? A ASP 131 ? A ASP 131 ? 1_555 153.9 ? 
19 OD2 ? A ASP 50  ? A ASP 50  ? 1_555 CA ? B CA . ? A CA 200 ? 1_555 OD1 ? A ASP 131 ? A ASP 131 ? 1_555 152.1 ? 
20 O   ? A ASP 127 ? A ASP 127 ? 1_555 CA ? B CA . ? A CA 200 ? 1_555 OD1 ? A ASP 131 ? A ASP 131 ? 1_555 88.9  ? 
21 OD1 ? A ASN 130 ? A ASN 130 ? 1_555 CA ? B CA . ? A CA 200 ? 1_555 OD1 ? A ASP 131 ? A ASP 131 ? 1_555 86.5  ? 
22 OG1 ? A THR 48  ? A THR 48  ? 1_555 CA ? B CA . ? A CA 200 ? 1_555 O   ? E HOH .   ? A HOH 300 ? 1_555 135.4 ? 
23 O   ? A THR 48  ? A THR 48  ? 1_555 CA ? B CA . ? A CA 200 ? 1_555 O   ? E HOH .   ? A HOH 300 ? 1_555 75.7  ? 
24 OD1 ? A ASP 50  ? A ASP 50  ? 1_555 CA ? B CA . ? A CA 200 ? 1_555 O   ? E HOH .   ? A HOH 300 ? 1_555 126.1 ? 
25 OD2 ? A ASP 50  ? A ASP 50  ? 1_555 CA ? B CA . ? A CA 200 ? 1_555 O   ? E HOH .   ? A HOH 300 ? 1_555 79.6  ? 
26 O   ? A ASP 127 ? A ASP 127 ? 1_555 CA ? B CA . ? A CA 200 ? 1_555 O   ? E HOH .   ? A HOH 300 ? 1_555 77.1  ? 
27 OD1 ? A ASN 130 ? A ASN 130 ? 1_555 CA ? B CA . ? A CA 200 ? 1_555 O   ? E HOH .   ? A HOH 300 ? 1_555 136.7 ? 
28 OD1 ? A ASP 131 ? A ASP 131 ? 1_555 CA ? B CA . ? A CA 200 ? 1_555 O   ? E HOH .   ? A HOH 300 ? 1_555 72.5  ? 
29 OD1 ? A ASP 52  ? A ASP 52  ? 7_645 ZN ? C ZN . ? A ZN 201 ? 1_555 NE2 ? A HIS 93  ? A HIS 93  ? 1_555 107.1 ? 
30 OD1 ? A ASP 52  ? A ASP 52  ? 7_645 ZN ? C ZN . ? A ZN 201 ? 1_555 O   ? E HOH .   ? A HOH 304 ? 1_555 79.0  ? 
31 NE2 ? A HIS 93  ? A HIS 93  ? 1_555 ZN ? C ZN . ? A ZN 201 ? 1_555 O   ? E HOH .   ? A HOH 304 ? 1_555 124.8 ? 
32 OD1 ? A ASP 52  ? A ASP 52  ? 7_645 ZN ? C ZN . ? A ZN 201 ? 1_555 O   ? E HOH .   ? A HOH 304 ? 7_645 113.2 ? 
33 NE2 ? A HIS 93  ? A HIS 93  ? 1_555 ZN ? C ZN . ? A ZN 201 ? 1_555 O   ? E HOH .   ? A HOH 304 ? 7_645 113.9 ? 
34 O   ? E HOH .   ? A HOH 304 ? 1_555 ZN ? C ZN . ? A ZN 201 ? 1_555 O   ? E HOH .   ? A HOH 304 ? 7_645 34.3  ? 
35 OD1 ? A ASP 52  ? A ASP 52  ? 7_645 ZN ? C ZN . ? A ZN 201 ? 1_555 O   ? E HOH .   ? A HOH 330 ? 7_645 110.6 ? 
36 NE2 ? A HIS 93  ? A HIS 93  ? 1_555 ZN ? C ZN . ? A ZN 201 ? 1_555 O   ? E HOH .   ? A HOH 330 ? 7_645 113.1 ? 
37 O   ? E HOH .   ? A HOH 304 ? 1_555 ZN ? C ZN . ? A ZN 201 ? 1_555 O   ? E HOH .   ? A HOH 330 ? 7_645 115.3 ? 
38 O   ? E HOH .   ? A HOH 304 ? 7_645 ZN ? C ZN . ? A ZN 201 ? 1_555 O   ? E HOH .   ? A HOH 330 ? 7_645 99.0  ? 
39 O   ? E HOH .   ? A HOH 310 ? 1_555 ZN ? D ZN . ? A ZN 202 ? 1_555 O   ? E HOH .   ? A HOH 310 ? 7_645 87.3  ? 
40 O   ? E HOH .   ? A HOH 310 ? 1_555 ZN ? D ZN . ? A ZN 202 ? 1_555 O   ? E HOH .   ? A HOH 330 ? 1_555 121.4 ? 
41 O   ? E HOH .   ? A HOH 310 ? 7_645 ZN ? D ZN . ? A ZN 202 ? 1_555 O   ? E HOH .   ? A HOH 330 ? 1_555 103.4 ? 
42 O   ? E HOH .   ? A HOH 310 ? 1_555 ZN ? D ZN . ? A ZN 202 ? 1_555 O   ? E HOH .   ? A HOH 330 ? 7_645 103.2 ? 
43 O   ? E HOH .   ? A HOH 310 ? 7_645 ZN ? D ZN . ? A ZN 202 ? 1_555 O   ? E HOH .   ? A HOH 330 ? 7_645 121.4 ? 
44 O   ? E HOH .   ? A HOH 330 ? 1_555 ZN ? D ZN . ? A ZN 202 ? 1_555 O   ? E HOH .   ? A HOH 330 ? 7_645 117.5 ? 
# 
loop_
_pdbx_audit_revision_history.ordinal 
_pdbx_audit_revision_history.data_content_type 
_pdbx_audit_revision_history.major_revision 
_pdbx_audit_revision_history.minor_revision 
_pdbx_audit_revision_history.revision_date 
1 'Structure model' 1 0 2000-12-01 
2 'Structure model' 1 1 2008-04-27 
3 'Structure model' 1 2 2011-07-13 
4 'Structure model' 1 3 2011-11-16 
5 'Structure model' 1 4 2023-08-09 
# 
_pdbx_audit_revision_details.ordinal             1 
_pdbx_audit_revision_details.revision_ordinal    1 
_pdbx_audit_revision_details.data_content_type   'Structure model' 
_pdbx_audit_revision_details.provider            repository 
_pdbx_audit_revision_details.type                'Initial release' 
_pdbx_audit_revision_details.description         ? 
_pdbx_audit_revision_details.details             ? 
# 
loop_
_pdbx_audit_revision_group.ordinal 
_pdbx_audit_revision_group.revision_ordinal 
_pdbx_audit_revision_group.data_content_type 
_pdbx_audit_revision_group.group 
1 2 'Structure model' 'Version format compliance' 
2 3 'Structure model' 'Derived calculations'      
3 3 'Structure model' 'Version format compliance' 
4 4 'Structure model' 'Atomic model'              
5 5 'Structure model' 'Data collection'           
6 5 'Structure model' 'Database references'       
7 5 'Structure model' 'Derived calculations'      
8 5 'Structure model' 'Refinement description'    
# 
loop_
_pdbx_audit_revision_category.ordinal 
_pdbx_audit_revision_category.revision_ordinal 
_pdbx_audit_revision_category.data_content_type 
_pdbx_audit_revision_category.category 
1 5 'Structure model' chem_comp_atom                
2 5 'Structure model' chem_comp_bond                
3 5 'Structure model' database_2                    
4 5 'Structure model' pdbx_initial_refinement_model 
5 5 'Structure model' pdbx_struct_conn_angle        
6 5 'Structure model' struct_conn                   
7 5 'Structure model' struct_site                   
# 
loop_
_pdbx_audit_revision_item.ordinal 
_pdbx_audit_revision_item.revision_ordinal 
_pdbx_audit_revision_item.data_content_type 
_pdbx_audit_revision_item.item 
1  5 'Structure model' '_database_2.pdbx_DOI'                        
2  5 'Structure model' '_database_2.pdbx_database_accession'         
3  5 'Structure model' '_pdbx_struct_conn_angle.ptnr1_auth_comp_id'  
4  5 'Structure model' '_pdbx_struct_conn_angle.ptnr1_auth_seq_id'   
5  5 'Structure model' '_pdbx_struct_conn_angle.ptnr1_label_asym_id' 
6  5 'Structure model' '_pdbx_struct_conn_angle.ptnr1_label_atom_id' 
7  5 'Structure model' '_pdbx_struct_conn_angle.ptnr1_label_comp_id' 
8  5 'Structure model' '_pdbx_struct_conn_angle.ptnr1_label_seq_id'  
9  5 'Structure model' '_pdbx_struct_conn_angle.ptnr1_symmetry'      
10 5 'Structure model' '_pdbx_struct_conn_angle.ptnr3_auth_comp_id'  
11 5 'Structure model' '_pdbx_struct_conn_angle.ptnr3_auth_seq_id'   
12 5 'Structure model' '_pdbx_struct_conn_angle.ptnr3_label_asym_id' 
13 5 'Structure model' '_pdbx_struct_conn_angle.ptnr3_label_atom_id' 
14 5 'Structure model' '_pdbx_struct_conn_angle.ptnr3_label_comp_id' 
15 5 'Structure model' '_pdbx_struct_conn_angle.ptnr3_label_seq_id'  
16 5 'Structure model' '_pdbx_struct_conn_angle.ptnr3_symmetry'      
17 5 'Structure model' '_pdbx_struct_conn_angle.value'               
18 5 'Structure model' '_struct_conn.pdbx_dist_value'                
19 5 'Structure model' '_struct_conn.ptnr1_auth_comp_id'             
20 5 'Structure model' '_struct_conn.ptnr1_auth_seq_id'              
21 5 'Structure model' '_struct_conn.ptnr1_label_asym_id'            
22 5 'Structure model' '_struct_conn.ptnr1_label_atom_id'            
23 5 'Structure model' '_struct_conn.ptnr1_label_comp_id'            
24 5 'Structure model' '_struct_conn.ptnr1_label_seq_id'             
25 5 'Structure model' '_struct_conn.ptnr1_symmetry'                 
26 5 'Structure model' '_struct_conn.ptnr2_auth_comp_id'             
27 5 'Structure model' '_struct_conn.ptnr2_auth_seq_id'              
28 5 'Structure model' '_struct_conn.ptnr2_label_asym_id'            
29 5 'Structure model' '_struct_conn.ptnr2_label_atom_id'            
30 5 'Structure model' '_struct_conn.ptnr2_label_comp_id'            
31 5 'Structure model' '_struct_conn.ptnr2_label_seq_id'             
32 5 'Structure model' '_struct_conn.ptnr2_symmetry'                 
33 5 'Structure model' '_struct_site.pdbx_auth_asym_id'              
34 5 'Structure model' '_struct_site.pdbx_auth_comp_id'              
35 5 'Structure model' '_struct_site.pdbx_auth_seq_id'               
# 
loop_
_software.name 
_software.classification 
_software.version 
_software.citation_id 
_software.pdbx_ordinal 
AMoRE     phasing          .   ? 1 
CNS       refinement       1.0 ? 2 
DENZO     'data reduction' .   ? 3 
SCALEPACK 'data scaling'   .   ? 4 
# 
loop_
_pdbx_validate_symm_contact.id 
_pdbx_validate_symm_contact.PDB_model_num 
_pdbx_validate_symm_contact.auth_atom_id_1 
_pdbx_validate_symm_contact.auth_asym_id_1 
_pdbx_validate_symm_contact.auth_comp_id_1 
_pdbx_validate_symm_contact.auth_seq_id_1 
_pdbx_validate_symm_contact.PDB_ins_code_1 
_pdbx_validate_symm_contact.label_alt_id_1 
_pdbx_validate_symm_contact.site_symmetry_1 
_pdbx_validate_symm_contact.auth_atom_id_2 
_pdbx_validate_symm_contact.auth_asym_id_2 
_pdbx_validate_symm_contact.auth_comp_id_2 
_pdbx_validate_symm_contact.auth_seq_id_2 
_pdbx_validate_symm_contact.PDB_ins_code_2 
_pdbx_validate_symm_contact.label_alt_id_2 
_pdbx_validate_symm_contact.site_symmetry_2 
_pdbx_validate_symm_contact.dist 
1 1 O A HOH 304 ? ? 1_555 O A HOH 304 ? ? 7_645  1.72 
2 1 O A HOH 318 ? ? 1_555 O A HOH 318 ? ? 11_755 1.94 
# 
loop_
_pdbx_validate_torsion.id 
_pdbx_validate_torsion.PDB_model_num 
_pdbx_validate_torsion.auth_comp_id 
_pdbx_validate_torsion.auth_asym_id 
_pdbx_validate_torsion.auth_seq_id 
_pdbx_validate_torsion.PDB_ins_code 
_pdbx_validate_torsion.label_alt_id 
_pdbx_validate_torsion.phi 
_pdbx_validate_torsion.psi 
1 1 SER A 34  ? ? 179.59  151.41 
2 1 PRO A 35  ? ? -45.31  154.15 
3 1 ASP A 50  ? ? 66.39   -39.37 
4 1 HIS A 61  ? ? -174.46 138.36 
5 1 TRP A 123 ? ? 56.13   17.72  
# 
loop_
_chem_comp_atom.comp_id 
_chem_comp_atom.atom_id 
_chem_comp_atom.type_symbol 
_chem_comp_atom.pdbx_aromatic_flag 
_chem_comp_atom.pdbx_stereo_config 
_chem_comp_atom.pdbx_ordinal 
ALA N    N  N N 1   
ALA CA   C  N S 2   
ALA C    C  N N 3   
ALA O    O  N N 4   
ALA CB   C  N N 5   
ALA OXT  O  N N 6   
ALA H    H  N N 7   
ALA H2   H  N N 8   
ALA HA   H  N N 9   
ALA HB1  H  N N 10  
ALA HB2  H  N N 11  
ALA HB3  H  N N 12  
ALA HXT  H  N N 13  
ARG N    N  N N 14  
ARG CA   C  N S 15  
ARG C    C  N N 16  
ARG O    O  N N 17  
ARG CB   C  N N 18  
ARG CG   C  N N 19  
ARG CD   C  N N 20  
ARG NE   N  N N 21  
ARG CZ   C  N N 22  
ARG NH1  N  N N 23  
ARG NH2  N  N N 24  
ARG OXT  O  N N 25  
ARG H    H  N N 26  
ARG H2   H  N N 27  
ARG HA   H  N N 28  
ARG HB2  H  N N 29  
ARG HB3  H  N N 30  
ARG HG2  H  N N 31  
ARG HG3  H  N N 32  
ARG HD2  H  N N 33  
ARG HD3  H  N N 34  
ARG HE   H  N N 35  
ARG HH11 H  N N 36  
ARG HH12 H  N N 37  
ARG HH21 H  N N 38  
ARG HH22 H  N N 39  
ARG HXT  H  N N 40  
ASN N    N  N N 41  
ASN CA   C  N S 42  
ASN C    C  N N 43  
ASN O    O  N N 44  
ASN CB   C  N N 45  
ASN CG   C  N N 46  
ASN OD1  O  N N 47  
ASN ND2  N  N N 48  
ASN OXT  O  N N 49  
ASN H    H  N N 50  
ASN H2   H  N N 51  
ASN HA   H  N N 52  
ASN HB2  H  N N 53  
ASN HB3  H  N N 54  
ASN HD21 H  N N 55  
ASN HD22 H  N N 56  
ASN HXT  H  N N 57  
ASP N    N  N N 58  
ASP CA   C  N S 59  
ASP C    C  N N 60  
ASP O    O  N N 61  
ASP CB   C  N N 62  
ASP CG   C  N N 63  
ASP OD1  O  N N 64  
ASP OD2  O  N N 65  
ASP OXT  O  N N 66  
ASP H    H  N N 67  
ASP H2   H  N N 68  
ASP HA   H  N N 69  
ASP HB2  H  N N 70  
ASP HB3  H  N N 71  
ASP HD2  H  N N 72  
ASP HXT  H  N N 73  
CA  CA   CA N N 74  
CYS N    N  N N 75  
CYS CA   C  N R 76  
CYS C    C  N N 77  
CYS O    O  N N 78  
CYS CB   C  N N 79  
CYS SG   S  N N 80  
CYS OXT  O  N N 81  
CYS H    H  N N 82  
CYS H2   H  N N 83  
CYS HA   H  N N 84  
CYS HB2  H  N N 85  
CYS HB3  H  N N 86  
CYS HG   H  N N 87  
CYS HXT  H  N N 88  
GLN N    N  N N 89  
GLN CA   C  N S 90  
GLN C    C  N N 91  
GLN O    O  N N 92  
GLN CB   C  N N 93  
GLN CG   C  N N 94  
GLN CD   C  N N 95  
GLN OE1  O  N N 96  
GLN NE2  N  N N 97  
GLN OXT  O  N N 98  
GLN H    H  N N 99  
GLN H2   H  N N 100 
GLN HA   H  N N 101 
GLN HB2  H  N N 102 
GLN HB3  H  N N 103 
GLN HG2  H  N N 104 
GLN HG3  H  N N 105 
GLN HE21 H  N N 106 
GLN HE22 H  N N 107 
GLN HXT  H  N N 108 
GLU N    N  N N 109 
GLU CA   C  N S 110 
GLU C    C  N N 111 
GLU O    O  N N 112 
GLU CB   C  N N 113 
GLU CG   C  N N 114 
GLU CD   C  N N 115 
GLU OE1  O  N N 116 
GLU OE2  O  N N 117 
GLU OXT  O  N N 118 
GLU H    H  N N 119 
GLU H2   H  N N 120 
GLU HA   H  N N 121 
GLU HB2  H  N N 122 
GLU HB3  H  N N 123 
GLU HG2  H  N N 124 
GLU HG3  H  N N 125 
GLU HE2  H  N N 126 
GLU HXT  H  N N 127 
GLY N    N  N N 128 
GLY CA   C  N N 129 
GLY C    C  N N 130 
GLY O    O  N N 131 
GLY OXT  O  N N 132 
GLY H    H  N N 133 
GLY H2   H  N N 134 
GLY HA2  H  N N 135 
GLY HA3  H  N N 136 
GLY HXT  H  N N 137 
HIS N    N  N N 138 
HIS CA   C  N S 139 
HIS C    C  N N 140 
HIS O    O  N N 141 
HIS CB   C  N N 142 
HIS CG   C  Y N 143 
HIS ND1  N  Y N 144 
HIS CD2  C  Y N 145 
HIS CE1  C  Y N 146 
HIS NE2  N  Y N 147 
HIS OXT  O  N N 148 
HIS H    H  N N 149 
HIS H2   H  N N 150 
HIS HA   H  N N 151 
HIS HB2  H  N N 152 
HIS HB3  H  N N 153 
HIS HD1  H  N N 154 
HIS HD2  H  N N 155 
HIS HE1  H  N N 156 
HIS HE2  H  N N 157 
HIS HXT  H  N N 158 
HOH O    O  N N 159 
HOH H1   H  N N 160 
HOH H2   H  N N 161 
ILE N    N  N N 162 
ILE CA   C  N S 163 
ILE C    C  N N 164 
ILE O    O  N N 165 
ILE CB   C  N S 166 
ILE CG1  C  N N 167 
ILE CG2  C  N N 168 
ILE CD1  C  N N 169 
ILE OXT  O  N N 170 
ILE H    H  N N 171 
ILE H2   H  N N 172 
ILE HA   H  N N 173 
ILE HB   H  N N 174 
ILE HG12 H  N N 175 
ILE HG13 H  N N 176 
ILE HG21 H  N N 177 
ILE HG22 H  N N 178 
ILE HG23 H  N N 179 
ILE HD11 H  N N 180 
ILE HD12 H  N N 181 
ILE HD13 H  N N 182 
ILE HXT  H  N N 183 
LEU N    N  N N 184 
LEU CA   C  N S 185 
LEU C    C  N N 186 
LEU O    O  N N 187 
LEU CB   C  N N 188 
LEU CG   C  N N 189 
LEU CD1  C  N N 190 
LEU CD2  C  N N 191 
LEU OXT  O  N N 192 
LEU H    H  N N 193 
LEU H2   H  N N 194 
LEU HA   H  N N 195 
LEU HB2  H  N N 196 
LEU HB3  H  N N 197 
LEU HG   H  N N 198 
LEU HD11 H  N N 199 
LEU HD12 H  N N 200 
LEU HD13 H  N N 201 
LEU HD21 H  N N 202 
LEU HD22 H  N N 203 
LEU HD23 H  N N 204 
LEU HXT  H  N N 205 
LYS N    N  N N 206 
LYS CA   C  N S 207 
LYS C    C  N N 208 
LYS O    O  N N 209 
LYS CB   C  N N 210 
LYS CG   C  N N 211 
LYS CD   C  N N 212 
LYS CE   C  N N 213 
LYS NZ   N  N N 214 
LYS OXT  O  N N 215 
LYS H    H  N N 216 
LYS H2   H  N N 217 
LYS HA   H  N N 218 
LYS HB2  H  N N 219 
LYS HB3  H  N N 220 
LYS HG2  H  N N 221 
LYS HG3  H  N N 222 
LYS HD2  H  N N 223 
LYS HD3  H  N N 224 
LYS HE2  H  N N 225 
LYS HE3  H  N N 226 
LYS HZ1  H  N N 227 
LYS HZ2  H  N N 228 
LYS HZ3  H  N N 229 
LYS HXT  H  N N 230 
MET N    N  N N 231 
MET CA   C  N S 232 
MET C    C  N N 233 
MET O    O  N N 234 
MET CB   C  N N 235 
MET CG   C  N N 236 
MET SD   S  N N 237 
MET CE   C  N N 238 
MET OXT  O  N N 239 
MET H    H  N N 240 
MET H2   H  N N 241 
MET HA   H  N N 242 
MET HB2  H  N N 243 
MET HB3  H  N N 244 
MET HG2  H  N N 245 
MET HG3  H  N N 246 
MET HE1  H  N N 247 
MET HE2  H  N N 248 
MET HE3  H  N N 249 
MET HXT  H  N N 250 
PHE N    N  N N 251 
PHE CA   C  N S 252 
PHE C    C  N N 253 
PHE O    O  N N 254 
PHE CB   C  N N 255 
PHE CG   C  Y N 256 
PHE CD1  C  Y N 257 
PHE CD2  C  Y N 258 
PHE CE1  C  Y N 259 
PHE CE2  C  Y N 260 
PHE CZ   C  Y N 261 
PHE OXT  O  N N 262 
PHE H    H  N N 263 
PHE H2   H  N N 264 
PHE HA   H  N N 265 
PHE HB2  H  N N 266 
PHE HB3  H  N N 267 
PHE HD1  H  N N 268 
PHE HD2  H  N N 269 
PHE HE1  H  N N 270 
PHE HE2  H  N N 271 
PHE HZ   H  N N 272 
PHE HXT  H  N N 273 
PRO N    N  N N 274 
PRO CA   C  N S 275 
PRO C    C  N N 276 
PRO O    O  N N 277 
PRO CB   C  N N 278 
PRO CG   C  N N 279 
PRO CD   C  N N 280 
PRO OXT  O  N N 281 
PRO H    H  N N 282 
PRO HA   H  N N 283 
PRO HB2  H  N N 284 
PRO HB3  H  N N 285 
PRO HG2  H  N N 286 
PRO HG3  H  N N 287 
PRO HD2  H  N N 288 
PRO HD3  H  N N 289 
PRO HXT  H  N N 290 
SER N    N  N N 291 
SER CA   C  N S 292 
SER C    C  N N 293 
SER O    O  N N 294 
SER CB   C  N N 295 
SER OG   O  N N 296 
SER OXT  O  N N 297 
SER H    H  N N 298 
SER H2   H  N N 299 
SER HA   H  N N 300 
SER HB2  H  N N 301 
SER HB3  H  N N 302 
SER HG   H  N N 303 
SER HXT  H  N N 304 
THR N    N  N N 305 
THR CA   C  N S 306 
THR C    C  N N 307 
THR O    O  N N 308 
THR CB   C  N R 309 
THR OG1  O  N N 310 
THR CG2  C  N N 311 
THR OXT  O  N N 312 
THR H    H  N N 313 
THR H2   H  N N 314 
THR HA   H  N N 315 
THR HB   H  N N 316 
THR HG1  H  N N 317 
THR HG21 H  N N 318 
THR HG22 H  N N 319 
THR HG23 H  N N 320 
THR HXT  H  N N 321 
TRP N    N  N N 322 
TRP CA   C  N S 323 
TRP C    C  N N 324 
TRP O    O  N N 325 
TRP CB   C  N N 326 
TRP CG   C  Y N 327 
TRP CD1  C  Y N 328 
TRP CD2  C  Y N 329 
TRP NE1  N  Y N 330 
TRP CE2  C  Y N 331 
TRP CE3  C  Y N 332 
TRP CZ2  C  Y N 333 
TRP CZ3  C  Y N 334 
TRP CH2  C  Y N 335 
TRP OXT  O  N N 336 
TRP H    H  N N 337 
TRP H2   H  N N 338 
TRP HA   H  N N 339 
TRP HB2  H  N N 340 
TRP HB3  H  N N 341 
TRP HD1  H  N N 342 
TRP HE1  H  N N 343 
TRP HE3  H  N N 344 
TRP HZ2  H  N N 345 
TRP HZ3  H  N N 346 
TRP HH2  H  N N 347 
TRP HXT  H  N N 348 
TYR N    N  N N 349 
TYR CA   C  N S 350 
TYR C    C  N N 351 
TYR O    O  N N 352 
TYR CB   C  N N 353 
TYR CG   C  Y N 354 
TYR CD1  C  Y N 355 
TYR CD2  C  Y N 356 
TYR CE1  C  Y N 357 
TYR CE2  C  Y N 358 
TYR CZ   C  Y N 359 
TYR OH   O  N N 360 
TYR OXT  O  N N 361 
TYR H    H  N N 362 
TYR H2   H  N N 363 
TYR HA   H  N N 364 
TYR HB2  H  N N 365 
TYR HB3  H  N N 366 
TYR HD1  H  N N 367 
TYR HD2  H  N N 368 
TYR HE1  H  N N 369 
TYR HE2  H  N N 370 
TYR HH   H  N N 371 
TYR HXT  H  N N 372 
VAL N    N  N N 373 
VAL CA   C  N S 374 
VAL C    C  N N 375 
VAL O    O  N N 376 
VAL CB   C  N N 377 
VAL CG1  C  N N 378 
VAL CG2  C  N N 379 
VAL OXT  O  N N 380 
VAL H    H  N N 381 
VAL H2   H  N N 382 
VAL HA   H  N N 383 
VAL HB   H  N N 384 
VAL HG11 H  N N 385 
VAL HG12 H  N N 386 
VAL HG13 H  N N 387 
VAL HG21 H  N N 388 
VAL HG22 H  N N 389 
VAL HG23 H  N N 390 
VAL HXT  H  N N 391 
ZN  ZN   ZN N N 392 
# 
loop_
_chem_comp_bond.comp_id 
_chem_comp_bond.atom_id_1 
_chem_comp_bond.atom_id_2 
_chem_comp_bond.value_order 
_chem_comp_bond.pdbx_aromatic_flag 
_chem_comp_bond.pdbx_stereo_config 
_chem_comp_bond.pdbx_ordinal 
ALA N   CA   sing N N 1   
ALA N   H    sing N N 2   
ALA N   H2   sing N N 3   
ALA CA  C    sing N N 4   
ALA CA  CB   sing N N 5   
ALA CA  HA   sing N N 6   
ALA C   O    doub N N 7   
ALA C   OXT  sing N N 8   
ALA CB  HB1  sing N N 9   
ALA CB  HB2  sing N N 10  
ALA CB  HB3  sing N N 11  
ALA OXT HXT  sing N N 12  
ARG N   CA   sing N N 13  
ARG N   H    sing N N 14  
ARG N   H2   sing N N 15  
ARG CA  C    sing N N 16  
ARG CA  CB   sing N N 17  
ARG CA  HA   sing N N 18  
ARG C   O    doub N N 19  
ARG C   OXT  sing N N 20  
ARG CB  CG   sing N N 21  
ARG CB  HB2  sing N N 22  
ARG CB  HB3  sing N N 23  
ARG CG  CD   sing N N 24  
ARG CG  HG2  sing N N 25  
ARG CG  HG3  sing N N 26  
ARG CD  NE   sing N N 27  
ARG CD  HD2  sing N N 28  
ARG CD  HD3  sing N N 29  
ARG NE  CZ   sing N N 30  
ARG NE  HE   sing N N 31  
ARG CZ  NH1  sing N N 32  
ARG CZ  NH2  doub N N 33  
ARG NH1 HH11 sing N N 34  
ARG NH1 HH12 sing N N 35  
ARG NH2 HH21 sing N N 36  
ARG NH2 HH22 sing N N 37  
ARG OXT HXT  sing N N 38  
ASN N   CA   sing N N 39  
ASN N   H    sing N N 40  
ASN N   H2   sing N N 41  
ASN CA  C    sing N N 42  
ASN CA  CB   sing N N 43  
ASN CA  HA   sing N N 44  
ASN C   O    doub N N 45  
ASN C   OXT  sing N N 46  
ASN CB  CG   sing N N 47  
ASN CB  HB2  sing N N 48  
ASN CB  HB3  sing N N 49  
ASN CG  OD1  doub N N 50  
ASN CG  ND2  sing N N 51  
ASN ND2 HD21 sing N N 52  
ASN ND2 HD22 sing N N 53  
ASN OXT HXT  sing N N 54  
ASP N   CA   sing N N 55  
ASP N   H    sing N N 56  
ASP N   H2   sing N N 57  
ASP CA  C    sing N N 58  
ASP CA  CB   sing N N 59  
ASP CA  HA   sing N N 60  
ASP C   O    doub N N 61  
ASP C   OXT  sing N N 62  
ASP CB  CG   sing N N 63  
ASP CB  HB2  sing N N 64  
ASP CB  HB3  sing N N 65  
ASP CG  OD1  doub N N 66  
ASP CG  OD2  sing N N 67  
ASP OD2 HD2  sing N N 68  
ASP OXT HXT  sing N N 69  
CYS N   CA   sing N N 70  
CYS N   H    sing N N 71  
CYS N   H2   sing N N 72  
CYS CA  C    sing N N 73  
CYS CA  CB   sing N N 74  
CYS CA  HA   sing N N 75  
CYS C   O    doub N N 76  
CYS C   OXT  sing N N 77  
CYS CB  SG   sing N N 78  
CYS CB  HB2  sing N N 79  
CYS CB  HB3  sing N N 80  
CYS SG  HG   sing N N 81  
CYS OXT HXT  sing N N 82  
GLN N   CA   sing N N 83  
GLN N   H    sing N N 84  
GLN N   H2   sing N N 85  
GLN CA  C    sing N N 86  
GLN CA  CB   sing N N 87  
GLN CA  HA   sing N N 88  
GLN C   O    doub N N 89  
GLN C   OXT  sing N N 90  
GLN CB  CG   sing N N 91  
GLN CB  HB2  sing N N 92  
GLN CB  HB3  sing N N 93  
GLN CG  CD   sing N N 94  
GLN CG  HG2  sing N N 95  
GLN CG  HG3  sing N N 96  
GLN CD  OE1  doub N N 97  
GLN CD  NE2  sing N N 98  
GLN NE2 HE21 sing N N 99  
GLN NE2 HE22 sing N N 100 
GLN OXT HXT  sing N N 101 
GLU N   CA   sing N N 102 
GLU N   H    sing N N 103 
GLU N   H2   sing N N 104 
GLU CA  C    sing N N 105 
GLU CA  CB   sing N N 106 
GLU CA  HA   sing N N 107 
GLU C   O    doub N N 108 
GLU C   OXT  sing N N 109 
GLU CB  CG   sing N N 110 
GLU CB  HB2  sing N N 111 
GLU CB  HB3  sing N N 112 
GLU CG  CD   sing N N 113 
GLU CG  HG2  sing N N 114 
GLU CG  HG3  sing N N 115 
GLU CD  OE1  doub N N 116 
GLU CD  OE2  sing N N 117 
GLU OE2 HE2  sing N N 118 
GLU OXT HXT  sing N N 119 
GLY N   CA   sing N N 120 
GLY N   H    sing N N 121 
GLY N   H2   sing N N 122 
GLY CA  C    sing N N 123 
GLY CA  HA2  sing N N 124 
GLY CA  HA3  sing N N 125 
GLY C   O    doub N N 126 
GLY C   OXT  sing N N 127 
GLY OXT HXT  sing N N 128 
HIS N   CA   sing N N 129 
HIS N   H    sing N N 130 
HIS N   H2   sing N N 131 
HIS CA  C    sing N N 132 
HIS CA  CB   sing N N 133 
HIS CA  HA   sing N N 134 
HIS C   O    doub N N 135 
HIS C   OXT  sing N N 136 
HIS CB  CG   sing N N 137 
HIS CB  HB2  sing N N 138 
HIS CB  HB3  sing N N 139 
HIS CG  ND1  sing Y N 140 
HIS CG  CD2  doub Y N 141 
HIS ND1 CE1  doub Y N 142 
HIS ND1 HD1  sing N N 143 
HIS CD2 NE2  sing Y N 144 
HIS CD2 HD2  sing N N 145 
HIS CE1 NE2  sing Y N 146 
HIS CE1 HE1  sing N N 147 
HIS NE2 HE2  sing N N 148 
HIS OXT HXT  sing N N 149 
HOH O   H1   sing N N 150 
HOH O   H2   sing N N 151 
ILE N   CA   sing N N 152 
ILE N   H    sing N N 153 
ILE N   H2   sing N N 154 
ILE CA  C    sing N N 155 
ILE CA  CB   sing N N 156 
ILE CA  HA   sing N N 157 
ILE C   O    doub N N 158 
ILE C   OXT  sing N N 159 
ILE CB  CG1  sing N N 160 
ILE CB  CG2  sing N N 161 
ILE CB  HB   sing N N 162 
ILE CG1 CD1  sing N N 163 
ILE CG1 HG12 sing N N 164 
ILE CG1 HG13 sing N N 165 
ILE CG2 HG21 sing N N 166 
ILE CG2 HG22 sing N N 167 
ILE CG2 HG23 sing N N 168 
ILE CD1 HD11 sing N N 169 
ILE CD1 HD12 sing N N 170 
ILE CD1 HD13 sing N N 171 
ILE OXT HXT  sing N N 172 
LEU N   CA   sing N N 173 
LEU N   H    sing N N 174 
LEU N   H2   sing N N 175 
LEU CA  C    sing N N 176 
LEU CA  CB   sing N N 177 
LEU CA  HA   sing N N 178 
LEU C   O    doub N N 179 
LEU C   OXT  sing N N 180 
LEU CB  CG   sing N N 181 
LEU CB  HB2  sing N N 182 
LEU CB  HB3  sing N N 183 
LEU CG  CD1  sing N N 184 
LEU CG  CD2  sing N N 185 
LEU CG  HG   sing N N 186 
LEU CD1 HD11 sing N N 187 
LEU CD1 HD12 sing N N 188 
LEU CD1 HD13 sing N N 189 
LEU CD2 HD21 sing N N 190 
LEU CD2 HD22 sing N N 191 
LEU CD2 HD23 sing N N 192 
LEU OXT HXT  sing N N 193 
LYS N   CA   sing N N 194 
LYS N   H    sing N N 195 
LYS N   H2   sing N N 196 
LYS CA  C    sing N N 197 
LYS CA  CB   sing N N 198 
LYS CA  HA   sing N N 199 
LYS C   O    doub N N 200 
LYS C   OXT  sing N N 201 
LYS CB  CG   sing N N 202 
LYS CB  HB2  sing N N 203 
LYS CB  HB3  sing N N 204 
LYS CG  CD   sing N N 205 
LYS CG  HG2  sing N N 206 
LYS CG  HG3  sing N N 207 
LYS CD  CE   sing N N 208 
LYS CD  HD2  sing N N 209 
LYS CD  HD3  sing N N 210 
LYS CE  NZ   sing N N 211 
LYS CE  HE2  sing N N 212 
LYS CE  HE3  sing N N 213 
LYS NZ  HZ1  sing N N 214 
LYS NZ  HZ2  sing N N 215 
LYS NZ  HZ3  sing N N 216 
LYS OXT HXT  sing N N 217 
MET N   CA   sing N N 218 
MET N   H    sing N N 219 
MET N   H2   sing N N 220 
MET CA  C    sing N N 221 
MET CA  CB   sing N N 222 
MET CA  HA   sing N N 223 
MET C   O    doub N N 224 
MET C   OXT  sing N N 225 
MET CB  CG   sing N N 226 
MET CB  HB2  sing N N 227 
MET CB  HB3  sing N N 228 
MET CG  SD   sing N N 229 
MET CG  HG2  sing N N 230 
MET CG  HG3  sing N N 231 
MET SD  CE   sing N N 232 
MET CE  HE1  sing N N 233 
MET CE  HE2  sing N N 234 
MET CE  HE3  sing N N 235 
MET OXT HXT  sing N N 236 
PHE N   CA   sing N N 237 
PHE N   H    sing N N 238 
PHE N   H2   sing N N 239 
PHE CA  C    sing N N 240 
PHE CA  CB   sing N N 241 
PHE CA  HA   sing N N 242 
PHE C   O    doub N N 243 
PHE C   OXT  sing N N 244 
PHE CB  CG   sing N N 245 
PHE CB  HB2  sing N N 246 
PHE CB  HB3  sing N N 247 
PHE CG  CD1  doub Y N 248 
PHE CG  CD2  sing Y N 249 
PHE CD1 CE1  sing Y N 250 
PHE CD1 HD1  sing N N 251 
PHE CD2 CE2  doub Y N 252 
PHE CD2 HD2  sing N N 253 
PHE CE1 CZ   doub Y N 254 
PHE CE1 HE1  sing N N 255 
PHE CE2 CZ   sing Y N 256 
PHE CE2 HE2  sing N N 257 
PHE CZ  HZ   sing N N 258 
PHE OXT HXT  sing N N 259 
PRO N   CA   sing N N 260 
PRO N   CD   sing N N 261 
PRO N   H    sing N N 262 
PRO CA  C    sing N N 263 
PRO CA  CB   sing N N 264 
PRO CA  HA   sing N N 265 
PRO C   O    doub N N 266 
PRO C   OXT  sing N N 267 
PRO CB  CG   sing N N 268 
PRO CB  HB2  sing N N 269 
PRO CB  HB3  sing N N 270 
PRO CG  CD   sing N N 271 
PRO CG  HG2  sing N N 272 
PRO CG  HG3  sing N N 273 
PRO CD  HD2  sing N N 274 
PRO CD  HD3  sing N N 275 
PRO OXT HXT  sing N N 276 
SER N   CA   sing N N 277 
SER N   H    sing N N 278 
SER N   H2   sing N N 279 
SER CA  C    sing N N 280 
SER CA  CB   sing N N 281 
SER CA  HA   sing N N 282 
SER C   O    doub N N 283 
SER C   OXT  sing N N 284 
SER CB  OG   sing N N 285 
SER CB  HB2  sing N N 286 
SER CB  HB3  sing N N 287 
SER OG  HG   sing N N 288 
SER OXT HXT  sing N N 289 
THR N   CA   sing N N 290 
THR N   H    sing N N 291 
THR N   H2   sing N N 292 
THR CA  C    sing N N 293 
THR CA  CB   sing N N 294 
THR CA  HA   sing N N 295 
THR C   O    doub N N 296 
THR C   OXT  sing N N 297 
THR CB  OG1  sing N N 298 
THR CB  CG2  sing N N 299 
THR CB  HB   sing N N 300 
THR OG1 HG1  sing N N 301 
THR CG2 HG21 sing N N 302 
THR CG2 HG22 sing N N 303 
THR CG2 HG23 sing N N 304 
THR OXT HXT  sing N N 305 
TRP N   CA   sing N N 306 
TRP N   H    sing N N 307 
TRP N   H2   sing N N 308 
TRP CA  C    sing N N 309 
TRP CA  CB   sing N N 310 
TRP CA  HA   sing N N 311 
TRP C   O    doub N N 312 
TRP C   OXT  sing N N 313 
TRP CB  CG   sing N N 314 
TRP CB  HB2  sing N N 315 
TRP CB  HB3  sing N N 316 
TRP CG  CD1  doub Y N 317 
TRP CG  CD2  sing Y N 318 
TRP CD1 NE1  sing Y N 319 
TRP CD1 HD1  sing N N 320 
TRP CD2 CE2  doub Y N 321 
TRP CD2 CE3  sing Y N 322 
TRP NE1 CE2  sing Y N 323 
TRP NE1 HE1  sing N N 324 
TRP CE2 CZ2  sing Y N 325 
TRP CE3 CZ3  doub Y N 326 
TRP CE3 HE3  sing N N 327 
TRP CZ2 CH2  doub Y N 328 
TRP CZ2 HZ2  sing N N 329 
TRP CZ3 CH2  sing Y N 330 
TRP CZ3 HZ3  sing N N 331 
TRP CH2 HH2  sing N N 332 
TRP OXT HXT  sing N N 333 
TYR N   CA   sing N N 334 
TYR N   H    sing N N 335 
TYR N   H2   sing N N 336 
TYR CA  C    sing N N 337 
TYR CA  CB   sing N N 338 
TYR CA  HA   sing N N 339 
TYR C   O    doub N N 340 
TYR C   OXT  sing N N 341 
TYR CB  CG   sing N N 342 
TYR CB  HB2  sing N N 343 
TYR CB  HB3  sing N N 344 
TYR CG  CD1  doub Y N 345 
TYR CG  CD2  sing Y N 346 
TYR CD1 CE1  sing Y N 347 
TYR CD1 HD1  sing N N 348 
TYR CD2 CE2  doub Y N 349 
TYR CD2 HD2  sing N N 350 
TYR CE1 CZ   doub Y N 351 
TYR CE1 HE1  sing N N 352 
TYR CE2 CZ   sing Y N 353 
TYR CE2 HE2  sing N N 354 
TYR CZ  OH   sing N N 355 
TYR OH  HH   sing N N 356 
TYR OXT HXT  sing N N 357 
VAL N   CA   sing N N 358 
VAL N   H    sing N N 359 
VAL N   H2   sing N N 360 
VAL CA  C    sing N N 361 
VAL CA  CB   sing N N 362 
VAL CA  HA   sing N N 363 
VAL C   O    doub N N 364 
VAL C   OXT  sing N N 365 
VAL CB  CG1  sing N N 366 
VAL CB  CG2  sing N N 367 
VAL CB  HB   sing N N 368 
VAL CG1 HG11 sing N N 369 
VAL CG1 HG12 sing N N 370 
VAL CG1 HG13 sing N N 371 
VAL CG2 HG21 sing N N 372 
VAL CG2 HG22 sing N N 373 
VAL CG2 HG23 sing N N 374 
VAL OXT HXT  sing N N 375 
# 
loop_
_pdbx_entity_nonpoly.entity_id 
_pdbx_entity_nonpoly.name 
_pdbx_entity_nonpoly.comp_id 
2 'CALCIUM ION' CA  
3 'ZINC ION'    ZN  
4 water         HOH 
# 
_pdbx_initial_refinement_model.id               1 
_pdbx_initial_refinement_model.entity_id_list   ? 
_pdbx_initial_refinement_model.type             'experimental model' 
_pdbx_initial_refinement_model.source_name      PDB 
_pdbx_initial_refinement_model.accession_code   1NBC 
_pdbx_initial_refinement_model.details          'PDB Entry 1nbc' 
# 
